data_9CE0
#
_entry.id   9CE0
#
_cell.length_a   1.00
_cell.length_b   1.00
_cell.length_c   1.00
_cell.angle_alpha   90.00
_cell.angle_beta   90.00
_cell.angle_gamma   90.00
#
_symmetry.space_group_name_H-M   'P 1'
#
loop_
_entity.id
_entity.type
_entity.pdbx_description
1 polymer 'Oxygen sensor protein DosP'
2 non-polymer 'PROTOPORPHYRIN IX CONTAINING FE'
3 non-polymer 'OXYGEN MOLECULE'
#
_entity_poly.entity_id   1
_entity_poly.type   'polypeptide(L)'
_entity_poly.pdbx_seq_one_letter_code
;MRQDAEVIMKLTDADSAADGIFFPALEQNMMGAVLINENDEVMFFNPAAEKLWGYKREEVIGNNIDMLIPRDLRPAHPEY
IRHNREGGKARVEGMSRELQLEKKDGSKIWTRFALSKVSAEGKVYYLALVRDASVEMAQKEQTRQLIIAVDHLDRPVIVL
DPERHIVQCNRAFTEMFGYCISEASGMQPDTLLNTPEFPADNRIRLQQLLWKTARDQDEFLLLTRTGEKIWIKASISPVY
DVLAHLQNLVMTFSDITEERQIRQLEGNILAAMCSSPPFHEMGEIICRNIESVLNESHVSLFALRNGMPIHWASSSHGAE
IQNAQSWSATIRQRDGAPAGILQIKTSSGAETSAFIERVADISQHMAALALEQEKSRQHIEQLIQFDPMTGLPNRNNLHN
YLDDLVDKAVSPVVYLIGVDHIQDVIDSLGYAWADQALLEVVNRFREKLKPDQYLCRIEGTQFVLVSLENDVSNITQIAD
ELRNVVSKPIMIDDKPFPLTLSIGISYDLGKNRDYLLSTAHNAMDYIRKNGGNGWQFFSPAMNEMVKERLVLGAALKEAI
SNNQLKLVYQPQIFAETGELYGIEALARWHDPLHGHVPPSRFIPLAEEIGEIENIGRWVIAEACRQLAEWRSQNIHIPAL
SVNLSALHFRSNQLPNQVSDAMHAWGIDGHQLTVEITESMMMEHDTEIFKRIQILRDMGVGLSVDDFGTGFSGLSRLVSL
PVTEIKIDKSFVDRCLTEKRILALLEAITSIGQSLNLTVVAEGVETKEQFEMLRKIHCRVIQGYFFSRPLPAEEIPGWMS
SVLPLK
;
_entity_poly.pdbx_strand_id   A,B
#
# COMPACT_ATOMS: atom_id res chain seq x y z
N GLY A 20 47.21 -27.03 78.90
CA GLY A 20 47.80 -25.89 78.25
C GLY A 20 46.76 -24.88 77.79
N ILE A 21 47.12 -23.60 77.85
CA ILE A 21 46.22 -22.54 77.40
C ILE A 21 45.95 -22.66 75.92
N PHE A 22 46.91 -23.19 75.16
CA PHE A 22 46.78 -23.29 73.71
C PHE A 22 45.83 -24.40 73.28
N PHE A 23 45.64 -25.44 74.11
CA PHE A 23 44.77 -26.55 73.71
C PHE A 23 43.34 -26.07 73.47
N PRO A 24 42.67 -25.39 74.39
CA PRO A 24 41.29 -24.96 74.12
C PRO A 24 41.18 -23.94 73.01
N ALA A 25 42.11 -22.98 72.94
CA ALA A 25 42.05 -21.99 71.87
C ALA A 25 42.19 -22.64 70.50
N LEU A 26 43.09 -23.62 70.37
CA LEU A 26 43.24 -24.33 69.11
C LEU A 26 42.03 -25.21 68.81
N GLU A 27 41.48 -25.86 69.83
CA GLU A 27 40.36 -26.78 69.60
C GLU A 27 39.11 -26.02 69.17
N GLN A 28 38.77 -24.96 69.89
CA GLN A 28 37.57 -24.18 69.59
C GLN A 28 37.93 -22.94 68.77
N ASN A 29 38.17 -23.18 67.47
CA ASN A 29 38.54 -22.13 66.53
C ASN A 29 37.70 -22.27 65.28
N MET A 30 37.46 -21.15 64.61
CA MET A 30 36.63 -21.11 63.41
C MET A 30 37.44 -21.17 62.12
N MET A 31 38.76 -21.30 62.20
CA MET A 31 39.62 -21.40 61.02
C MET A 31 40.25 -22.78 60.99
N GLY A 32 40.10 -23.47 59.85
CA GLY A 32 40.61 -24.82 59.74
C GLY A 32 42.13 -24.87 59.87
N ALA A 33 42.63 -25.66 60.80
CA ALA A 33 44.06 -25.79 61.03
C ALA A 33 44.50 -27.23 60.78
N VAL A 34 45.56 -27.38 59.99
CA VAL A 34 46.10 -28.69 59.64
C VAL A 34 47.62 -28.63 59.78
N LEU A 35 48.21 -29.77 60.12
CA LEU A 35 49.65 -29.91 60.24
C LEU A 35 50.11 -31.13 59.46
N ILE A 36 51.22 -30.99 58.75
CA ILE A 36 51.82 -32.09 58.00
C ILE A 36 53.27 -32.24 58.42
N ASN A 37 53.71 -33.48 58.58
CA ASN A 37 55.08 -33.76 58.97
C ASN A 37 56.02 -33.46 57.80
N GLU A 38 57.31 -33.73 58.01
CA GLU A 38 58.28 -33.56 56.95
C GLU A 38 58.04 -34.50 55.77
N ASN A 39 57.29 -35.58 55.97
CA ASN A 39 56.92 -36.51 54.91
C ASN A 39 55.59 -36.16 54.28
N ASP A 40 54.99 -35.03 54.65
CA ASP A 40 53.72 -34.57 54.09
C ASP A 40 52.55 -35.47 54.48
N GLU A 41 52.55 -35.93 55.73
CA GLU A 41 51.45 -36.71 56.28
C GLU A 41 50.75 -35.90 57.36
N VAL A 42 49.43 -35.92 57.37
CA VAL A 42 48.64 -35.10 58.28
C VAL A 42 48.56 -35.78 59.64
N MET A 43 48.43 -34.97 60.70
CA MET A 43 48.31 -35.48 62.06
C MET A 43 47.25 -34.77 62.89
N PHE A 44 46.55 -33.76 62.36
CA PHE A 44 45.61 -33.01 63.15
C PHE A 44 44.48 -32.48 62.27
N PHE A 45 43.34 -32.25 62.91
CA PHE A 45 42.18 -31.66 62.26
C PHE A 45 41.33 -30.97 63.32
N ASN A 46 40.45 -30.09 62.88
CA ASN A 46 39.58 -29.32 63.77
C ASN A 46 38.21 -29.17 63.13
N PRO A 47 37.19 -28.80 63.92
CA PRO A 47 35.85 -28.62 63.35
C PRO A 47 35.80 -27.62 62.22
N ALA A 48 36.64 -26.59 62.25
CA ALA A 48 36.70 -25.66 61.12
C ALA A 48 37.17 -26.37 59.87
N ALA A 49 38.19 -27.23 59.99
CA ALA A 49 38.62 -28.04 58.85
C ALA A 49 37.53 -28.98 58.39
N GLU A 50 36.78 -29.58 59.31
CA GLU A 50 35.65 -30.42 58.95
C GLU A 50 34.56 -29.67 58.19
N LYS A 51 34.24 -28.44 58.61
CA LYS A 51 33.37 -27.58 57.81
C LYS A 51 33.96 -27.34 56.43
N LEU A 52 35.26 -27.08 56.36
CA LEU A 52 35.98 -27.11 55.09
C LEU A 52 36.07 -28.56 54.63
N TRP A 53 36.67 -28.77 53.46
CA TRP A 53 36.80 -30.11 52.88
C TRP A 53 35.54 -30.93 53.11
N GLY A 54 35.45 -31.58 54.27
CA GLY A 54 34.32 -32.42 54.58
C GLY A 54 34.73 -33.73 55.24
N TYR A 55 35.99 -34.11 55.03
CA TYR A 55 36.51 -35.33 55.65
C TYR A 55 36.54 -35.20 57.16
N LYS A 56 36.23 -36.29 57.84
CA LYS A 56 36.38 -36.35 59.29
C LYS A 56 37.86 -36.53 59.65
N ARG A 57 38.18 -36.21 60.90
CA ARG A 57 39.56 -36.26 61.35
C ARG A 57 40.16 -37.65 61.16
N GLU A 58 39.48 -38.67 61.70
CA GLU A 58 40.01 -40.03 61.66
C GLU A 58 40.21 -40.55 60.24
N GLU A 59 39.48 -40.03 59.26
CA GLU A 59 39.62 -40.50 57.89
C GLU A 59 40.96 -40.14 57.28
N VAL A 60 41.64 -39.11 57.81
CA VAL A 60 42.89 -38.64 57.22
C VAL A 60 44.03 -38.55 58.22
N ILE A 61 43.80 -38.71 59.53
CA ILE A 61 44.89 -38.65 60.49
C ILE A 61 45.94 -39.69 60.14
N GLY A 62 47.21 -39.27 60.13
CA GLY A 62 48.31 -40.18 59.87
C GLY A 62 48.44 -40.64 58.44
N ASN A 63 47.92 -39.89 57.48
CA ASN A 63 47.99 -40.26 56.07
C ASN A 63 48.58 -39.12 55.25
N ASN A 64 49.06 -39.44 54.06
CA ASN A 64 49.68 -38.45 53.20
C ASN A 64 48.67 -37.38 52.82
N ILE A 65 49.17 -36.16 52.60
CA ILE A 65 48.33 -35.00 52.33
C ILE A 65 47.63 -35.16 50.98
N ASP A 66 48.05 -36.14 50.19
CA ASP A 66 47.61 -36.24 48.80
C ASP A 66 46.10 -36.20 48.66
N MET A 67 45.36 -36.98 49.46
CA MET A 67 43.91 -36.98 49.31
C MET A 67 43.31 -35.61 49.57
N LEU A 68 43.82 -34.88 50.57
CA LEU A 68 43.39 -33.50 50.76
C LEU A 68 43.76 -32.64 49.56
N ILE A 69 44.91 -32.89 48.94
CA ILE A 69 45.24 -32.17 47.71
C ILE A 69 44.19 -32.49 46.65
N PRO A 70 43.82 -31.54 45.79
CA PRO A 70 42.85 -31.85 44.74
C PRO A 70 43.35 -32.98 43.85
N ARG A 71 42.41 -33.83 43.41
CA ARG A 71 42.80 -35.00 42.62
C ARG A 71 43.55 -34.60 41.36
N ASP A 72 43.13 -33.53 40.70
CA ASP A 72 43.81 -33.05 39.50
C ASP A 72 45.05 -32.22 39.83
N LEU A 73 45.19 -31.77 41.07
CA LEU A 73 46.37 -31.01 41.49
C LEU A 73 47.45 -31.88 42.13
N ARG A 74 47.10 -33.09 42.57
CA ARG A 74 48.09 -33.98 43.16
C ARG A 74 49.29 -34.22 42.25
N PRO A 75 49.14 -34.38 40.93
CA PRO A 75 50.34 -34.58 40.10
C PRO A 75 51.35 -33.45 40.22
N ALA A 76 50.90 -32.22 40.49
CA ALA A 76 51.80 -31.08 40.58
C ALA A 76 52.23 -30.80 42.02
N HIS A 77 51.50 -31.31 43.00
CA HIS A 77 51.85 -31.03 44.40
C HIS A 77 53.26 -31.47 44.75
N PRO A 78 53.75 -32.62 44.31
CA PRO A 78 55.14 -33.00 44.63
C PRO A 78 56.14 -31.94 44.22
N GLU A 79 55.87 -31.16 43.17
CA GLU A 79 56.76 -30.06 42.83
C GLU A 79 56.83 -29.06 43.96
N TYR A 80 55.68 -28.68 44.53
CA TYR A 80 55.68 -27.77 45.66
C TYR A 80 56.36 -28.39 46.87
N ILE A 81 56.12 -29.69 47.10
CA ILE A 81 56.75 -30.39 48.22
C ILE A 81 58.27 -30.29 48.10
N ARG A 82 58.80 -30.63 46.93
CA ARG A 82 60.24 -30.58 46.71
C ARG A 82 60.77 -29.16 46.86
N HIS A 83 60.06 -28.19 46.29
CA HIS A 83 60.54 -26.81 46.36
C HIS A 83 60.59 -26.32 47.80
N ASN A 84 59.60 -26.69 48.61
CA ASN A 84 59.52 -26.19 49.98
C ASN A 84 60.27 -27.07 50.98
N ARG A 85 60.76 -28.23 50.58
CA ARG A 85 61.50 -29.09 51.49
C ARG A 85 62.99 -29.15 51.18
N GLU A 86 63.38 -29.23 49.91
CA GLU A 86 64.80 -29.26 49.56
C GLU A 86 65.45 -27.88 49.67
N GLY A 87 64.72 -26.82 49.34
CA GLY A 87 65.25 -25.47 49.44
C GLY A 87 64.30 -24.51 50.12
N GLY A 88 63.14 -25.01 50.53
CA GLY A 88 62.15 -24.17 51.19
C GLY A 88 61.66 -23.03 50.33
N LYS A 89 61.64 -23.21 49.01
CA LYS A 89 61.30 -22.13 48.08
C LYS A 89 62.20 -20.92 48.33
N ALA A 90 63.51 -21.15 48.21
CA ALA A 90 64.51 -20.11 48.47
C ALA A 90 64.40 -19.57 49.89
N ARG A 91 64.20 -20.48 50.85
CA ARG A 91 64.16 -20.13 52.27
C ARG A 91 63.05 -19.12 52.55
N VAL A 92 61.81 -19.56 52.31
CA VAL A 92 60.61 -18.83 52.68
C VAL A 92 59.69 -19.79 53.42
N GLU A 93 59.30 -19.41 54.63
CA GLU A 93 58.49 -20.28 55.47
C GLU A 93 57.10 -20.55 54.90
N GLY A 94 56.44 -19.53 54.38
CA GLY A 94 55.10 -19.66 53.85
C GLY A 94 54.50 -18.32 53.52
N MET A 95 53.20 -18.33 53.23
CA MET A 95 52.51 -17.13 52.78
C MET A 95 51.01 -17.41 52.73
N SER A 96 50.22 -16.33 52.65
CA SER A 96 48.77 -16.41 52.59
C SER A 96 48.29 -15.93 51.23
N ARG A 97 47.33 -16.65 50.66
CA ARG A 97 46.79 -16.32 49.35
C ARG A 97 45.49 -17.08 49.14
N GLU A 98 44.86 -16.84 47.99
CA GLU A 98 43.60 -17.50 47.67
C GLU A 98 43.86 -18.83 46.97
N LEU A 99 43.00 -19.82 47.26
CA LEU A 99 43.11 -21.12 46.61
C LEU A 99 41.73 -21.75 46.54
N GLN A 100 41.52 -22.57 45.51
CA GLN A 100 40.25 -23.27 45.32
C GLN A 100 40.30 -24.61 46.03
N LEU A 101 39.35 -24.84 46.94
CA LEU A 101 39.32 -26.04 47.76
C LEU A 101 38.20 -26.96 47.28
N GLU A 102 38.51 -28.24 47.14
CA GLU A 102 37.53 -29.24 46.73
C GLU A 102 36.92 -29.87 47.97
N LYS A 103 35.68 -29.50 48.27
CA LYS A 103 35.00 -30.08 49.42
C LYS A 103 34.71 -31.56 49.15
N LYS A 104 34.43 -32.29 50.24
CA LYS A 104 34.19 -33.73 50.11
C LYS A 104 33.03 -34.01 49.16
N ASP A 105 32.10 -33.06 49.03
CA ASP A 105 31.03 -33.19 48.04
C ASP A 105 31.54 -33.01 46.62
N GLY A 106 32.79 -32.59 46.43
CA GLY A 106 33.35 -32.40 45.12
C GLY A 106 33.32 -30.96 44.62
N SER A 107 32.66 -30.06 45.33
CA SER A 107 32.58 -28.66 44.90
C SER A 107 33.93 -27.99 45.11
N LYS A 108 34.42 -27.31 44.07
CA LYS A 108 35.69 -26.60 44.12
C LYS A 108 35.44 -25.18 44.60
N ILE A 109 35.28 -25.04 45.91
CA ILE A 109 34.99 -23.73 46.49
C ILE A 109 36.28 -22.92 46.61
N TRP A 110 36.14 -21.60 46.58
CA TRP A 110 37.25 -20.69 46.76
C TRP A 110 37.39 -20.34 48.23
N THR A 111 38.64 -20.28 48.72
CA THR A 111 38.91 -20.07 50.13
C THR A 111 40.23 -19.32 50.27
N ARG A 112 40.47 -18.83 51.48
CA ARG A 112 41.73 -18.18 51.82
C ARG A 112 42.62 -19.20 52.54
N PHE A 113 43.74 -19.53 51.91
CA PHE A 113 44.73 -20.46 52.45
C PHE A 113 45.93 -19.69 52.98
N ALA A 114 46.63 -20.32 53.92
CA ALA A 114 47.86 -19.78 54.48
C ALA A 114 48.78 -20.94 54.83
N LEU A 115 50.07 -20.76 54.56
CA LEU A 115 51.08 -21.78 54.81
C LEU A 115 52.18 -21.19 55.66
N SER A 116 52.75 -22.02 56.53
CA SER A 116 53.89 -21.62 57.36
C SER A 116 54.75 -22.84 57.65
N LYS A 117 56.03 -22.57 57.92
CA LYS A 117 56.94 -23.63 58.33
C LYS A 117 57.04 -23.68 59.84
N VAL A 118 56.87 -24.86 60.41
CA VAL A 118 56.90 -25.06 61.86
C VAL A 118 57.91 -26.15 62.18
N SER A 119 58.66 -25.95 63.26
CA SER A 119 59.70 -26.88 63.69
C SER A 119 59.23 -27.84 64.78
N ALA A 120 57.96 -28.26 64.73
CA ALA A 120 57.44 -29.18 65.74
C ALA A 120 58.28 -30.44 65.77
N GLU A 121 58.66 -30.87 66.98
CA GLU A 121 59.52 -32.03 67.20
C GLU A 121 60.92 -31.84 66.63
N GLY A 122 61.30 -30.61 66.29
CA GLY A 122 62.59 -30.38 65.68
C GLY A 122 62.69 -30.78 64.23
N LYS A 123 61.58 -31.12 63.60
CA LYS A 123 61.54 -31.57 62.22
C LYS A 123 61.04 -30.46 61.30
N VAL A 124 61.06 -30.74 60.00
CA VAL A 124 60.59 -29.80 58.99
C VAL A 124 59.10 -30.02 58.76
N TYR A 125 58.26 -29.40 59.60
CA TYR A 125 56.82 -29.57 59.47
C TYR A 125 56.21 -28.34 58.83
N TYR A 126 55.00 -28.50 58.30
CA TYR A 126 54.29 -27.42 57.63
C TYR A 126 52.88 -27.29 58.19
N LEU A 127 52.51 -26.07 58.56
CA LEU A 127 51.20 -25.77 59.13
C LEU A 127 50.38 -25.00 58.10
N ALA A 128 49.15 -25.43 57.89
CA ALA A 128 48.24 -24.83 56.94
C ALA A 128 46.98 -24.35 57.64
N LEU A 129 46.56 -23.13 57.30
CA LEU A 129 45.32 -22.55 57.78
C LEU A 129 44.41 -22.29 56.59
N VAL A 130 43.10 -22.48 56.81
CA VAL A 130 42.13 -22.34 55.73
C VAL A 130 40.88 -21.66 56.29
N ARG A 131 40.29 -20.80 55.46
CA ARG A 131 39.02 -20.18 55.80
C ARG A 131 38.16 -20.09 54.54
N ASP A 132 36.97 -20.67 54.62
CA ASP A 132 36.04 -20.61 53.49
C ASP A 132 35.74 -19.17 53.14
N ALA A 133 35.84 -18.85 51.84
CA ALA A 133 35.66 -17.48 51.37
C ALA A 133 34.67 -17.39 50.20
N SER A 134 33.67 -18.27 50.16
CA SER A 134 32.78 -18.32 49.00
C SER A 134 32.02 -17.01 48.83
N VAL A 135 31.50 -16.46 49.92
CA VAL A 135 30.66 -15.27 49.81
C VAL A 135 31.47 -14.08 49.30
N GLU A 136 32.65 -13.86 49.88
CA GLU A 136 33.45 -12.73 49.43
C GLU A 136 34.00 -12.97 48.03
N MET A 137 34.23 -14.23 47.67
CA MET A 137 34.59 -14.53 46.29
C MET A 137 33.45 -14.15 45.35
N ALA A 138 32.22 -14.41 45.76
CA ALA A 138 31.07 -13.99 44.97
C ALA A 138 31.02 -12.47 44.86
N GLN A 139 31.31 -11.78 45.95
CA GLN A 139 31.36 -10.32 45.88
C GLN A 139 32.43 -9.86 44.90
N LYS A 140 33.60 -10.49 44.93
CA LYS A 140 34.63 -10.15 43.96
C LYS A 140 34.17 -10.45 42.54
N GLU A 141 33.42 -11.53 42.35
CA GLU A 141 32.89 -11.82 41.03
C GLU A 141 31.95 -10.73 40.59
N GLN A 142 31.12 -10.24 41.51
CA GLN A 142 30.25 -9.12 41.18
C GLN A 142 31.06 -7.91 40.77
N THR A 143 32.17 -7.69 41.49
CA THR A 143 33.11 -6.64 41.09
C THR A 143 33.58 -6.87 39.67
N ARG A 144 33.95 -8.11 39.34
CA ARG A 144 34.44 -8.42 38.01
C ARG A 144 33.41 -8.10 36.95
N GLN A 145 32.17 -8.54 37.17
CA GLN A 145 31.12 -8.26 36.21
C GLN A 145 30.93 -6.77 36.03
N LEU A 146 30.81 -6.04 37.14
CA LEU A 146 30.57 -4.61 37.02
C LEU A 146 31.76 -3.90 36.39
N ILE A 147 32.98 -4.39 36.61
CA ILE A 147 34.12 -3.69 36.03
C ILE A 147 34.18 -3.96 34.55
N ILE A 148 33.80 -5.15 34.10
CA ILE A 148 33.81 -5.40 32.67
C ILE A 148 32.73 -4.50 32.08
N ALA A 149 31.63 -4.33 32.80
CA ALA A 149 30.64 -3.34 32.42
C ALA A 149 31.23 -1.94 32.39
N VAL A 150 32.03 -1.58 33.38
CA VAL A 150 32.57 -0.24 33.46
C VAL A 150 33.51 0.01 32.28
N ASP A 151 34.20 -1.03 31.86
CA ASP A 151 34.99 -0.98 30.63
C ASP A 151 34.03 -0.76 29.48
N HIS A 152 32.89 -1.45 29.53
CA HIS A 152 31.82 -1.25 28.56
C HIS A 152 30.83 -0.27 29.17
N LEU A 153 31.34 0.87 29.64
CA LEU A 153 30.50 1.90 30.23
C LEU A 153 30.83 3.21 29.57
N ASP A 154 29.95 3.67 28.68
CA ASP A 154 30.30 4.64 27.64
C ASP A 154 31.22 5.75 28.11
N ARG A 155 30.76 6.58 29.02
CA ARG A 155 31.45 7.83 29.32
C ARG A 155 32.50 7.63 30.41
N PRO A 156 33.77 7.93 30.16
CA PRO A 156 34.81 7.65 31.15
C PRO A 156 34.53 8.27 32.51
N VAL A 157 34.84 7.50 33.55
CA VAL A 157 34.60 7.88 34.94
C VAL A 157 35.79 7.45 35.78
N ILE A 158 36.15 8.27 36.77
CA ILE A 158 37.19 7.93 37.73
C ILE A 158 36.70 8.31 39.11
N VAL A 159 37.33 7.70 40.12
CA VAL A 159 36.91 7.89 41.51
C VAL A 159 38.07 8.50 42.30
N LEU A 160 37.71 9.35 43.26
CA LEU A 160 38.68 10.10 44.05
C LEU A 160 38.32 10.01 45.52
N ASP A 161 39.34 9.93 46.37
CA ASP A 161 39.17 10.05 47.81
C ASP A 161 39.03 11.52 48.18
N PRO A 162 38.58 11.83 49.39
CA PRO A 162 38.44 13.23 49.78
C PRO A 162 39.71 14.03 49.58
N GLU A 163 40.88 13.38 49.59
CA GLU A 163 42.14 14.04 49.30
C GLU A 163 42.30 14.38 47.84
N ARG A 164 41.35 13.96 46.99
CA ARG A 164 41.33 14.35 45.58
C ARG A 164 42.55 13.81 44.83
N HIS A 165 42.78 12.52 44.97
CA HIS A 165 43.81 11.80 44.22
C HIS A 165 43.16 10.60 43.56
N ILE A 166 43.49 10.37 42.29
CA ILE A 166 42.87 9.25 41.58
C ILE A 166 43.29 7.96 42.26
N VAL A 167 42.33 7.31 42.90
CA VAL A 167 42.54 6.03 43.58
C VAL A 167 42.23 4.87 42.65
N GLN A 168 41.19 5.00 41.83
CA GLN A 168 40.74 3.94 40.95
C GLN A 168 40.12 4.51 39.69
N CYS A 169 40.30 3.78 38.60
CA CYS A 169 39.86 4.19 37.27
C CYS A 169 39.31 2.96 36.57
N ASN A 170 39.24 3.03 35.24
CA ASN A 170 38.65 1.98 34.45
C ASN A 170 39.34 1.87 33.10
N ARG A 171 38.96 0.83 32.36
CA ARG A 171 39.45 0.67 31.00
C ARG A 171 38.98 1.81 30.11
N ALA A 172 37.83 2.40 30.42
CA ALA A 172 37.36 3.53 29.63
C ALA A 172 38.28 4.72 29.76
N PHE A 173 38.59 5.13 30.99
CA PHE A 173 39.54 6.22 31.18
C PHE A 173 40.92 5.85 30.67
N THR A 174 41.30 4.58 30.83
CA THR A 174 42.59 4.13 30.30
C THR A 174 42.65 4.34 28.81
N GLU A 175 41.59 3.98 28.08
CA GLU A 175 41.53 4.25 26.66
C GLU A 175 41.52 5.74 26.38
N MET A 176 40.82 6.52 27.20
CA MET A 176 40.62 7.92 26.86
C MET A 176 41.87 8.76 27.09
N PHE A 177 42.74 8.34 28.01
CA PHE A 177 43.89 9.17 28.35
C PHE A 177 45.19 8.38 28.50
N GLY A 178 45.27 7.18 27.94
CA GLY A 178 46.53 6.46 27.90
C GLY A 178 47.18 6.26 29.26
N TYR A 179 46.36 6.12 30.31
CA TYR A 179 46.86 6.01 31.67
C TYR A 179 46.21 4.82 32.35
N CYS A 180 47.00 3.80 32.62
CA CYS A 180 46.53 2.60 33.30
C CYS A 180 46.27 2.93 34.77
N ILE A 181 45.68 1.97 35.49
CA ILE A 181 45.52 2.15 36.93
C ILE A 181 46.87 2.18 37.62
N SER A 182 47.81 1.33 37.21
CA SER A 182 49.15 1.36 37.78
C SER A 182 49.76 2.75 37.62
N GLU A 183 49.39 3.44 36.55
CA GLU A 183 49.88 4.79 36.30
C GLU A 183 49.03 5.87 36.98
N ALA A 184 47.80 5.55 37.34
CA ALA A 184 46.85 6.52 37.86
C ALA A 184 46.53 6.34 39.33
N SER A 185 47.25 5.48 40.04
CA SER A 185 46.92 5.19 41.42
C SER A 185 47.41 6.28 42.37
N GLY A 186 46.48 6.85 43.13
CA GLY A 186 46.83 7.66 44.29
C GLY A 186 47.66 8.89 44.00
N MET A 187 47.27 9.70 43.02
CA MET A 187 47.95 10.98 42.79
C MET A 187 46.93 12.01 42.34
N GLN A 188 47.36 13.27 42.34
CA GLN A 188 46.47 14.35 41.96
C GLN A 188 46.00 14.12 40.52
N PRO A 189 44.71 14.32 40.24
CA PRO A 189 44.24 14.06 38.88
C PRO A 189 45.00 14.82 37.82
N ASP A 190 45.33 16.10 38.06
CA ASP A 190 46.09 16.85 37.06
C ASP A 190 47.51 16.34 36.96
N THR A 191 48.14 16.03 38.09
CA THR A 191 49.50 15.49 38.06
C THR A 191 49.56 14.25 37.19
N LEU A 192 48.61 13.34 37.35
CA LEU A 192 48.49 12.23 36.41
C LEU A 192 48.23 12.75 35.01
N LEU A 193 47.29 13.67 34.87
CA LEU A 193 46.91 14.26 33.58
C LEU A 193 47.63 15.59 33.45
N ASN A 194 48.93 15.51 33.17
CA ASN A 194 49.71 16.73 32.92
C ASN A 194 48.95 17.63 31.95
N THR A 195 48.56 18.80 32.44
CA THR A 195 47.76 19.73 31.66
C THR A 195 48.67 20.71 30.93
N PRO A 196 48.22 21.27 29.80
CA PRO A 196 49.01 22.32 29.16
C PRO A 196 49.09 23.57 30.04
N GLU A 197 50.21 24.26 29.96
CA GLU A 197 50.43 25.46 30.76
C GLU A 197 49.66 26.67 30.26
N PHE A 198 49.28 26.70 28.98
CA PHE A 198 48.63 27.84 28.38
C PHE A 198 47.14 27.54 28.15
N PRO A 199 46.21 28.31 28.74
CA PRO A 199 46.43 29.40 29.69
C PRO A 199 46.82 28.93 31.08
N ALA A 200 47.25 29.85 31.93
CA ALA A 200 47.66 29.50 33.28
C ALA A 200 46.49 29.18 34.20
N ASP A 201 45.30 29.71 33.92
CA ASP A 201 44.15 29.51 34.79
C ASP A 201 43.61 28.09 34.73
N ASN A 202 44.07 27.25 33.80
CA ASN A 202 43.60 25.88 33.73
C ASN A 202 43.84 25.15 35.03
N ARG A 203 45.07 25.22 35.54
CA ARG A 203 45.41 24.54 36.78
C ARG A 203 44.57 25.05 37.94
N ILE A 204 44.40 26.37 38.04
CA ILE A 204 43.64 26.94 39.15
C ILE A 204 42.20 26.46 39.09
N ARG A 205 41.59 26.52 37.91
CA ARG A 205 40.19 26.13 37.79
C ARG A 205 40.01 24.64 38.08
N LEU A 206 40.93 23.81 37.59
CA LEU A 206 40.80 22.38 37.83
C LEU A 206 41.02 22.05 39.31
N GLN A 207 41.93 22.76 39.98
CA GLN A 207 42.07 22.54 41.42
C GLN A 207 40.80 22.95 42.16
N GLN A 208 40.20 24.07 41.76
CA GLN A 208 38.97 24.51 42.41
C GLN A 208 37.87 23.46 42.25
N LEU A 209 37.66 23.00 41.01
CA LEU A 209 36.67 21.95 40.78
C LEU A 209 37.09 20.66 41.48
N LEU A 210 38.39 20.46 41.64
CA LEU A 210 38.91 19.23 42.21
C LEU A 210 38.57 19.12 43.69
N TRP A 211 38.66 20.23 44.40
CA TRP A 211 38.37 20.23 45.83
C TRP A 211 37.00 20.80 46.15
N LYS A 212 36.20 21.14 45.14
CA LYS A 212 34.80 21.49 45.38
C LYS A 212 34.05 20.28 45.93
N THR A 213 33.28 20.52 46.99
CA THR A 213 32.57 19.44 47.67
C THR A 213 31.15 19.21 47.14
N ALA A 214 30.68 20.04 46.22
CA ALA A 214 29.38 19.87 45.58
C ALA A 214 29.55 19.52 44.11
N ARG A 215 28.51 18.92 43.55
CA ARG A 215 28.57 18.51 42.15
C ARG A 215 28.71 19.73 41.25
N ASP A 216 29.66 19.66 40.32
CA ASP A 216 29.94 20.77 39.42
C ASP A 216 30.50 20.22 38.12
N GLN A 217 30.35 21.02 37.06
CA GLN A 217 30.83 20.67 35.74
C GLN A 217 31.43 21.91 35.10
N ASP A 218 32.52 21.71 34.35
CA ASP A 218 33.21 22.83 33.72
C ASP A 218 33.96 22.31 32.50
N GLU A 219 34.52 23.24 31.73
CA GLU A 219 35.25 22.92 30.51
C GLU A 219 36.73 23.25 30.70
N PHE A 220 37.57 22.26 30.42
CA PHE A 220 39.02 22.38 30.56
C PHE A 220 39.67 22.03 29.24
N LEU A 221 40.99 22.19 29.19
CA LEU A 221 41.78 22.13 27.96
C LEU A 221 42.92 21.14 28.12
N LEU A 222 42.62 19.93 28.59
CA LEU A 222 43.66 18.96 28.88
C LEU A 222 44.48 18.62 27.63
N LEU A 223 45.63 18.01 27.88
CA LEU A 223 46.55 17.54 26.84
C LEU A 223 46.80 16.06 27.07
N THR A 224 46.77 15.29 25.99
CA THR A 224 46.85 13.84 26.11
C THR A 224 48.22 13.41 26.61
N ARG A 225 48.34 12.11 26.90
CA ARG A 225 49.66 11.53 27.10
C ARG A 225 50.50 11.66 25.85
N THR A 226 49.90 11.38 24.69
CA THR A 226 50.63 11.32 23.43
C THR A 226 50.67 12.65 22.70
N GLY A 227 49.97 13.68 23.18
CA GLY A 227 49.96 14.93 22.45
C GLY A 227 48.67 15.74 22.51
N GLU A 228 48.09 15.96 21.33
CA GLU A 228 47.26 17.12 21.03
C GLU A 228 46.30 17.52 22.15
N LYS A 229 46.02 18.82 22.22
CA LYS A 229 45.04 19.36 23.14
C LYS A 229 43.66 18.79 22.84
N ILE A 230 42.87 18.61 23.89
CA ILE A 230 41.45 18.32 23.79
C ILE A 230 40.72 19.22 24.76
N TRP A 231 39.46 19.53 24.46
CA TRP A 231 38.60 20.29 25.36
C TRP A 231 37.62 19.33 26.03
N ILE A 232 37.86 19.10 27.33
CA ILE A 232 37.07 18.13 28.08
C ILE A 232 35.99 18.85 28.88
N LYS A 233 34.89 18.15 29.14
CA LYS A 233 33.83 18.64 30.00
C LYS A 233 33.88 17.86 31.30
N ALA A 234 34.73 18.31 32.21
CA ALA A 234 35.01 17.63 33.46
C ALA A 234 33.83 17.78 34.39
N SER A 235 33.53 16.70 35.14
CA SER A 235 32.38 16.68 36.03
C SER A 235 32.79 16.07 37.35
N ILE A 236 32.83 16.89 38.40
CA ILE A 236 33.04 16.41 39.76
C ILE A 236 31.68 16.23 40.40
N SER A 237 31.52 15.17 41.19
CA SER A 237 30.31 15.00 41.97
C SER A 237 30.66 14.34 43.30
N PRO A 238 29.93 14.64 44.37
CA PRO A 238 30.24 14.08 45.68
C PRO A 238 29.42 12.84 46.01
N VAL A 239 29.88 12.14 47.04
CA VAL A 239 29.12 11.07 47.67
C VAL A 239 29.50 11.07 49.15
N TYR A 240 28.53 11.41 50.00
CA TYR A 240 28.77 11.47 51.44
C TYR A 240 28.65 10.08 52.04
N ASP A 241 28.64 10.00 53.37
CA ASP A 241 28.50 8.74 54.08
C ASP A 241 27.32 8.80 55.06
N VAL A 242 27.19 7.78 55.92
CA VAL A 242 26.11 7.77 56.89
C VAL A 242 26.21 8.97 57.82
N LEU A 243 27.44 9.36 58.17
CA LEU A 243 27.67 10.48 59.08
C LEU A 243 27.69 11.82 58.36
N ALA A 244 27.27 11.87 57.10
CA ALA A 244 27.19 13.12 56.34
C ALA A 244 28.56 13.78 56.21
N HIS A 245 29.54 13.00 55.76
CA HIS A 245 30.88 13.49 55.50
C HIS A 245 31.33 13.00 54.13
N LEU A 246 32.20 13.78 53.49
CA LEU A 246 32.71 13.42 52.18
C LEU A 246 33.33 12.02 52.23
N GLN A 247 32.69 11.08 51.53
CA GLN A 247 33.16 9.70 51.48
C GLN A 247 33.92 9.40 50.20
N ASN A 248 33.40 9.88 49.07
CA ASN A 248 34.02 9.64 47.78
C ASN A 248 33.62 10.74 46.83
N LEU A 249 34.35 10.86 45.73
CA LEU A 249 34.01 11.79 44.65
C LEU A 249 34.17 11.07 43.33
N VAL A 250 33.43 11.52 42.34
CA VAL A 250 33.45 10.93 41.00
C VAL A 250 33.80 12.05 40.02
N MET A 251 34.88 11.86 39.27
CA MET A 251 35.27 12.80 38.22
C MET A 251 35.09 12.11 36.88
N THR A 252 34.15 12.62 36.08
CA THR A 252 33.72 11.90 34.90
C THR A 252 33.59 12.85 33.73
N PHE A 253 33.72 12.28 32.55
CA PHE A 253 33.57 13.02 31.31
C PHE A 253 33.79 12.03 30.17
N SER A 254 33.33 12.36 28.97
CA SER A 254 33.75 11.56 27.84
C SER A 254 34.35 12.42 26.73
N ASP A 255 33.70 13.54 26.41
CA ASP A 255 34.16 14.32 25.27
C ASP A 255 33.27 15.53 25.01
N ILE A 256 33.80 16.52 24.29
CA ILE A 256 32.95 17.45 23.55
C ILE A 256 33.45 17.56 22.12
N THR A 257 34.75 17.30 21.90
CA THR A 257 35.31 17.55 20.57
C THR A 257 34.88 16.49 19.56
N GLU A 258 35.11 15.21 19.85
CA GLU A 258 34.65 14.18 18.93
C GLU A 258 33.14 14.05 18.95
N GLU A 259 32.48 14.46 20.04
CA GLU A 259 31.03 14.54 20.02
C GLU A 259 30.56 15.58 19.01
N ARG A 260 31.23 16.73 18.98
CA ARG A 260 30.94 17.71 17.95
C ARG A 260 31.19 17.12 16.58
N GLN A 261 32.32 16.45 16.42
CA GLN A 261 32.62 15.80 15.15
C GLN A 261 31.50 14.87 14.72
N ILE A 262 30.96 14.07 15.64
CA ILE A 262 29.94 13.12 15.25
C ILE A 262 28.59 13.79 15.04
N ARG A 263 28.27 14.85 15.76
CA ARG A 263 27.03 15.56 15.47
C ARG A 263 27.08 16.14 14.08
N GLN A 264 28.20 16.75 13.70
CA GLN A 264 28.34 17.23 12.34
C GLN A 264 28.37 16.09 11.33
N LEU A 265 28.95 14.94 11.70
CA LEU A 265 28.95 13.78 10.82
C LEU A 265 27.53 13.32 10.53
N GLU A 266 26.73 13.18 11.58
CA GLU A 266 25.36 12.77 11.37
C GLU A 266 24.61 13.80 10.54
N GLY A 267 24.85 15.09 10.78
CA GLY A 267 24.24 16.10 9.93
C GLY A 267 24.59 15.90 8.47
N ASN A 268 25.89 15.70 8.20
CA ASN A 268 26.35 15.54 6.82
C ASN A 268 25.83 14.28 6.18
N ILE A 269 25.81 13.17 6.91
CA ILE A 269 25.34 11.91 6.35
C ILE A 269 23.84 11.98 6.10
N LEU A 270 23.10 12.61 7.00
CA LEU A 270 21.69 12.83 6.74
C LEU A 270 21.50 13.68 5.50
N ALA A 271 22.34 14.70 5.33
CA ALA A 271 22.23 15.53 4.14
C ALA A 271 22.45 14.71 2.88
N ALA A 272 23.53 13.93 2.88
CA ALA A 272 23.83 13.11 1.72
C ALA A 272 22.72 12.10 1.45
N MET A 273 22.22 11.46 2.50
CA MET A 273 21.16 10.47 2.33
C MET A 273 19.89 11.12 1.82
N CYS A 274 19.53 12.28 2.36
CA CYS A 274 18.43 13.07 1.83
C CYS A 274 18.61 13.37 0.36
N SER A 275 19.85 13.61 -0.08
CA SER A 275 20.12 13.66 -1.50
C SER A 275 19.73 12.37 -2.21
N SER A 276 19.42 11.32 -1.46
CA SER A 276 18.87 10.08 -2.00
C SER A 276 19.71 9.53 -3.16
N PRO A 277 21.00 9.31 -2.95
CA PRO A 277 21.83 8.73 -3.99
C PRO A 277 21.56 7.24 -4.13
N PRO A 278 21.97 6.62 -5.23
CA PRO A 278 21.68 5.20 -5.45
C PRO A 278 22.21 4.35 -4.30
N PHE A 279 21.83 3.08 -4.31
CA PHE A 279 22.11 2.20 -3.19
C PHE A 279 23.61 2.09 -2.91
N HIS A 280 24.38 1.73 -3.93
CA HIS A 280 25.81 1.57 -3.69
C HIS A 280 26.48 2.89 -3.43
N GLU A 281 25.99 3.98 -4.01
CA GLU A 281 26.56 5.28 -3.71
C GLU A 281 26.27 5.70 -2.28
N MET A 282 25.11 5.31 -1.76
CA MET A 282 24.80 5.52 -0.36
C MET A 282 25.80 4.77 0.51
N GLY A 283 26.04 3.51 0.18
CA GLY A 283 27.07 2.77 0.89
C GLY A 283 28.42 3.47 0.80
N GLU A 284 28.73 4.01 -0.38
CA GLU A 284 30.01 4.69 -0.58
C GLU A 284 30.12 5.92 0.31
N ILE A 285 29.05 6.70 0.41
CA ILE A 285 29.09 7.91 1.22
C ILE A 285 29.20 7.56 2.70
N ILE A 286 28.46 6.53 3.11
CA ILE A 286 28.61 6.04 4.47
C ILE A 286 30.06 5.69 4.74
N CYS A 287 30.68 4.94 3.82
CA CYS A 287 32.07 4.56 3.99
C CYS A 287 32.98 5.78 4.04
N ARG A 288 32.74 6.74 3.15
CA ARG A 288 33.56 7.94 3.11
C ARG A 288 33.56 8.64 4.46
N ASN A 289 32.37 8.91 4.99
CA ASN A 289 32.29 9.63 6.26
C ASN A 289 32.87 8.80 7.40
N ILE A 290 32.55 7.51 7.44
CA ILE A 290 32.99 6.71 8.57
C ILE A 290 34.51 6.61 8.57
N GLU A 291 35.12 6.49 7.40
CA GLU A 291 36.57 6.58 7.34
C GLU A 291 37.05 7.96 7.76
N SER A 292 36.40 9.01 7.27
CA SER A 292 36.81 10.36 7.59
C SER A 292 36.92 10.57 9.09
N VAL A 293 36.02 9.98 9.86
CA VAL A 293 36.09 10.16 11.30
C VAL A 293 36.99 9.09 11.90
N LEU A 294 36.61 7.82 11.74
CA LEU A 294 37.41 6.72 12.27
C LEU A 294 38.36 6.23 11.18
N ASN A 295 39.37 7.05 10.90
CA ASN A 295 40.44 6.64 10.01
C ASN A 295 41.19 5.47 10.62
N GLU A 296 42.22 5.00 9.90
CA GLU A 296 42.90 3.76 10.25
C GLU A 296 41.87 2.67 10.59
N SER A 297 40.94 2.49 9.66
CA SER A 297 39.88 1.49 9.78
C SER A 297 39.34 1.20 8.40
N HIS A 298 38.67 0.07 8.28
CA HIS A 298 38.02 -0.33 7.05
C HIS A 298 36.55 -0.59 7.33
N VAL A 299 35.71 -0.31 6.32
CA VAL A 299 34.27 -0.41 6.46
C VAL A 299 33.72 -1.17 5.25
N SER A 300 32.76 -2.05 5.53
CA SER A 300 32.11 -2.84 4.49
C SER A 300 30.76 -3.31 4.96
N LEU A 301 29.70 -2.94 4.24
CA LEU A 301 28.33 -3.26 4.60
C LEU A 301 27.78 -4.33 3.68
N PHE A 302 26.95 -5.21 4.24
CA PHE A 302 26.30 -6.26 3.47
C PHE A 302 24.80 -6.03 3.46
N ALA A 303 24.22 -6.01 2.26
CA ALA A 303 22.78 -5.88 2.11
C ALA A 303 22.14 -7.27 2.01
N LEU A 304 20.92 -7.37 2.52
CA LEU A 304 20.18 -8.63 2.52
C LEU A 304 19.30 -8.68 1.29
N ARG A 305 19.71 -9.49 0.30
CA ARG A 305 18.89 -9.77 -0.87
C ARG A 305 18.65 -11.26 -0.96
N ASN A 306 17.39 -11.65 -1.10
CA ASN A 306 17.00 -13.06 -1.06
C ASN A 306 17.44 -13.69 0.26
N GLY A 307 17.46 -12.88 1.31
CA GLY A 307 17.88 -13.34 2.61
C GLY A 307 19.36 -13.64 2.74
N MET A 308 20.17 -13.21 1.79
CA MET A 308 21.57 -13.55 1.77
C MET A 308 22.43 -12.30 1.93
N PRO A 309 23.63 -12.43 2.49
CA PRO A 309 24.50 -11.26 2.65
C PRO A 309 25.30 -11.00 1.38
N ILE A 310 24.98 -9.89 0.72
CA ILE A 310 25.62 -9.53 -0.54
C ILE A 310 26.52 -8.33 -0.28
N HIS A 311 27.71 -8.35 -0.89
CA HIS A 311 28.62 -7.22 -0.74
C HIS A 311 27.96 -5.98 -1.30
N TRP A 312 27.63 -5.04 -0.42
CA TRP A 312 26.96 -3.81 -0.80
C TRP A 312 27.92 -2.65 -1.00
N ALA A 313 28.84 -2.42 -0.08
CA ALA A 313 29.78 -1.32 -0.23
C ALA A 313 31.05 -1.64 0.54
N SER A 314 32.12 -0.93 0.20
CA SER A 314 33.41 -1.06 0.85
C SER A 314 34.29 0.13 0.47
N SER A 315 34.99 0.67 1.46
CA SER A 315 35.87 1.81 1.23
C SER A 315 37.06 1.40 0.38
N SER A 316 37.49 2.33 -0.48
CA SER A 316 38.66 2.08 -1.32
C SER A 316 39.94 1.92 -0.50
N HIS A 317 39.95 2.41 0.74
CA HIS A 317 41.11 2.27 1.61
C HIS A 317 41.12 0.89 2.25
N GLY A 318 41.31 -0.14 1.44
CA GLY A 318 41.30 -1.51 1.94
C GLY A 318 42.66 -2.00 2.38
N ALA A 319 43.61 -1.08 2.56
CA ALA A 319 44.95 -1.46 2.98
C ALA A 319 44.91 -2.10 4.37
N GLU A 320 45.67 -3.18 4.52
CA GLU A 320 45.72 -3.88 5.80
C GLU A 320 46.38 -3.01 6.86
N ILE A 321 45.85 -3.07 8.08
CA ILE A 321 46.36 -2.31 9.21
C ILE A 321 46.64 -3.28 10.35
N GLN A 322 47.83 -3.19 10.92
CA GLN A 322 48.21 -4.06 12.03
C GLN A 322 47.38 -3.74 13.26
N ASN A 323 47.10 -4.78 14.05
CA ASN A 323 46.36 -4.64 15.30
C ASN A 323 45.01 -3.97 15.07
N ALA A 324 44.15 -4.66 14.32
CA ALA A 324 42.82 -4.18 14.01
C ALA A 324 41.78 -5.15 14.57
N GLN A 325 40.70 -4.58 15.10
CA GLN A 325 39.59 -5.33 15.67
C GLN A 325 38.32 -5.06 14.89
N SER A 326 37.59 -6.12 14.58
CA SER A 326 36.31 -6.00 13.90
C SER A 326 35.21 -5.73 14.91
N TRP A 327 34.17 -5.04 14.45
CA TRP A 327 33.07 -4.61 15.31
C TRP A 327 31.80 -4.75 14.51
N SER A 328 30.79 -5.39 15.10
CA SER A 328 29.60 -5.82 14.38
C SER A 328 28.43 -4.88 14.63
N ALA A 329 27.42 -5.00 13.77
CA ALA A 329 26.18 -4.25 13.90
C ALA A 329 25.21 -4.77 12.85
N THR A 330 23.92 -4.71 13.16
CA THR A 330 22.89 -5.26 12.28
C THR A 330 21.99 -4.14 11.80
N ILE A 331 21.91 -3.98 10.48
CA ILE A 331 21.02 -3.00 9.88
C ILE A 331 19.64 -3.63 9.75
N ARG A 332 18.66 -3.04 10.41
CA ARG A 332 17.32 -3.64 10.47
C ARG A 332 16.29 -2.62 10.03
N GLN A 333 15.30 -3.09 9.27
CA GLN A 333 14.28 -2.23 8.69
C GLN A 333 13.27 -1.86 9.78
N ARG A 334 12.13 -1.30 9.36
CA ARG A 334 11.16 -0.79 10.32
C ARG A 334 10.72 -1.86 11.32
N ASP A 335 10.82 -3.13 10.92
CA ASP A 335 10.47 -4.23 11.81
C ASP A 335 11.04 -5.52 11.22
N GLY A 336 11.25 -6.49 12.09
CA GLY A 336 11.57 -7.83 11.63
C GLY A 336 13.06 -8.09 11.48
N ALA A 337 13.35 -9.06 10.61
CA ALA A 337 14.67 -9.62 10.44
C ALA A 337 15.67 -8.57 9.99
N PRO A 338 16.97 -8.88 9.98
CA PRO A 338 17.95 -7.92 9.47
C PRO A 338 17.70 -7.56 8.02
N ALA A 339 18.03 -6.31 7.67
CA ALA A 339 18.10 -5.90 6.29
C ALA A 339 19.53 -5.82 5.78
N GLY A 340 20.51 -5.92 6.68
CA GLY A 340 21.90 -5.86 6.27
C GLY A 340 22.80 -6.08 7.47
N ILE A 341 24.10 -6.19 7.18
CA ILE A 341 25.11 -6.36 8.20
C ILE A 341 26.14 -5.26 8.05
N LEU A 342 26.24 -4.41 9.08
CA LEU A 342 27.27 -3.39 9.17
C LEU A 342 28.40 -3.93 10.02
N GLN A 343 29.63 -3.68 9.59
CA GLN A 343 30.80 -4.14 10.31
C GLN A 343 31.96 -3.23 9.99
N ILE A 344 32.73 -2.89 11.01
CA ILE A 344 33.84 -1.97 10.86
C ILE A 344 35.06 -2.55 11.57
N LYS A 345 36.18 -2.60 10.87
CA LYS A 345 37.46 -2.96 11.46
C LYS A 345 38.19 -1.68 11.80
N THR A 346 38.72 -1.59 13.01
CA THR A 346 39.35 -0.37 13.48
C THR A 346 40.68 -0.70 14.11
N SER A 347 41.69 0.14 13.89
CA SER A 347 42.97 -0.07 14.54
C SER A 347 42.86 0.24 16.03
N SER A 348 43.36 -0.68 16.86
CA SER A 348 43.34 -0.47 18.29
C SER A 348 44.07 0.82 18.65
N GLY A 349 43.46 1.61 19.51
CA GLY A 349 44.02 2.88 19.91
C GLY A 349 43.57 4.06 19.07
N ALA A 350 42.87 3.82 17.96
CA ALA A 350 42.35 4.92 17.16
C ALA A 350 41.40 5.78 17.99
N GLU A 351 40.49 5.14 18.71
CA GLU A 351 39.57 5.84 19.59
C GLU A 351 39.03 4.83 20.60
N THR A 352 38.42 5.34 21.66
CA THR A 352 37.97 4.48 22.74
C THR A 352 36.83 3.57 22.28
N SER A 353 36.72 2.42 22.94
CA SER A 353 35.65 1.47 22.66
C SER A 353 34.28 2.14 22.75
N ALA A 354 34.14 3.09 23.68
CA ALA A 354 32.89 3.84 23.76
C ALA A 354 32.61 4.59 22.48
N PHE A 355 33.62 5.21 21.88
CA PHE A 355 33.39 5.91 20.64
C PHE A 355 33.12 4.95 19.51
N ILE A 356 33.70 3.75 19.57
CA ILE A 356 33.31 2.72 18.62
C ILE A 356 31.82 2.44 18.73
N GLU A 357 31.33 2.25 19.95
CA GLU A 357 29.91 1.98 20.15
C GLU A 357 29.06 3.13 19.61
N ARG A 358 29.46 4.36 19.92
CA ARG A 358 28.68 5.51 19.48
C ARG A 358 28.60 5.59 17.97
N VAL A 359 29.74 5.59 17.28
CA VAL A 359 29.67 5.67 15.83
C VAL A 359 28.91 4.49 15.28
N ALA A 360 29.03 3.32 15.93
CA ALA A 360 28.36 2.13 15.43
C ALA A 360 26.85 2.30 15.47
N ASP A 361 26.32 2.89 16.54
CA ASP A 361 24.87 3.08 16.64
C ASP A 361 24.36 3.99 15.52
N ILE A 362 24.99 5.16 15.38
CA ILE A 362 24.57 6.09 14.35
C ILE A 362 24.67 5.45 12.98
N SER A 363 25.79 4.80 12.69
CA SER A 363 25.93 4.17 11.39
C SER A 363 24.86 3.11 11.18
N GLN A 364 24.60 2.29 12.18
CA GLN A 364 23.67 1.18 12.00
C GLN A 364 22.28 1.70 11.69
N HIS A 365 21.78 2.61 12.50
CA HIS A 365 20.43 3.09 12.27
C HIS A 365 20.36 3.90 10.98
N MET A 366 21.40 4.68 10.69
CA MET A 366 21.40 5.42 9.44
C MET A 366 21.36 4.48 8.26
N ALA A 367 22.07 3.36 8.36
CA ALA A 367 22.04 2.36 7.31
C ALA A 367 20.67 1.74 7.18
N ALA A 368 19.99 1.51 8.30
CA ALA A 368 18.62 1.02 8.21
C ALA A 368 17.76 1.98 7.42
N LEU A 369 17.89 3.27 7.71
CA LEU A 369 17.15 4.26 6.95
C LEU A 369 17.52 4.20 5.48
N ALA A 370 18.80 4.07 5.17
CA ALA A 370 19.21 4.04 3.77
C ALA A 370 18.61 2.85 3.05
N LEU A 371 18.65 1.67 3.68
CA LEU A 371 18.14 0.49 3.01
C LEU A 371 16.63 0.57 2.82
N GLU A 372 15.93 1.08 3.82
CA GLU A 372 14.50 1.25 3.64
C GLU A 372 14.22 2.24 2.53
N GLN A 373 15.06 3.26 2.38
CA GLN A 373 14.94 4.14 1.23
C GLN A 373 15.09 3.37 -0.07
N GLU A 374 16.07 2.49 -0.15
CA GLU A 374 16.26 1.69 -1.36
C GLU A 374 15.03 0.85 -1.66
N LYS A 375 14.50 0.17 -0.65
CA LYS A 375 13.33 -0.67 -0.87
C LYS A 375 12.13 0.17 -1.30
N SER A 376 11.95 1.32 -0.66
CA SER A 376 10.83 2.18 -1.02
C SER A 376 10.94 2.64 -2.45
N ARG A 377 12.14 3.01 -2.89
CA ARG A 377 12.27 3.44 -4.28
C ARG A 377 12.08 2.27 -5.23
N GLN A 378 12.46 1.06 -4.83
CA GLN A 378 12.16 -0.12 -5.63
C GLN A 378 10.66 -0.24 -5.84
N HIS A 379 9.89 -0.18 -4.76
CA HIS A 379 8.44 -0.31 -4.89
C HIS A 379 7.83 0.84 -5.68
N ILE A 380 8.35 2.05 -5.50
CA ILE A 380 7.84 3.20 -6.24
C ILE A 380 8.06 3.01 -7.73
N GLU A 381 9.26 2.56 -8.10
CA GLU A 381 9.55 2.30 -9.51
C GLU A 381 8.69 1.18 -10.06
N GLN A 382 8.43 0.14 -9.26
CA GLN A 382 7.55 -0.93 -9.73
C GLN A 382 6.15 -0.40 -9.99
N LEU A 383 5.63 0.43 -9.09
CA LEU A 383 4.26 0.92 -9.21
C LEU A 383 4.12 2.10 -10.16
N ILE A 384 5.13 2.38 -10.97
CA ILE A 384 5.15 3.59 -11.79
C ILE A 384 4.74 3.25 -13.22
N GLN A 385 3.92 2.22 -13.38
CA GLN A 385 3.63 1.65 -14.69
C GLN A 385 2.68 2.54 -15.48
N PHE A 386 3.16 3.73 -15.83
CA PHE A 386 2.45 4.63 -16.73
C PHE A 386 3.47 5.64 -17.27
N ASP A 387 2.98 6.57 -18.08
CA ASP A 387 3.83 7.53 -18.77
C ASP A 387 3.47 8.95 -18.36
N PRO A 388 4.46 9.78 -18.06
CA PRO A 388 4.16 11.18 -17.71
C PRO A 388 4.02 12.11 -18.90
N MET A 389 4.55 11.74 -20.07
CA MET A 389 4.52 12.67 -21.19
C MET A 389 3.36 12.42 -22.13
N THR A 390 3.23 11.20 -22.67
CA THR A 390 2.15 10.88 -23.56
C THR A 390 0.90 10.38 -22.86
N GLY A 391 1.04 9.71 -21.72
CA GLY A 391 -0.09 9.16 -21.01
C GLY A 391 -0.45 7.74 -21.39
N LEU A 392 0.21 7.16 -22.39
CA LEU A 392 -0.05 5.79 -22.73
C LEU A 392 0.51 4.87 -21.64
N PRO A 393 -0.08 3.69 -21.44
CA PRO A 393 0.49 2.75 -20.46
C PRO A 393 1.93 2.40 -20.84
N ASN A 394 2.77 2.22 -19.83
CA ASN A 394 4.21 2.10 -20.04
C ASN A 394 4.65 0.63 -19.97
N ARG A 395 5.95 0.41 -20.14
CA ARG A 395 6.45 -0.93 -20.42
C ARG A 395 6.08 -1.90 -19.31
N ASN A 396 6.08 -1.46 -18.05
CA ASN A 396 5.68 -2.36 -16.98
C ASN A 396 4.24 -2.80 -17.17
N ASN A 397 3.35 -1.87 -17.51
CA ASN A 397 1.96 -2.23 -17.78
C ASN A 397 1.86 -3.14 -18.99
N LEU A 398 2.69 -2.91 -20.00
CA LEU A 398 2.66 -3.76 -21.18
C LEU A 398 3.07 -5.19 -20.85
N HIS A 399 4.12 -5.34 -20.04
CA HIS A 399 4.54 -6.67 -19.64
C HIS A 399 3.46 -7.35 -18.81
N ASN A 400 2.84 -6.61 -17.90
CA ASN A 400 1.75 -7.19 -17.13
C ASN A 400 0.60 -7.63 -18.04
N TYR A 401 0.23 -6.79 -19.01
CA TYR A 401 -0.88 -7.10 -19.90
C TYR A 401 -0.57 -8.33 -20.75
N LEU A 402 0.63 -8.40 -21.31
CA LEU A 402 0.98 -9.55 -22.13
C LEU A 402 1.04 -10.82 -21.30
N ASP A 403 1.56 -10.73 -20.08
CA ASP A 403 1.57 -11.90 -19.21
C ASP A 403 0.16 -12.36 -18.91
N ASP A 404 -0.76 -11.42 -18.66
CA ASP A 404 -2.15 -11.80 -18.45
C ASP A 404 -2.75 -12.45 -19.68
N LEU A 405 -2.43 -11.93 -20.87
CA LEU A 405 -2.93 -12.54 -22.10
C LEU A 405 -2.42 -13.96 -22.25
N VAL A 406 -1.12 -14.17 -21.99
CA VAL A 406 -0.56 -15.52 -22.08
C VAL A 406 -1.26 -16.44 -21.10
N ASP A 407 -1.45 -15.98 -19.86
CA ASP A 407 -2.16 -16.80 -18.88
C ASP A 407 -3.56 -17.15 -19.37
N LYS A 408 -4.28 -16.19 -19.94
CA LYS A 408 -5.56 -16.45 -20.56
C LYS A 408 -5.44 -17.39 -21.76
N ALA A 409 -4.22 -17.59 -22.27
CA ALA A 409 -3.96 -18.51 -23.37
C ALA A 409 -4.46 -17.95 -24.69
N VAL A 410 -4.66 -16.64 -24.75
CA VAL A 410 -5.02 -15.95 -25.97
C VAL A 410 -3.73 -15.51 -26.65
N SER A 411 -3.62 -15.79 -27.95
CA SER A 411 -2.44 -15.42 -28.70
C SER A 411 -2.62 -14.03 -29.28
N PRO A 412 -1.90 -13.01 -28.80
CA PRO A 412 -2.00 -11.69 -29.41
C PRO A 412 -0.94 -11.50 -30.48
N VAL A 413 -1.14 -10.47 -31.28
CA VAL A 413 -0.19 -10.06 -32.30
C VAL A 413 0.41 -8.75 -31.82
N VAL A 414 1.74 -8.72 -31.69
CA VAL A 414 2.41 -7.51 -31.21
C VAL A 414 2.97 -6.74 -32.39
N TYR A 415 2.58 -5.47 -32.50
CA TYR A 415 3.12 -4.57 -33.47
C TYR A 415 4.06 -3.60 -32.78
N LEU A 416 5.27 -3.47 -33.28
CA LEU A 416 6.19 -2.43 -32.86
C LEU A 416 6.19 -1.35 -33.92
N ILE A 417 5.75 -0.15 -33.55
CA ILE A 417 5.66 0.98 -34.45
C ILE A 417 6.72 1.99 -34.06
N GLY A 418 7.65 2.24 -34.96
CA GLY A 418 8.77 3.13 -34.66
C GLY A 418 8.74 4.31 -35.59
N VAL A 419 8.89 5.50 -35.00
CA VAL A 419 8.93 6.75 -35.76
C VAL A 419 10.33 6.94 -36.31
N ASP A 420 10.42 7.43 -37.55
CA ASP A 420 11.72 7.54 -38.20
C ASP A 420 12.30 8.95 -38.18
N HIS A 421 11.56 9.92 -38.74
CA HIS A 421 12.06 11.27 -38.97
C HIS A 421 12.27 12.06 -37.68
N ILE A 422 11.82 11.54 -36.54
CA ILE A 422 11.83 12.32 -35.31
C ILE A 422 13.25 12.62 -34.85
N GLN A 423 14.20 11.70 -35.06
CA GLN A 423 15.58 11.99 -34.69
C GLN A 423 16.14 13.16 -35.49
N ASP A 424 15.90 13.19 -36.80
CA ASP A 424 16.33 14.32 -37.60
C ASP A 424 15.59 15.60 -37.18
N VAL A 425 14.32 15.47 -36.78
CA VAL A 425 13.60 16.63 -36.28
C VAL A 425 14.28 17.18 -35.04
N ILE A 426 14.69 16.30 -34.13
CA ILE A 426 15.40 16.74 -32.93
C ILE A 426 16.70 17.43 -33.33
N ASP A 427 17.44 16.82 -34.24
CA ASP A 427 18.71 17.38 -34.69
C ASP A 427 18.56 18.74 -35.35
N SER A 428 17.43 18.99 -36.02
CA SER A 428 17.27 20.23 -36.76
C SER A 428 16.61 21.32 -35.90
N LEU A 429 15.40 21.06 -35.40
CA LEU A 429 14.63 22.06 -34.68
C LEU A 429 14.56 21.82 -33.18
N GLY A 430 14.61 20.56 -32.73
CA GLY A 430 14.72 20.28 -31.31
C GLY A 430 13.48 19.63 -30.71
N TYR A 431 13.57 19.40 -29.40
CA TYR A 431 12.50 18.71 -28.69
C TYR A 431 11.23 19.54 -28.66
N ALA A 432 11.36 20.87 -28.67
CA ALA A 432 10.18 21.72 -28.66
C ALA A 432 9.30 21.47 -29.87
N TRP A 433 9.85 20.89 -30.93
CA TRP A 433 9.07 20.45 -32.07
C TRP A 433 8.83 18.95 -32.06
N ALA A 434 9.81 18.18 -31.56
CA ALA A 434 9.67 16.73 -31.56
C ALA A 434 8.47 16.29 -30.72
N ASP A 435 8.35 16.83 -29.50
CA ASP A 435 7.25 16.44 -28.64
C ASP A 435 5.93 16.98 -29.18
N GLN A 436 5.94 18.18 -29.75
CA GLN A 436 4.74 18.69 -30.40
C GLN A 436 4.28 17.79 -31.53
N ALA A 437 5.22 17.14 -32.23
CA ALA A 437 4.85 16.18 -33.26
C ALA A 437 4.31 14.88 -32.65
N LEU A 438 5.00 14.37 -31.61
CA LEU A 438 4.54 13.15 -30.97
C LEU A 438 3.15 13.31 -30.37
N LEU A 439 2.77 14.53 -30.00
CA LEU A 439 1.42 14.73 -29.46
C LEU A 439 0.37 14.30 -30.46
N GLU A 440 0.42 14.83 -31.68
CA GLU A 440 -0.60 14.44 -32.66
C GLU A 440 -0.30 13.06 -33.23
N VAL A 441 0.94 12.58 -33.13
CA VAL A 441 1.21 11.18 -33.49
C VAL A 441 0.36 10.27 -32.62
N VAL A 442 0.43 10.47 -31.30
CA VAL A 442 -0.34 9.63 -30.38
C VAL A 442 -1.82 9.92 -30.50
N ASN A 443 -2.19 11.18 -30.77
CA ASN A 443 -3.60 11.50 -30.96
C ASN A 443 -4.17 10.74 -32.16
N ARG A 444 -3.44 10.73 -33.28
CA ARG A 444 -3.87 9.95 -34.42
C ARG A 444 -3.92 8.47 -34.09
N PHE A 445 -2.92 7.96 -33.38
CA PHE A 445 -2.99 6.57 -32.94
C PHE A 445 -4.31 6.30 -32.22
N ARG A 446 -4.63 7.13 -31.24
CA ARG A 446 -5.81 6.89 -30.42
C ARG A 446 -7.09 7.05 -31.21
N GLU A 447 -7.10 7.95 -32.19
CA GLU A 447 -8.29 8.12 -33.01
C GLU A 447 -8.68 6.84 -33.72
N LYS A 448 -7.74 6.18 -34.37
CA LYS A 448 -8.00 4.93 -35.05
C LYS A 448 -7.93 3.73 -34.13
N LEU A 449 -7.56 3.92 -32.87
CA LEU A 449 -7.63 2.82 -31.92
C LEU A 449 -9.02 2.20 -31.95
N LYS A 450 -9.10 0.96 -31.50
CA LYS A 450 -10.31 0.18 -31.49
C LYS A 450 -10.56 -0.31 -30.07
N PRO A 451 -11.80 -0.66 -29.74
CA PRO A 451 -12.10 -1.02 -28.34
C PRO A 451 -11.28 -2.19 -27.84
N ASP A 452 -11.02 -3.19 -28.66
CA ASP A 452 -10.31 -4.38 -28.23
C ASP A 452 -8.81 -4.20 -28.13
N GLN A 453 -8.26 -3.18 -28.78
CA GLN A 453 -6.82 -3.02 -28.91
C GLN A 453 -6.22 -2.56 -27.59
N TYR A 454 -4.89 -2.64 -27.49
CA TYR A 454 -4.15 -2.21 -26.31
C TYR A 454 -2.88 -1.51 -26.75
N LEU A 455 -2.70 -0.26 -26.33
CA LEU A 455 -1.59 0.56 -26.78
C LEU A 455 -0.65 0.83 -25.60
N CYS A 456 0.66 0.82 -25.89
CA CYS A 456 1.67 1.12 -24.90
C CYS A 456 2.82 1.87 -25.54
N ARG A 457 3.56 2.60 -24.72
CA ARG A 457 4.74 3.36 -25.14
C ARG A 457 5.96 2.81 -24.38
N ILE A 458 6.65 1.84 -25.00
CA ILE A 458 7.78 1.21 -24.32
C ILE A 458 8.90 2.22 -24.09
N GLU A 459 9.30 2.94 -25.14
CA GLU A 459 10.46 3.80 -25.03
C GLU A 459 10.53 4.75 -26.21
N GLY A 460 10.98 5.97 -25.94
CA GLY A 460 11.32 6.93 -26.96
C GLY A 460 10.28 7.05 -28.06
N THR A 461 10.68 6.70 -29.28
CA THR A 461 9.84 6.83 -30.46
C THR A 461 9.30 5.47 -30.89
N GLN A 462 9.18 4.55 -29.95
CA GLN A 462 8.66 3.21 -30.19
C GLN A 462 7.35 3.02 -29.45
N PHE A 463 6.43 2.30 -30.07
CA PHE A 463 5.13 2.00 -29.48
C PHE A 463 4.81 0.53 -29.72
N VAL A 464 4.10 -0.07 -28.77
CA VAL A 464 3.68 -1.45 -28.87
C VAL A 464 2.16 -1.49 -28.89
N LEU A 465 1.61 -2.03 -29.98
CA LEU A 465 0.18 -2.22 -30.12
C LEU A 465 -0.13 -3.70 -30.05
N VAL A 466 -1.24 -4.03 -29.41
CA VAL A 466 -1.60 -5.42 -29.15
C VAL A 466 -3.06 -5.64 -29.51
N SER A 467 -3.33 -6.72 -30.24
CA SER A 467 -4.67 -7.09 -30.62
C SER A 467 -4.77 -8.61 -30.62
N LEU A 468 -6.00 -9.11 -30.42
CA LEU A 468 -6.25 -10.54 -30.39
C LEU A 468 -6.62 -11.11 -31.75
N GLU A 469 -6.74 -10.27 -32.78
CA GLU A 469 -7.09 -10.75 -34.12
C GLU A 469 -5.91 -11.50 -34.72
N ASN A 470 -6.17 -12.71 -35.23
CA ASN A 470 -5.12 -13.59 -35.72
C ASN A 470 -5.17 -13.85 -37.21
N ASP A 471 -6.18 -13.35 -37.91
CA ASP A 471 -6.26 -13.57 -39.35
C ASP A 471 -5.22 -12.74 -40.08
N VAL A 472 -4.70 -13.29 -41.19
CA VAL A 472 -3.80 -12.51 -42.03
C VAL A 472 -4.54 -11.34 -42.67
N SER A 473 -5.80 -11.57 -43.09
CA SER A 473 -6.56 -10.51 -43.72
C SER A 473 -6.82 -9.37 -42.76
N ASN A 474 -7.04 -9.65 -41.48
CA ASN A 474 -7.21 -8.60 -40.50
C ASN A 474 -5.89 -7.93 -40.13
N ILE A 475 -4.82 -8.73 -40.04
CA ILE A 475 -3.53 -8.15 -39.71
C ILE A 475 -3.11 -7.15 -40.77
N THR A 476 -3.29 -7.51 -42.04
CA THR A 476 -2.92 -6.58 -43.09
C THR A 476 -3.71 -5.28 -42.96
N GLN A 477 -4.99 -5.39 -42.60
CA GLN A 477 -5.82 -4.20 -42.47
C GLN A 477 -5.34 -3.32 -41.32
N ILE A 478 -5.03 -3.92 -40.17
CA ILE A 478 -4.59 -3.12 -39.03
C ILE A 478 -3.26 -2.46 -39.34
N ALA A 479 -2.35 -3.20 -39.94
CA ALA A 479 -1.07 -2.62 -40.31
C ALA A 479 -1.25 -1.47 -41.30
N ASP A 480 -2.15 -1.65 -42.27
CA ASP A 480 -2.39 -0.58 -43.23
C ASP A 480 -2.96 0.66 -42.57
N GLU A 481 -3.89 0.49 -41.63
CA GLU A 481 -4.42 1.64 -40.90
C GLU A 481 -3.30 2.36 -40.15
N LEU A 482 -2.47 1.59 -39.44
CA LEU A 482 -1.38 2.21 -38.68
C LEU A 482 -0.43 2.93 -39.62
N ARG A 483 -0.13 2.34 -40.77
CA ARG A 483 0.78 2.97 -41.71
C ARG A 483 0.18 4.25 -42.28
N ASN A 484 -1.11 4.24 -42.58
CA ASN A 484 -1.78 5.43 -43.09
C ASN A 484 -1.92 6.52 -42.04
N VAL A 485 -1.84 6.16 -40.75
CA VAL A 485 -1.91 7.18 -39.70
C VAL A 485 -1.08 8.41 -40.05
N VAL A 486 0.05 8.21 -40.72
CA VAL A 486 0.90 9.32 -41.13
C VAL A 486 0.62 9.74 -42.56
N SER A 487 -0.54 9.38 -43.10
CA SER A 487 -0.88 9.78 -44.47
C SER A 487 -0.83 11.29 -44.64
N LYS A 488 -1.15 12.04 -43.58
CA LYS A 488 -1.09 13.48 -43.61
C LYS A 488 0.18 13.97 -42.92
N PRO A 489 1.10 14.63 -43.62
CA PRO A 489 2.34 15.09 -42.97
C PRO A 489 2.08 16.03 -41.82
N ILE A 490 2.90 15.95 -40.78
CA ILE A 490 2.72 16.79 -39.60
C ILE A 490 2.97 18.26 -39.95
N MET A 491 2.08 19.12 -39.45
CA MET A 491 2.15 20.56 -39.69
C MET A 491 2.49 21.26 -38.39
N ILE A 492 3.60 22.00 -38.37
CA ILE A 492 3.97 22.84 -37.25
C ILE A 492 4.40 24.20 -37.81
N ASP A 493 3.70 25.25 -37.40
CA ASP A 493 4.00 26.61 -37.87
C ASP A 493 4.04 26.67 -39.39
N ASP A 494 3.08 25.99 -40.03
CA ASP A 494 2.98 25.92 -41.48
C ASP A 494 4.18 25.21 -42.12
N LYS A 495 4.95 24.47 -41.34
CA LYS A 495 6.10 23.74 -41.86
C LYS A 495 5.77 22.25 -41.91
N PRO A 496 5.67 21.63 -43.09
CA PRO A 496 5.39 20.20 -43.14
C PRO A 496 6.50 19.37 -42.51
N PHE A 497 6.10 18.24 -41.95
CA PHE A 497 7.04 17.28 -41.36
C PHE A 497 6.56 15.87 -41.71
N PRO A 498 7.01 15.31 -42.83
CA PRO A 498 6.54 13.97 -43.25
C PRO A 498 7.26 12.84 -42.52
N LEU A 499 6.78 12.54 -41.31
CA LEU A 499 7.31 11.41 -40.56
C LEU A 499 6.92 10.10 -41.22
N THR A 500 7.67 9.04 -40.89
CA THR A 500 7.41 7.72 -41.44
C THR A 500 7.46 6.68 -40.33
N LEU A 501 6.75 5.58 -40.57
CA LEU A 501 6.57 4.52 -39.59
C LEU A 501 7.18 3.21 -40.08
N SER A 502 7.99 2.60 -39.22
CA SER A 502 8.54 1.28 -39.45
C SER A 502 7.83 0.31 -38.52
N ILE A 503 7.18 -0.70 -39.09
CA ILE A 503 6.28 -1.56 -38.35
C ILE A 503 6.82 -2.99 -38.37
N GLY A 504 7.02 -3.56 -37.20
CA GLY A 504 7.40 -4.95 -37.09
C GLY A 504 6.33 -5.75 -36.41
N ILE A 505 5.76 -6.71 -37.09
CA ILE A 505 4.68 -7.50 -36.51
C ILE A 505 5.23 -8.85 -36.06
N SER A 506 4.57 -9.42 -35.07
CA SER A 506 4.93 -10.76 -34.63
C SER A 506 3.69 -11.44 -34.07
N TYR A 507 3.52 -12.70 -34.44
CA TYR A 507 2.43 -13.51 -33.91
C TYR A 507 2.81 -14.96 -34.11
N ASP A 508 2.94 -15.70 -33.02
CA ASP A 508 3.21 -17.13 -33.06
C ASP A 508 2.55 -17.76 -31.85
N LEU A 509 2.33 -19.06 -31.92
CA LEU A 509 1.61 -19.76 -30.86
C LEU A 509 2.60 -20.36 -29.85
N GLY A 510 2.35 -20.11 -28.56
CA GLY A 510 3.15 -20.69 -27.51
C GLY A 510 4.39 -19.92 -27.13
N LYS A 511 4.70 -18.83 -27.83
CA LYS A 511 5.88 -18.04 -27.50
C LYS A 511 5.62 -17.16 -26.29
N ASN A 512 6.70 -16.83 -25.58
CA ASN A 512 6.59 -15.97 -24.42
C ASN A 512 6.68 -14.50 -24.84
N ARG A 513 6.21 -13.62 -23.95
CA ARG A 513 6.23 -12.20 -24.25
C ARG A 513 7.65 -11.73 -24.56
N ASP A 514 8.65 -12.31 -23.89
CA ASP A 514 10.02 -11.94 -24.19
C ASP A 514 10.37 -12.22 -25.64
N TYR A 515 10.06 -13.43 -26.12
CA TYR A 515 10.32 -13.76 -27.50
C TYR A 515 9.57 -12.82 -28.43
N LEU A 516 8.30 -12.58 -28.12
CA LEU A 516 7.50 -11.72 -28.98
C LEU A 516 8.16 -10.35 -29.10
N LEU A 517 8.52 -9.76 -27.97
CA LEU A 517 9.09 -8.42 -27.99
C LEU A 517 10.43 -8.40 -28.72
N SER A 518 11.29 -9.39 -28.44
CA SER A 518 12.59 -9.42 -29.09
C SER A 518 12.43 -9.55 -30.60
N THR A 519 11.56 -10.46 -31.03
CA THR A 519 11.36 -10.67 -32.45
C THR A 519 10.81 -9.42 -33.10
N ALA A 520 9.85 -8.77 -32.45
CA ALA A 520 9.32 -7.54 -33.00
C ALA A 520 10.42 -6.50 -33.15
N HIS A 521 11.27 -6.36 -32.13
CA HIS A 521 12.33 -5.36 -32.20
C HIS A 521 13.29 -5.66 -33.34
N ASN A 522 13.68 -6.92 -33.50
CA ASN A 522 14.59 -7.27 -34.59
C ASN A 522 13.96 -6.98 -35.94
N ALA A 523 12.69 -7.36 -36.10
CA ALA A 523 12.01 -7.05 -37.34
C ALA A 523 11.95 -5.56 -37.58
N MET A 524 11.68 -4.80 -36.52
CA MET A 524 11.62 -3.35 -36.64
C MET A 524 12.94 -2.78 -37.09
N ASP A 525 14.04 -3.20 -36.48
CA ASP A 525 15.34 -2.68 -36.88
C ASP A 525 15.63 -3.03 -38.33
N TYR A 526 15.35 -4.28 -38.71
CA TYR A 526 15.57 -4.68 -40.10
C TYR A 526 14.82 -3.77 -41.05
N ILE A 527 13.51 -3.60 -40.83
CA ILE A 527 12.71 -2.82 -41.76
C ILE A 527 13.10 -1.34 -41.74
N ARG A 528 13.42 -0.81 -40.57
CA ARG A 528 13.84 0.59 -40.49
C ARG A 528 15.10 0.81 -41.30
N LYS A 529 16.14 0.01 -41.04
CA LYS A 529 17.37 0.18 -41.81
C LYS A 529 17.15 -0.08 -43.28
N ASN A 530 16.14 -0.87 -43.65
CA ASN A 530 15.86 -1.08 -45.06
C ASN A 530 15.25 0.13 -45.73
N GLY A 531 14.68 1.07 -44.95
CA GLY A 531 14.09 2.26 -45.53
C GLY A 531 12.81 2.71 -44.85
N GLY A 532 12.22 1.85 -44.03
CA GLY A 532 11.05 2.25 -43.28
C GLY A 532 9.84 2.47 -44.17
N ASN A 533 9.01 3.43 -43.73
CA ASN A 533 7.77 3.76 -44.41
C ASN A 533 6.99 2.50 -44.78
N GLY A 534 6.99 1.52 -43.90
CA GLY A 534 6.40 0.25 -44.24
C GLY A 534 6.38 -0.72 -43.08
N TRP A 535 5.84 -1.90 -43.35
CA TRP A 535 5.59 -2.90 -42.33
C TRP A 535 6.17 -4.22 -42.78
N GLN A 536 6.39 -5.11 -41.82
CA GLN A 536 6.86 -6.45 -42.17
C GLN A 536 6.55 -7.40 -41.04
N PHE A 537 6.22 -8.63 -41.42
CA PHE A 537 5.97 -9.72 -40.48
C PHE A 537 7.28 -10.18 -39.85
N PHE A 538 7.16 -11.16 -38.96
CA PHE A 538 8.33 -11.93 -38.58
C PHE A 538 9.00 -12.51 -39.82
N SER A 539 10.27 -12.87 -39.70
CA SER A 539 10.94 -13.52 -40.82
C SER A 539 10.17 -14.79 -41.21
N PRO A 540 9.89 -14.99 -42.49
CA PRO A 540 8.93 -16.04 -42.88
C PRO A 540 9.35 -17.41 -42.34
N ALA A 541 8.44 -18.09 -41.63
CA ALA A 541 7.10 -17.64 -41.22
C ALA A 541 6.18 -17.25 -42.40
N MET A 542 5.22 -16.37 -42.12
CA MET A 542 4.09 -16.14 -43.01
C MET A 542 4.28 -15.00 -43.99
N ASN A 543 5.48 -14.43 -44.10
CA ASN A 543 5.67 -13.39 -45.10
C ASN A 543 5.42 -13.94 -46.50
N GLU A 544 5.66 -15.22 -46.73
CA GLU A 544 5.23 -15.85 -47.97
C GLU A 544 3.72 -15.90 -48.06
N MET A 545 3.03 -16.17 -46.96
CA MET A 545 1.59 -16.15 -46.96
C MET A 545 1.07 -14.77 -47.33
N VAL A 546 1.88 -13.74 -47.12
CA VAL A 546 1.48 -12.41 -47.55
C VAL A 546 1.87 -12.15 -49.00
N LYS A 547 3.01 -12.68 -49.44
CA LYS A 547 3.40 -12.52 -50.84
C LYS A 547 2.37 -13.15 -51.76
N GLU A 548 1.88 -14.34 -51.42
CA GLU A 548 0.89 -15.00 -52.26
C GLU A 548 -0.39 -14.18 -52.33
N ARG A 549 -0.81 -13.62 -51.20
CA ARG A 549 -2.00 -12.79 -51.20
C ARG A 549 -1.79 -11.55 -52.06
N LEU A 550 -0.60 -10.96 -52.00
CA LEU A 550 -0.30 -9.87 -52.91
C LEU A 550 -0.39 -10.31 -54.36
N VAL A 551 0.04 -11.54 -54.67
CA VAL A 551 -0.10 -12.04 -56.03
C VAL A 551 -1.58 -12.09 -56.42
N LEU A 552 -2.41 -12.62 -55.53
CA LEU A 552 -3.84 -12.64 -55.78
C LEU A 552 -4.35 -11.23 -56.06
N GLY A 553 -3.90 -10.27 -55.28
CA GLY A 553 -4.38 -8.90 -55.47
C GLY A 553 -3.99 -8.35 -56.82
N ALA A 554 -2.74 -8.54 -57.21
CA ALA A 554 -2.32 -8.04 -58.51
C ALA A 554 -3.12 -8.71 -59.63
N ALA A 555 -3.30 -10.02 -59.53
CA ALA A 555 -4.08 -10.73 -60.54
C ALA A 555 -5.49 -10.20 -60.59
N LEU A 556 -6.10 -9.91 -59.44
CA LEU A 556 -7.46 -9.42 -59.43
C LEU A 556 -7.56 -8.04 -60.07
N LYS A 557 -6.60 -7.17 -59.77
CA LYS A 557 -6.63 -5.86 -60.41
C LYS A 557 -6.52 -6.01 -61.92
N GLU A 558 -5.60 -6.84 -62.38
CA GLU A 558 -5.47 -7.06 -63.82
C GLU A 558 -6.75 -7.64 -64.39
N ALA A 559 -7.40 -8.53 -63.65
CA ALA A 559 -8.62 -9.16 -64.13
C ALA A 559 -9.72 -8.14 -64.31
N ILE A 560 -9.92 -7.26 -63.31
CA ILE A 560 -10.96 -6.26 -63.45
C ILE A 560 -10.62 -5.33 -64.61
N SER A 561 -9.36 -4.98 -64.76
CA SER A 561 -8.97 -4.10 -65.86
C SER A 561 -9.30 -4.74 -67.20
N ASN A 562 -9.00 -6.02 -67.35
CA ASN A 562 -9.22 -6.71 -68.61
C ASN A 562 -10.66 -7.11 -68.83
N ASN A 563 -11.50 -7.06 -67.79
CA ASN A 563 -12.91 -7.43 -67.92
C ASN A 563 -13.06 -8.91 -68.22
N GLN A 564 -12.39 -9.75 -67.43
CA GLN A 564 -12.43 -11.18 -67.61
C GLN A 564 -13.40 -11.88 -66.66
N LEU A 565 -14.16 -11.14 -65.86
CA LEU A 565 -15.02 -11.75 -64.84
C LEU A 565 -16.23 -12.43 -65.48
N LYS A 566 -16.91 -13.23 -64.67
CA LYS A 566 -18.11 -13.93 -65.07
C LYS A 566 -19.25 -13.56 -64.14
N LEU A 567 -20.40 -13.25 -64.74
CA LEU A 567 -21.60 -12.90 -64.00
C LEU A 567 -22.59 -14.05 -64.08
N VAL A 568 -22.98 -14.57 -62.92
CA VAL A 568 -23.92 -15.68 -62.83
C VAL A 568 -25.31 -15.09 -62.62
N TYR A 569 -26.33 -15.90 -62.88
CA TYR A 569 -27.73 -15.52 -62.72
C TYR A 569 -28.49 -16.61 -62.00
N GLN A 570 -29.54 -16.22 -61.26
CA GLN A 570 -30.26 -17.12 -60.37
C GLN A 570 -31.75 -16.78 -60.40
N PRO A 571 -32.60 -17.58 -61.04
CA PRO A 571 -34.03 -17.26 -61.05
C PRO A 571 -34.64 -17.35 -59.67
N GLN A 572 -35.65 -16.52 -59.43
CA GLN A 572 -36.52 -16.61 -58.26
C GLN A 572 -37.95 -16.60 -58.76
N ILE A 573 -38.80 -17.43 -58.14
CA ILE A 573 -40.11 -17.72 -58.68
C ILE A 573 -41.17 -17.57 -57.60
N PHE A 574 -42.37 -17.18 -58.00
CA PHE A 574 -43.48 -17.10 -57.06
C PHE A 574 -43.75 -18.48 -56.47
N ALA A 575 -44.07 -18.51 -55.19
CA ALA A 575 -44.20 -19.79 -54.51
C ALA A 575 -45.49 -20.51 -54.87
N GLU A 576 -46.56 -19.78 -55.15
CA GLU A 576 -47.85 -20.41 -55.36
C GLU A 576 -48.19 -20.52 -56.84
N THR A 577 -47.68 -19.60 -57.65
CA THR A 577 -47.96 -19.63 -59.08
C THR A 577 -46.94 -20.46 -59.83
N GLY A 578 -45.69 -20.44 -59.40
CA GLY A 578 -44.61 -21.03 -60.17
C GLY A 578 -44.09 -20.16 -61.28
N GLU A 579 -44.76 -19.05 -61.57
CA GLU A 579 -44.25 -18.12 -62.56
C GLU A 579 -43.02 -17.41 -62.02
N LEU A 580 -42.11 -17.06 -62.92
CA LEU A 580 -40.90 -16.38 -62.52
C LEU A 580 -41.19 -14.93 -62.18
N TYR A 581 -40.73 -14.49 -61.02
CA TYR A 581 -40.82 -13.07 -60.66
C TYR A 581 -39.65 -12.26 -61.17
N GLY A 582 -38.46 -12.85 -61.17
CA GLY A 582 -37.28 -12.11 -61.58
C GLY A 582 -36.04 -12.95 -61.38
N ILE A 583 -34.88 -12.30 -61.50
CA ILE A 583 -33.60 -12.97 -61.35
C ILE A 583 -32.67 -12.07 -60.55
N GLU A 584 -31.94 -12.67 -59.62
CA GLU A 584 -30.92 -11.98 -58.85
C GLU A 584 -29.55 -12.43 -59.31
N ALA A 585 -28.65 -11.46 -59.48
CA ALA A 585 -27.33 -11.70 -60.05
C ALA A 585 -26.29 -11.82 -58.94
N LEU A 586 -25.23 -12.56 -59.22
CA LEU A 586 -24.13 -12.76 -58.29
C LEU A 586 -22.80 -12.70 -59.03
N ALA A 587 -21.88 -11.88 -58.54
CA ALA A 587 -20.58 -11.77 -59.17
C ALA A 587 -19.84 -13.10 -59.07
N ARG A 588 -18.98 -13.35 -60.06
CA ARG A 588 -18.21 -14.58 -60.08
C ARG A 588 -16.94 -14.34 -60.87
N TRP A 589 -15.88 -15.05 -60.46
CA TRP A 589 -14.54 -14.86 -61.02
C TRP A 589 -13.91 -16.22 -61.23
N HIS A 590 -13.66 -16.57 -62.48
CA HIS A 590 -12.92 -17.78 -62.82
C HIS A 590 -11.54 -17.38 -63.32
N ASP A 591 -10.52 -18.00 -62.75
CA ASP A 591 -9.13 -17.65 -63.02
C ASP A 591 -8.46 -18.75 -63.83
N PRO A 592 -7.84 -18.41 -64.97
CA PRO A 592 -7.14 -19.45 -65.73
C PRO A 592 -6.05 -20.13 -64.93
N LEU A 593 -5.38 -19.41 -64.04
CA LEU A 593 -4.34 -19.98 -63.20
C LEU A 593 -4.91 -20.61 -61.93
N HIS A 594 -5.59 -19.82 -61.11
CA HIS A 594 -6.10 -20.30 -59.84
C HIS A 594 -7.47 -20.94 -59.94
N GLY A 595 -8.14 -20.84 -61.07
CA GLY A 595 -9.43 -21.48 -61.24
C GLY A 595 -10.57 -20.69 -60.65
N HIS A 596 -11.37 -21.35 -59.82
CA HIS A 596 -12.56 -20.71 -59.26
C HIS A 596 -12.26 -20.18 -57.86
N VAL A 597 -12.61 -18.93 -57.61
CA VAL A 597 -12.40 -18.27 -56.33
C VAL A 597 -13.70 -17.59 -55.92
N PRO A 598 -14.23 -17.84 -54.73
CA PRO A 598 -15.57 -17.37 -54.39
C PRO A 598 -15.58 -15.91 -53.95
N PRO A 599 -16.73 -15.26 -54.00
CA PRO A 599 -16.83 -13.90 -53.45
C PRO A 599 -16.47 -13.84 -51.98
N SER A 600 -16.84 -14.85 -51.21
CA SER A 600 -16.53 -14.86 -49.79
C SER A 600 -15.09 -14.68 -49.53
N ARG A 601 -14.25 -14.86 -50.52
CA ARG A 601 -12.83 -14.59 -50.35
C ARG A 601 -12.35 -13.40 -51.14
N PHE A 602 -12.88 -13.16 -52.34
CA PHE A 602 -12.30 -12.09 -53.14
C PHE A 602 -13.00 -10.74 -52.96
N ILE A 603 -14.06 -10.65 -52.16
CA ILE A 603 -14.62 -9.34 -51.85
C ILE A 603 -13.84 -8.70 -50.69
N PRO A 604 -13.57 -9.42 -49.60
CA PRO A 604 -12.63 -8.88 -48.61
C PRO A 604 -11.28 -8.50 -49.20
N LEU A 605 -10.76 -9.34 -50.10
CA LEU A 605 -9.52 -9.00 -50.77
C LEU A 605 -9.68 -7.74 -51.62
N ALA A 606 -10.81 -7.58 -52.27
CA ALA A 606 -11.06 -6.36 -53.02
C ALA A 606 -11.05 -5.14 -52.11
N GLU A 607 -11.69 -5.24 -50.94
CA GLU A 607 -11.64 -4.13 -49.99
C GLU A 607 -10.21 -3.82 -49.60
N GLU A 608 -9.44 -4.85 -49.27
CA GLU A 608 -8.06 -4.63 -48.86
C GLU A 608 -7.21 -3.99 -49.95
N ILE A 609 -7.32 -4.44 -51.20
CA ILE A 609 -6.53 -3.89 -52.28
C ILE A 609 -7.20 -2.69 -52.94
N GLY A 610 -8.29 -2.20 -52.37
CA GLY A 610 -8.91 -0.99 -52.88
C GLY A 610 -9.50 -1.14 -54.27
N GLU A 611 -10.24 -2.22 -54.51
CA GLU A 611 -10.87 -2.44 -55.80
C GLU A 611 -12.38 -2.64 -55.71
N ILE A 612 -12.97 -2.47 -54.53
CA ILE A 612 -14.40 -2.71 -54.37
C ILE A 612 -15.21 -1.77 -55.24
N GLU A 613 -14.80 -0.51 -55.35
CA GLU A 613 -15.48 0.42 -56.24
C GLU A 613 -15.55 -0.15 -57.64
N ASN A 614 -14.42 -0.60 -58.16
CA ASN A 614 -14.36 -1.13 -59.51
C ASN A 614 -15.24 -2.35 -59.67
N ILE A 615 -15.18 -3.28 -58.72
CA ILE A 615 -15.95 -4.50 -58.88
C ILE A 615 -17.44 -4.19 -58.90
N GLY A 616 -17.86 -3.25 -58.06
CA GLY A 616 -19.26 -2.84 -58.10
C GLY A 616 -19.64 -2.27 -59.46
N ARG A 617 -18.79 -1.39 -59.98
CA ARG A 617 -19.09 -0.82 -61.29
C ARG A 617 -19.28 -1.92 -62.32
N TRP A 618 -18.34 -2.86 -62.36
CA TRP A 618 -18.40 -3.90 -63.39
C TRP A 618 -19.64 -4.75 -63.24
N VAL A 619 -20.00 -5.11 -62.01
CA VAL A 619 -21.17 -5.98 -61.84
C VAL A 619 -22.43 -5.28 -62.31
N ILE A 620 -22.61 -4.02 -61.94
CA ILE A 620 -23.81 -3.34 -62.41
C ILE A 620 -23.79 -3.25 -63.94
N ALA A 621 -22.63 -2.93 -64.52
CA ALA A 621 -22.54 -2.80 -65.96
C ALA A 621 -22.98 -4.08 -66.65
N GLU A 622 -22.45 -5.21 -66.21
CA GLU A 622 -22.80 -6.46 -66.87
C GLU A 622 -24.27 -6.79 -66.67
N ALA A 623 -24.83 -6.44 -65.51
CA ALA A 623 -26.27 -6.63 -65.34
C ALA A 623 -27.03 -5.90 -66.42
N CYS A 624 -26.66 -4.65 -66.67
CA CYS A 624 -27.32 -3.87 -67.72
C CYS A 624 -27.13 -4.54 -69.08
N ARG A 625 -25.92 -5.02 -69.36
CA ARG A 625 -25.66 -5.67 -70.64
C ARG A 625 -26.64 -6.81 -70.87
N GLN A 626 -26.74 -7.69 -69.88
CA GLN A 626 -27.60 -8.87 -70.04
C GLN A 626 -29.05 -8.45 -70.19
N LEU A 627 -29.51 -7.49 -69.39
CA LEU A 627 -30.90 -7.07 -69.50
C LEU A 627 -31.21 -6.53 -70.89
N ALA A 628 -30.32 -5.69 -71.42
CA ALA A 628 -30.53 -5.12 -72.75
C ALA A 628 -30.56 -6.21 -73.82
N GLU A 629 -29.57 -7.09 -73.82
CA GLU A 629 -29.54 -8.11 -74.86
C GLU A 629 -30.78 -8.99 -74.79
N TRP A 630 -31.26 -9.29 -73.58
CA TRP A 630 -32.44 -10.14 -73.48
C TRP A 630 -33.70 -9.44 -73.95
N ARG A 631 -33.88 -8.16 -73.59
CA ARG A 631 -35.02 -7.43 -74.14
C ARG A 631 -34.93 -7.35 -75.65
N SER A 632 -33.72 -7.36 -76.20
CA SER A 632 -33.58 -7.45 -77.65
C SER A 632 -34.36 -8.63 -78.21
N GLN A 633 -34.36 -9.74 -77.49
CA GLN A 633 -35.06 -10.95 -77.91
C GLN A 633 -36.54 -10.91 -77.56
N ASN A 634 -36.86 -10.63 -76.29
CA ASN A 634 -38.25 -10.55 -75.86
C ASN A 634 -38.30 -10.00 -74.44
N ILE A 635 -39.51 -9.84 -73.91
CA ILE A 635 -39.72 -9.27 -72.58
C ILE A 635 -39.01 -10.06 -71.49
N HIS A 636 -38.79 -11.35 -71.70
CA HIS A 636 -38.05 -12.22 -70.79
C HIS A 636 -38.09 -11.75 -69.34
N ILE A 637 -37.09 -10.98 -68.92
CA ILE A 637 -36.88 -10.72 -67.50
C ILE A 637 -37.88 -9.69 -67.00
N PRO A 638 -38.72 -10.02 -66.03
CA PRO A 638 -39.58 -8.98 -65.43
C PRO A 638 -38.78 -8.05 -64.53
N ALA A 639 -37.87 -8.59 -63.74
CA ALA A 639 -37.09 -7.75 -62.84
C ALA A 639 -35.75 -8.43 -62.56
N LEU A 640 -34.75 -7.60 -62.32
CA LEU A 640 -33.42 -8.07 -61.99
C LEU A 640 -32.95 -7.41 -60.71
N SER A 641 -32.21 -8.16 -59.90
CA SER A 641 -31.74 -7.70 -58.60
C SER A 641 -30.24 -7.85 -58.52
N VAL A 642 -29.59 -6.86 -57.91
CA VAL A 642 -28.14 -6.88 -57.70
C VAL A 642 -27.88 -6.48 -56.26
N ASN A 643 -27.05 -7.25 -55.58
CA ASN A 643 -26.80 -7.05 -54.15
C ASN A 643 -25.72 -6.00 -53.99
N LEU A 644 -26.13 -4.77 -53.65
CA LEU A 644 -25.16 -3.72 -53.41
C LEU A 644 -24.51 -3.85 -52.03
N SER A 645 -25.25 -4.32 -51.04
CA SER A 645 -24.67 -4.44 -49.71
C SER A 645 -23.54 -5.44 -49.70
N ALA A 646 -23.72 -6.58 -50.39
CA ALA A 646 -22.71 -7.64 -50.34
C ALA A 646 -21.39 -7.21 -50.97
N LEU A 647 -21.38 -6.09 -51.68
CA LEU A 647 -20.18 -5.56 -52.29
C LEU A 647 -19.69 -4.29 -51.61
N HIS A 648 -20.11 -4.06 -50.37
CA HIS A 648 -19.61 -2.92 -49.60
C HIS A 648 -19.79 -1.61 -50.36
N PHE A 649 -20.84 -1.55 -51.18
CA PHE A 649 -21.15 -0.36 -51.95
C PHE A 649 -21.20 0.86 -51.04
N ARG A 650 -20.31 1.80 -51.27
CA ARG A 650 -20.17 2.96 -50.39
C ARG A 650 -21.09 4.09 -50.85
N SER A 651 -21.11 5.15 -50.05
CA SER A 651 -22.01 6.26 -50.32
C SER A 651 -21.69 6.92 -51.66
N ASN A 652 -20.41 7.05 -51.97
CA ASN A 652 -19.98 7.82 -53.13
C ASN A 652 -20.32 7.15 -54.45
N GLN A 653 -21.08 6.06 -54.44
CA GLN A 653 -21.29 5.27 -55.65
C GLN A 653 -22.70 5.35 -56.20
N LEU A 654 -23.71 5.37 -55.36
CA LEU A 654 -25.08 5.05 -55.77
C LEU A 654 -25.55 5.85 -56.99
N PRO A 655 -25.72 7.17 -56.85
CA PRO A 655 -26.47 7.89 -57.89
C PRO A 655 -25.82 7.81 -59.25
N ASN A 656 -24.57 8.25 -59.36
CA ASN A 656 -23.91 8.22 -60.66
C ASN A 656 -23.76 6.79 -61.16
N GLN A 657 -23.23 5.90 -60.32
CA GLN A 657 -22.94 4.56 -60.79
C GLN A 657 -24.18 3.87 -61.32
N VAL A 658 -25.35 4.19 -60.78
CA VAL A 658 -26.57 3.61 -61.31
C VAL A 658 -27.01 4.34 -62.57
N SER A 659 -27.20 5.66 -62.46
CA SER A 659 -27.84 6.42 -63.52
C SER A 659 -27.02 6.38 -64.80
N ASP A 660 -25.70 6.48 -64.70
CA ASP A 660 -24.87 6.50 -65.89
C ASP A 660 -25.19 5.30 -66.78
N ALA A 661 -25.18 4.10 -66.22
CA ALA A 661 -25.49 2.92 -67.02
C ALA A 661 -26.96 2.91 -67.41
N MET A 662 -27.85 3.17 -66.44
CA MET A 662 -29.28 3.06 -66.70
C MET A 662 -29.69 3.93 -67.87
N HIS A 663 -28.98 5.03 -68.10
CA HIS A 663 -29.32 5.95 -69.17
C HIS A 663 -28.48 5.74 -70.42
N ALA A 664 -27.17 5.50 -70.29
CA ALA A 664 -26.36 5.19 -71.45
C ALA A 664 -26.97 4.02 -72.21
N TRP A 665 -27.52 3.04 -71.50
CA TRP A 665 -28.36 2.04 -72.13
C TRP A 665 -29.80 2.27 -71.68
N GLY A 666 -30.71 1.43 -72.16
CA GLY A 666 -32.11 1.60 -71.84
C GLY A 666 -32.61 0.63 -70.80
N ILE A 667 -32.81 1.11 -69.57
CA ILE A 667 -33.40 0.32 -68.49
C ILE A 667 -34.47 1.17 -67.83
N ASP A 668 -35.65 0.58 -67.64
CA ASP A 668 -36.82 1.34 -67.21
C ASP A 668 -36.94 1.44 -65.70
N GLY A 669 -35.83 1.46 -64.97
CA GLY A 669 -35.89 1.66 -63.54
C GLY A 669 -36.47 0.48 -62.81
N HIS A 670 -37.76 0.22 -63.03
CA HIS A 670 -38.40 -0.89 -62.35
C HIS A 670 -37.78 -2.23 -62.73
N GLN A 671 -37.01 -2.27 -63.81
CA GLN A 671 -36.35 -3.52 -64.19
C GLN A 671 -35.26 -3.93 -63.21
N LEU A 672 -34.41 -3.00 -62.79
CA LEU A 672 -33.30 -3.33 -61.92
C LEU A 672 -33.66 -2.96 -60.48
N THR A 673 -33.09 -3.73 -59.55
CA THR A 673 -33.34 -3.54 -58.13
C THR A 673 -32.00 -3.62 -57.40
N VAL A 674 -31.95 -2.99 -56.22
CA VAL A 674 -30.75 -2.94 -55.40
C VAL A 674 -31.12 -3.39 -54.00
N GLU A 675 -30.10 -3.79 -53.22
CA GLU A 675 -30.29 -4.36 -51.90
C GLU A 675 -29.35 -3.67 -50.92
N ILE A 676 -29.84 -3.42 -49.71
CA ILE A 676 -29.07 -2.80 -48.64
C ILE A 676 -29.30 -3.60 -47.36
N THR A 677 -28.41 -3.45 -46.39
CA THR A 677 -28.43 -4.24 -45.17
C THR A 677 -28.91 -3.45 -43.96
N GLU A 678 -29.39 -2.23 -44.18
CA GLU A 678 -30.00 -1.38 -43.17
C GLU A 678 -28.98 -0.84 -42.17
N SER A 679 -27.79 -1.43 -42.11
CA SER A 679 -26.76 -0.86 -41.25
C SER A 679 -26.09 0.30 -41.95
N MET A 680 -25.69 0.10 -43.19
CA MET A 680 -25.29 1.22 -44.03
C MET A 680 -26.43 2.22 -44.15
N MET A 681 -27.67 1.77 -43.97
CA MET A 681 -28.81 2.66 -44.11
C MET A 681 -29.01 3.58 -42.91
N MET A 682 -28.76 3.10 -41.70
CA MET A 682 -28.87 3.99 -40.55
C MET A 682 -27.98 5.21 -40.77
N GLU A 683 -28.46 6.37 -40.30
CA GLU A 683 -27.95 7.64 -40.81
C GLU A 683 -26.43 7.72 -40.78
N HIS A 684 -25.80 7.23 -39.71
CA HIS A 684 -24.36 7.39 -39.52
C HIS A 684 -23.91 8.80 -39.90
N ASP A 685 -23.20 8.95 -41.03
CA ASP A 685 -22.75 10.24 -41.50
C ASP A 685 -22.85 10.38 -43.01
N THR A 686 -23.37 9.37 -43.71
CA THR A 686 -23.51 9.42 -45.16
C THR A 686 -24.84 10.00 -45.60
N GLU A 687 -25.92 9.76 -44.86
CA GLU A 687 -27.24 10.20 -45.28
C GLU A 687 -27.54 9.71 -46.68
N ILE A 688 -27.20 8.44 -46.93
CA ILE A 688 -27.43 7.78 -48.22
C ILE A 688 -28.87 7.98 -48.64
N PHE A 689 -29.74 8.27 -47.66
CA PHE A 689 -31.16 8.47 -47.92
C PHE A 689 -31.42 9.23 -49.21
N LYS A 690 -30.73 10.35 -49.41
CA LYS A 690 -30.98 11.14 -50.61
C LYS A 690 -30.58 10.38 -51.88
N ARG A 691 -29.44 9.67 -51.84
CA ARG A 691 -29.00 8.93 -53.02
C ARG A 691 -30.00 7.82 -53.35
N ILE A 692 -30.42 7.07 -52.35
CA ILE A 692 -31.40 6.03 -52.59
C ILE A 692 -32.74 6.63 -53.01
N GLN A 693 -33.07 7.82 -52.53
CA GLN A 693 -34.28 8.50 -52.98
C GLN A 693 -34.17 8.82 -54.46
N ILE A 694 -33.00 9.27 -54.90
CA ILE A 694 -32.80 9.54 -56.32
C ILE A 694 -32.97 8.26 -57.12
N LEU A 695 -32.38 7.16 -56.64
CA LEU A 695 -32.54 5.89 -57.34
C LEU A 695 -34.01 5.50 -57.42
N ARG A 696 -34.73 5.63 -56.31
CA ARG A 696 -36.16 5.37 -56.30
C ARG A 696 -36.87 6.22 -57.34
N ASP A 697 -36.56 7.52 -57.38
CA ASP A 697 -37.16 8.41 -58.37
C ASP A 697 -36.94 7.87 -59.77
N MET A 698 -35.73 7.45 -60.07
CA MET A 698 -35.48 6.77 -61.33
C MET A 698 -36.31 5.49 -61.48
N GLY A 699 -36.70 4.89 -60.36
CA GLY A 699 -37.58 3.74 -60.39
C GLY A 699 -36.96 2.45 -59.91
N VAL A 700 -35.87 2.51 -59.14
CA VAL A 700 -35.22 1.30 -58.67
C VAL A 700 -35.91 0.79 -57.42
N GLY A 701 -36.25 -0.49 -57.40
CA GLY A 701 -36.84 -1.09 -56.21
C GLY A 701 -35.81 -1.14 -55.09
N LEU A 702 -36.30 -1.08 -53.85
CA LEU A 702 -35.44 -1.09 -52.68
C LEU A 702 -35.70 -2.35 -51.87
N SER A 703 -34.63 -3.08 -51.56
CA SER A 703 -34.70 -4.30 -50.79
C SER A 703 -33.87 -4.15 -49.53
N VAL A 704 -34.37 -4.70 -48.43
CA VAL A 704 -33.71 -4.59 -47.14
C VAL A 704 -33.80 -5.93 -46.42
N ASP A 705 -33.24 -5.96 -45.21
CA ASP A 705 -33.20 -7.15 -44.40
C ASP A 705 -33.79 -6.95 -43.02
N ASP A 706 -33.88 -5.72 -42.54
CA ASP A 706 -34.42 -5.45 -41.22
C ASP A 706 -35.13 -4.09 -41.25
N PHE A 707 -35.78 -3.76 -40.14
CA PHE A 707 -36.50 -2.50 -40.05
C PHE A 707 -35.76 -1.44 -39.27
N GLY A 708 -34.75 -1.80 -38.49
CA GLY A 708 -33.89 -0.82 -37.86
C GLY A 708 -34.02 -0.70 -36.37
N THR A 709 -33.78 0.51 -35.85
CA THR A 709 -33.71 0.70 -34.40
C THR A 709 -35.08 0.59 -33.75
N GLY A 710 -36.11 1.16 -34.37
CA GLY A 710 -37.43 1.15 -33.75
C GLY A 710 -38.44 1.88 -34.60
N PHE A 711 -39.25 2.70 -33.95
CA PHE A 711 -40.24 3.49 -34.69
C PHE A 711 -39.56 4.34 -35.74
N SER A 712 -38.46 4.99 -35.38
CA SER A 712 -37.75 5.80 -36.37
C SER A 712 -37.33 4.95 -37.55
N GLY A 713 -36.85 3.73 -37.28
CA GLY A 713 -36.42 2.87 -38.36
C GLY A 713 -37.57 2.49 -39.29
N LEU A 714 -38.70 2.08 -38.71
CA LEU A 714 -39.82 1.69 -39.54
C LEU A 714 -40.36 2.88 -40.33
N SER A 715 -40.43 4.04 -39.68
CA SER A 715 -40.88 5.24 -40.38
C SER A 715 -39.96 5.57 -41.53
N ARG A 716 -38.65 5.44 -41.33
CA ARG A 716 -37.72 5.69 -42.43
C ARG A 716 -37.93 4.69 -43.54
N LEU A 717 -38.13 3.41 -43.20
CA LEU A 717 -38.33 2.41 -44.23
C LEU A 717 -39.55 2.72 -45.08
N VAL A 718 -40.62 3.17 -44.45
CA VAL A 718 -41.85 3.43 -45.20
C VAL A 718 -41.84 4.81 -45.84
N SER A 719 -41.02 5.74 -45.36
CA SER A 719 -41.03 7.10 -45.89
C SER A 719 -40.65 7.16 -47.36
N LEU A 720 -39.65 6.38 -47.78
CA LEU A 720 -39.29 6.24 -49.19
C LEU A 720 -39.66 4.83 -49.61
N PRO A 721 -40.95 4.52 -49.59
CA PRO A 721 -41.38 3.12 -49.42
C PRO A 721 -40.49 2.13 -50.15
N VAL A 722 -39.89 1.23 -49.38
CA VAL A 722 -39.10 0.17 -49.98
C VAL A 722 -40.03 -0.85 -50.60
N THR A 723 -39.50 -1.65 -51.51
CA THR A 723 -40.31 -2.61 -52.23
C THR A 723 -40.25 -4.01 -51.65
N GLU A 724 -39.05 -4.55 -51.41
CA GLU A 724 -38.89 -5.94 -51.00
C GLU A 724 -38.29 -6.00 -49.61
N ILE A 725 -38.51 -7.13 -48.96
CA ILE A 725 -37.84 -7.44 -47.71
C ILE A 725 -37.42 -8.90 -47.76
N LYS A 726 -36.13 -9.17 -47.51
CA LYS A 726 -35.54 -10.46 -47.84
C LYS A 726 -35.17 -11.24 -46.60
N ILE A 727 -36.04 -12.17 -46.21
CA ILE A 727 -35.71 -13.10 -45.13
C ILE A 727 -34.39 -13.76 -45.51
N ASP A 728 -33.53 -13.98 -44.52
CA ASP A 728 -32.18 -14.46 -44.81
C ASP A 728 -32.13 -15.98 -44.72
N LYS A 729 -31.17 -16.55 -45.45
CA LYS A 729 -30.91 -17.98 -45.34
C LYS A 729 -30.62 -18.37 -43.91
N SER A 730 -29.94 -17.51 -43.15
CA SER A 730 -29.67 -17.83 -41.76
C SER A 730 -30.94 -18.14 -41.00
N PHE A 731 -32.03 -17.43 -41.33
CA PHE A 731 -33.30 -17.71 -40.67
C PHE A 731 -34.00 -18.90 -41.31
N VAL A 732 -34.00 -18.97 -42.64
CA VAL A 732 -34.75 -20.02 -43.30
C VAL A 732 -34.23 -21.38 -42.89
N ASP A 733 -32.91 -21.57 -42.92
CA ASP A 733 -32.32 -22.87 -42.62
C ASP A 733 -32.65 -23.33 -41.21
N ARG A 734 -32.60 -22.44 -40.23
CA ARG A 734 -32.89 -22.79 -38.84
C ARG A 734 -34.38 -22.74 -38.54
N CYS A 735 -35.21 -22.42 -39.53
CA CYS A 735 -36.65 -22.49 -39.32
C CYS A 735 -37.07 -23.87 -38.80
N LEU A 736 -36.62 -24.94 -39.46
CA LEU A 736 -36.97 -26.27 -38.98
C LEU A 736 -36.51 -26.48 -37.55
N THR A 737 -35.32 -25.99 -37.21
CA THR A 737 -34.84 -26.14 -35.85
C THR A 737 -35.73 -25.44 -34.85
N GLU A 738 -36.16 -24.21 -35.15
CA GLU A 738 -36.84 -23.36 -34.17
C GLU A 738 -38.23 -23.00 -34.67
N LYS A 739 -39.25 -23.28 -33.85
CA LYS A 739 -40.61 -22.83 -34.16
C LYS A 739 -40.76 -21.34 -33.96
N ARG A 740 -40.07 -20.78 -32.94
CA ARG A 740 -40.17 -19.34 -32.71
C ARG A 740 -39.70 -18.56 -33.93
N ILE A 741 -38.69 -19.07 -34.63
CA ILE A 741 -38.25 -18.41 -35.85
C ILE A 741 -39.36 -18.44 -36.89
N LEU A 742 -40.12 -19.53 -36.93
CA LEU A 742 -41.25 -19.57 -37.83
C LEU A 742 -42.24 -18.45 -37.51
N ALA A 743 -42.46 -18.20 -36.21
CA ALA A 743 -43.32 -17.09 -35.83
C ALA A 743 -42.73 -15.77 -36.29
N LEU A 744 -41.41 -15.61 -36.17
CA LEU A 744 -40.78 -14.39 -36.64
C LEU A 744 -41.04 -14.19 -38.13
N LEU A 745 -40.86 -15.25 -38.91
CA LEU A 745 -41.11 -15.16 -40.34
C LEU A 745 -42.57 -14.84 -40.62
N GLU A 746 -43.48 -15.43 -39.83
CA GLU A 746 -44.89 -15.11 -39.97
C GLU A 746 -45.14 -13.63 -39.76
N ALA A 747 -44.53 -13.07 -38.73
CA ALA A 747 -44.69 -11.65 -38.47
C ALA A 747 -44.15 -10.84 -39.63
N ILE A 748 -42.99 -11.22 -40.15
CA ILE A 748 -42.36 -10.44 -41.20
C ILE A 748 -43.23 -10.45 -42.46
N THR A 749 -43.72 -11.62 -42.84
CA THR A 749 -44.59 -11.71 -44.00
C THR A 749 -45.92 -10.99 -43.77
N SER A 750 -46.46 -11.03 -42.55
CA SER A 750 -47.69 -10.31 -42.28
C SER A 750 -47.49 -8.81 -42.44
N ILE A 751 -46.38 -8.30 -41.93
CA ILE A 751 -46.05 -6.90 -42.14
C ILE A 751 -45.91 -6.62 -43.62
N GLY A 752 -45.34 -7.57 -44.35
CA GLY A 752 -45.16 -7.39 -45.78
C GLY A 752 -46.49 -7.19 -46.47
N GLN A 753 -47.44 -8.07 -46.15
CA GLN A 753 -48.78 -7.93 -46.72
C GLN A 753 -49.40 -6.61 -46.29
N SER A 754 -49.18 -6.22 -45.03
CA SER A 754 -49.78 -5.00 -44.50
C SER A 754 -49.34 -3.79 -45.30
N LEU A 755 -48.04 -3.65 -45.53
CA LEU A 755 -47.49 -2.48 -46.19
C LEU A 755 -47.34 -2.67 -47.69
N ASN A 756 -47.84 -3.76 -48.24
CA ASN A 756 -47.72 -4.04 -49.67
C ASN A 756 -46.25 -4.24 -50.05
N LEU A 757 -45.51 -4.88 -49.16
CA LEU A 757 -44.09 -5.20 -49.37
C LEU A 757 -43.98 -6.61 -49.90
N THR A 758 -43.13 -6.80 -50.92
CA THR A 758 -42.89 -8.12 -51.48
C THR A 758 -41.88 -8.84 -50.59
N VAL A 759 -42.24 -10.02 -50.10
CA VAL A 759 -41.34 -10.73 -49.20
C VAL A 759 -40.60 -11.80 -49.97
N VAL A 760 -39.27 -11.70 -49.97
CA VAL A 760 -38.41 -12.67 -50.61
C VAL A 760 -37.85 -13.59 -49.55
N ALA A 761 -37.56 -14.82 -49.95
CA ALA A 761 -36.89 -15.77 -49.09
C ALA A 761 -35.70 -16.33 -49.82
N GLU A 762 -34.57 -16.42 -49.13
CA GLU A 762 -33.31 -16.81 -49.73
C GLU A 762 -32.82 -18.09 -49.09
N GLY A 763 -32.10 -18.89 -49.88
CA GLY A 763 -31.51 -20.10 -49.36
C GLY A 763 -32.46 -21.26 -49.23
N VAL A 764 -33.63 -21.18 -49.84
CA VAL A 764 -34.53 -22.32 -49.86
C VAL A 764 -33.82 -23.50 -50.51
N GLU A 765 -34.06 -24.70 -49.98
CA GLU A 765 -33.34 -25.90 -50.43
C GLU A 765 -34.23 -27.08 -50.77
N THR A 766 -35.31 -27.33 -50.03
CA THR A 766 -36.03 -28.60 -50.16
C THR A 766 -37.53 -28.36 -50.23
N LYS A 767 -38.23 -29.43 -50.58
CA LYS A 767 -39.70 -29.38 -50.63
C LYS A 767 -40.28 -29.04 -49.28
N GLU A 768 -39.57 -29.38 -48.20
CA GLU A 768 -40.12 -29.16 -46.87
C GLU A 768 -40.14 -27.68 -46.52
N GLN A 769 -38.99 -27.02 -46.64
CA GLN A 769 -38.95 -25.58 -46.44
C GLN A 769 -39.87 -24.89 -47.43
N PHE A 770 -40.00 -25.43 -48.65
CA PHE A 770 -40.93 -24.81 -49.58
C PHE A 770 -42.36 -24.89 -49.07
N GLU A 771 -42.76 -26.03 -48.51
CA GLU A 771 -44.11 -26.14 -47.96
C GLU A 771 -44.31 -25.17 -46.79
N MET A 772 -43.30 -25.06 -45.93
CA MET A 772 -43.39 -24.12 -44.82
C MET A 772 -43.65 -22.70 -45.33
N LEU A 773 -42.81 -22.24 -46.25
CA LEU A 773 -42.97 -20.90 -46.76
C LEU A 773 -44.31 -20.76 -47.50
N ARG A 774 -44.75 -21.81 -48.18
CA ARG A 774 -46.07 -21.78 -48.79
C ARG A 774 -47.13 -21.45 -47.77
N LYS A 775 -47.17 -22.18 -46.66
CA LYS A 775 -48.21 -21.94 -45.67
C LYS A 775 -48.05 -20.58 -45.00
N ILE A 776 -46.82 -20.06 -44.94
CA ILE A 776 -46.56 -18.78 -44.30
C ILE A 776 -46.67 -17.62 -45.29
N HIS A 777 -47.02 -17.88 -46.54
CA HIS A 777 -47.30 -16.82 -47.51
C HIS A 777 -46.05 -15.99 -47.80
N CYS A 778 -45.03 -16.65 -48.34
CA CYS A 778 -43.79 -15.98 -48.66
C CYS A 778 -43.87 -15.13 -49.93
N ARG A 779 -44.59 -15.59 -50.94
CA ARG A 779 -44.87 -14.85 -52.18
C ARG A 779 -43.73 -14.82 -53.19
N VAL A 780 -42.52 -15.25 -52.82
CA VAL A 780 -41.47 -15.58 -53.79
C VAL A 780 -40.45 -16.44 -53.09
N ILE A 781 -39.72 -17.24 -53.87
CA ILE A 781 -38.69 -18.12 -53.37
C ILE A 781 -37.47 -18.03 -54.28
N GLN A 782 -36.29 -17.98 -53.66
CA GLN A 782 -35.02 -18.00 -54.35
C GLN A 782 -34.12 -19.00 -53.65
N GLY A 783 -33.50 -19.87 -54.42
CA GLY A 783 -32.56 -20.82 -53.85
C GLY A 783 -32.31 -21.98 -54.79
N TYR A 784 -31.46 -22.89 -54.31
CA TYR A 784 -31.13 -24.09 -55.08
C TYR A 784 -32.37 -24.88 -55.48
N PHE A 785 -33.39 -24.87 -54.63
CA PHE A 785 -34.47 -25.84 -54.76
C PHE A 785 -35.16 -25.76 -56.10
N PHE A 786 -35.04 -24.65 -56.80
CA PHE A 786 -35.60 -24.52 -58.13
C PHE A 786 -34.57 -24.32 -59.22
N SER A 787 -33.44 -23.69 -58.91
CA SER A 787 -32.35 -23.63 -59.87
C SER A 787 -31.12 -23.10 -59.15
N ARG A 788 -30.04 -23.87 -59.16
CA ARG A 788 -28.77 -23.31 -58.77
C ARG A 788 -28.46 -22.17 -59.72
N PRO A 789 -27.77 -21.14 -59.27
CA PRO A 789 -27.49 -20.03 -60.18
C PRO A 789 -26.87 -20.57 -61.47
N LEU A 790 -27.62 -20.47 -62.55
CA LEU A 790 -27.17 -21.01 -63.82
C LEU A 790 -26.34 -19.98 -64.58
N PRO A 791 -25.34 -20.43 -65.34
CA PRO A 791 -24.53 -19.48 -66.10
C PRO A 791 -25.39 -18.56 -66.96
N ALA A 792 -24.79 -17.44 -67.35
CA ALA A 792 -25.57 -16.34 -67.91
C ALA A 792 -26.26 -16.70 -69.21
N GLU A 793 -25.80 -17.75 -69.90
CA GLU A 793 -26.31 -18.01 -71.24
C GLU A 793 -27.42 -19.04 -71.28
N GLU A 794 -27.54 -19.90 -70.27
CA GLU A 794 -28.60 -20.89 -70.30
C GLU A 794 -29.97 -20.29 -70.01
N ILE A 795 -30.02 -19.03 -69.60
CA ILE A 795 -31.27 -18.46 -69.09
C ILE A 795 -32.40 -18.53 -70.12
N PRO A 796 -32.21 -18.11 -71.38
CA PRO A 796 -33.33 -18.15 -72.33
C PRO A 796 -33.90 -19.53 -72.53
N GLY A 797 -33.09 -20.57 -72.38
CA GLY A 797 -33.58 -21.92 -72.53
C GLY A 797 -34.26 -22.40 -71.27
N TRP A 798 -33.60 -22.21 -70.12
CA TRP A 798 -34.16 -22.69 -68.87
C TRP A 798 -35.51 -22.05 -68.58
N MET A 799 -35.63 -20.73 -68.82
CA MET A 799 -36.88 -20.05 -68.53
C MET A 799 -38.06 -20.70 -69.23
N SER A 800 -37.96 -20.89 -70.55
CA SER A 800 -39.06 -21.41 -71.34
C SER A 800 -39.16 -22.93 -71.25
N SER A 801 -38.12 -23.60 -70.75
CA SER A 801 -38.13 -25.06 -70.68
C SER A 801 -38.55 -25.57 -69.31
N VAL A 802 -38.59 -24.72 -68.29
CA VAL A 802 -38.90 -25.18 -66.94
C VAL A 802 -40.09 -24.41 -66.39
N LEU A 803 -40.33 -23.20 -66.90
CA LEU A 803 -41.43 -22.40 -66.39
C LEU A 803 -42.69 -22.63 -67.23
N PRO A 804 -43.87 -22.61 -66.60
CA PRO A 804 -44.07 -22.44 -65.16
C PRO A 804 -43.73 -23.71 -64.38
N LEU A 805 -42.77 -23.61 -63.48
CA LEU A 805 -42.40 -24.75 -62.64
C LEU A 805 -43.45 -24.91 -61.55
N LYS A 806 -44.68 -25.17 -61.99
CA LYS A 806 -45.80 -25.23 -61.05
C LYS A 806 -45.77 -26.53 -60.27
N GLY B 20 52.82 -31.75 73.60
CA GLY B 20 51.96 -32.04 72.48
C GLY B 20 52.03 -30.96 71.40
N ILE B 21 51.62 -31.35 70.19
CA ILE B 21 51.60 -30.42 69.06
C ILE B 21 50.59 -29.31 69.24
N PHE B 22 49.71 -29.39 70.24
CA PHE B 22 48.72 -28.35 70.45
C PHE B 22 49.38 -27.02 70.82
N PHE B 23 50.52 -27.07 71.49
CA PHE B 23 51.20 -25.85 71.94
C PHE B 23 51.85 -25.14 70.76
N PRO B 24 52.74 -25.78 70.01
CA PRO B 24 53.36 -25.07 68.87
C PRO B 24 52.35 -24.57 67.86
N ALA B 25 51.22 -25.27 67.71
CA ALA B 25 50.23 -24.89 66.72
C ALA B 25 49.76 -23.45 66.92
N LEU B 26 49.84 -22.93 68.14
CA LEU B 26 49.46 -21.57 68.43
C LEU B 26 50.65 -20.69 68.84
N GLU B 27 51.48 -21.17 69.77
CA GLU B 27 52.59 -20.36 70.25
C GLU B 27 53.55 -19.97 69.14
N GLN B 28 53.95 -20.93 68.30
CA GLN B 28 54.85 -20.67 67.19
C GLN B 28 54.13 -20.21 65.94
N ASN B 29 52.79 -20.15 65.97
CA ASN B 29 52.04 -19.78 64.78
C ASN B 29 52.33 -18.35 64.37
N MET B 30 52.41 -18.13 63.05
CA MET B 30 52.55 -16.79 62.51
C MET B 30 51.21 -16.08 62.37
N MET B 31 50.11 -16.74 62.72
CA MET B 31 48.80 -16.12 62.65
C MET B 31 48.46 -15.43 63.96
N GLY B 32 48.15 -14.14 63.88
CA GLY B 32 47.88 -13.36 65.07
C GLY B 32 46.61 -13.84 65.76
N ALA B 33 46.73 -14.24 67.01
CA ALA B 33 45.60 -14.70 67.80
C ALA B 33 45.76 -14.23 69.24
N VAL B 34 44.65 -13.75 69.82
CA VAL B 34 44.65 -13.26 71.20
C VAL B 34 43.44 -13.86 71.91
N LEU B 35 43.57 -14.06 73.21
CA LEU B 35 42.51 -14.63 74.03
C LEU B 35 42.25 -13.72 75.23
N ILE B 36 40.98 -13.54 75.57
CA ILE B 36 40.57 -12.74 76.72
C ILE B 36 39.60 -13.55 77.56
N ASN B 37 39.77 -13.46 78.88
CA ASN B 37 38.97 -14.22 79.83
C ASN B 37 37.75 -13.41 80.26
N GLU B 38 37.06 -13.87 81.31
CA GLU B 38 35.89 -13.16 81.82
C GLU B 38 36.24 -11.74 82.24
N ASN B 39 37.47 -11.50 82.69
CA ASN B 39 37.93 -10.17 83.06
C ASN B 39 38.52 -9.40 81.90
N ASP B 40 38.44 -9.94 80.68
CA ASP B 40 38.98 -9.30 79.49
C ASP B 40 40.51 -9.22 79.54
N GLU B 41 41.11 -9.99 80.44
CA GLU B 41 42.56 -10.01 80.58
C GLU B 41 43.18 -10.89 79.51
N VAL B 42 44.25 -10.39 78.89
CA VAL B 42 44.92 -11.10 77.80
C VAL B 42 45.73 -12.24 78.41
N MET B 43 45.36 -13.47 78.06
CA MET B 43 46.08 -14.65 78.53
C MET B 43 47.05 -15.21 77.50
N PHE B 44 46.87 -14.86 76.22
CA PHE B 44 47.76 -15.32 75.17
C PHE B 44 47.91 -14.22 74.13
N PHE B 45 49.15 -14.01 73.67
CA PHE B 45 49.42 -12.95 72.70
C PHE B 45 50.58 -13.43 71.83
N ASN B 46 50.28 -13.86 70.62
CA ASN B 46 51.27 -14.51 69.77
C ASN B 46 52.26 -13.50 69.20
N PRO B 47 53.44 -13.97 68.78
CA PRO B 47 54.39 -13.05 68.12
C PRO B 47 53.82 -12.39 66.89
N ALA B 48 52.89 -13.03 66.19
CA ALA B 48 52.19 -12.35 65.11
C ALA B 48 51.40 -11.17 65.64
N ALA B 49 50.73 -11.34 66.77
CA ALA B 49 50.04 -10.22 67.40
C ALA B 49 51.04 -9.13 67.80
N GLU B 50 52.23 -9.54 68.24
CA GLU B 50 53.26 -8.55 68.56
C GLU B 50 53.64 -7.76 67.31
N LYS B 51 53.92 -8.44 66.21
CA LYS B 51 54.19 -7.79 64.94
C LYS B 51 53.07 -6.86 64.51
N LEU B 52 51.82 -7.22 64.79
CA LEU B 52 50.68 -6.38 64.41
C LEU B 52 50.63 -5.11 65.26
N TRP B 53 50.52 -5.27 66.58
CA TRP B 53 50.24 -4.14 67.45
C TRP B 53 51.47 -3.33 67.80
N GLY B 54 52.60 -3.97 68.10
CA GLY B 54 53.77 -3.29 68.59
C GLY B 54 54.01 -3.46 70.08
N TYR B 55 53.12 -4.13 70.80
CA TYR B 55 53.32 -4.39 72.21
C TYR B 55 54.23 -5.59 72.42
N LYS B 56 54.58 -5.83 73.70
CA LYS B 56 55.31 -7.03 74.07
C LYS B 56 54.39 -8.00 74.77
N ARG B 57 54.69 -9.29 74.64
CA ARG B 57 53.83 -10.32 75.23
C ARG B 57 53.76 -10.17 76.75
N GLU B 58 54.91 -9.96 77.38
CA GLU B 58 54.94 -9.78 78.83
C GLU B 58 54.25 -8.50 79.28
N GLU B 59 54.17 -7.50 78.41
CA GLU B 59 53.49 -6.25 78.74
C GLU B 59 51.98 -6.32 78.51
N VAL B 60 51.54 -7.17 77.59
CA VAL B 60 50.11 -7.25 77.27
C VAL B 60 49.42 -8.34 78.08
N ILE B 61 50.13 -9.43 78.41
CA ILE B 61 49.51 -10.53 79.12
C ILE B 61 49.02 -10.06 80.48
N GLY B 62 47.78 -10.43 80.82
CA GLY B 62 47.19 -10.08 82.09
C GLY B 62 46.62 -8.68 82.17
N ASN B 63 46.64 -7.92 81.08
CA ASN B 63 46.15 -6.56 81.06
C ASN B 63 44.83 -6.46 80.30
N ASN B 64 44.13 -5.35 80.49
CA ASN B 64 42.84 -5.15 79.87
C ASN B 64 42.96 -5.13 78.36
N ILE B 65 41.98 -5.71 77.68
CA ILE B 65 41.97 -5.73 76.22
C ILE B 65 41.95 -4.31 75.68
N ASP B 66 41.41 -3.36 76.44
CA ASP B 66 41.35 -1.99 75.97
C ASP B 66 42.71 -1.48 75.55
N MET B 67 43.78 -1.88 76.26
CA MET B 67 45.11 -1.42 75.89
C MET B 67 45.40 -1.66 74.41
N LEU B 68 45.02 -2.84 73.90
CA LEU B 68 45.12 -3.12 72.48
C LEU B 68 44.03 -2.44 71.67
N ILE B 69 42.83 -2.32 72.23
CA ILE B 69 41.73 -1.64 71.54
C ILE B 69 42.13 -0.19 71.29
N PRO B 70 41.76 0.42 70.17
CA PRO B 70 42.12 1.82 69.93
C PRO B 70 41.58 2.72 71.03
N ARG B 71 42.38 3.73 71.39
CA ARG B 71 42.01 4.61 72.50
C ARG B 71 40.66 5.28 72.25
N ASP B 72 40.41 5.75 71.02
CA ASP B 72 39.14 6.38 70.71
C ASP B 72 37.97 5.43 70.83
N LEU B 73 38.20 4.12 70.73
CA LEU B 73 37.14 3.12 70.80
C LEU B 73 37.15 2.35 72.11
N ARG B 74 38.22 2.44 72.90
CA ARG B 74 38.33 1.68 74.15
C ARG B 74 37.15 1.85 75.10
N PRO B 75 36.61 3.05 75.32
CA PRO B 75 35.56 3.20 76.35
C PRO B 75 34.37 2.28 76.15
N ALA B 76 33.95 2.04 74.91
CA ALA B 76 32.76 1.24 74.66
C ALA B 76 33.06 -0.26 74.55
N HIS B 77 34.32 -0.64 74.38
CA HIS B 77 34.66 -2.04 74.19
C HIS B 77 34.24 -2.88 75.39
N PRO B 78 34.51 -2.44 76.62
CA PRO B 78 34.00 -3.18 77.78
C PRO B 78 32.50 -3.32 77.77
N GLU B 79 31.77 -2.29 77.31
CA GLU B 79 30.31 -2.40 77.22
C GLU B 79 29.90 -3.48 76.22
N TYR B 80 30.59 -3.54 75.07
CA TYR B 80 30.28 -4.60 74.10
C TYR B 80 30.56 -5.97 74.68
N ILE B 81 31.68 -6.12 75.40
CA ILE B 81 32.01 -7.40 76.00
C ILE B 81 30.95 -7.79 77.02
N ARG B 82 30.52 -6.84 77.85
CA ARG B 82 29.49 -7.11 78.84
C ARG B 82 28.18 -7.52 78.15
N HIS B 83 27.81 -6.83 77.07
CA HIS B 83 26.60 -7.18 76.35
C HIS B 83 26.69 -8.60 75.80
N ASN B 84 27.83 -8.96 75.21
CA ASN B 84 28.00 -10.32 74.72
C ASN B 84 27.92 -11.34 75.85
N ARG B 85 28.56 -11.05 76.99
CA ARG B 85 28.57 -12.00 78.11
C ARG B 85 27.17 -12.21 78.67
N GLU B 86 26.39 -11.14 78.81
CA GLU B 86 25.12 -11.21 79.51
C GLU B 86 23.94 -11.54 78.61
N GLY B 87 23.79 -10.83 77.48
CA GLY B 87 22.61 -11.02 76.64
C GLY B 87 22.60 -12.28 75.82
N GLY B 88 23.72 -13.00 75.73
CA GLY B 88 23.79 -14.22 74.97
C GLY B 88 23.97 -13.98 73.49
N LYS B 89 23.15 -13.10 72.91
CA LYS B 89 23.23 -12.76 71.49
C LYS B 89 23.08 -14.00 70.62
N ALA B 90 22.12 -14.85 70.98
CA ALA B 90 21.81 -16.07 70.24
C ALA B 90 22.97 -17.06 70.24
N ARG B 91 23.93 -16.90 71.15
CA ARG B 91 25.08 -17.80 71.24
C ARG B 91 25.81 -17.90 69.90
N VAL B 92 25.99 -16.78 69.23
CA VAL B 92 26.70 -16.79 67.95
C VAL B 92 28.12 -17.28 68.17
N GLU B 93 28.49 -18.33 67.43
CA GLU B 93 29.80 -18.95 67.62
C GLU B 93 30.94 -18.02 67.19
N GLY B 94 30.80 -17.32 66.08
CA GLY B 94 31.87 -16.47 65.60
C GLY B 94 31.42 -15.58 64.48
N MET B 95 32.31 -14.69 64.08
CA MET B 95 32.04 -13.73 63.02
C MET B 95 33.38 -13.19 62.51
N SER B 96 33.34 -12.46 61.40
CA SER B 96 34.55 -11.88 60.85
C SER B 96 34.21 -10.61 60.08
N ARG B 97 35.10 -9.62 60.20
CA ARG B 97 34.97 -8.37 59.46
C ARG B 97 36.27 -7.58 59.61
N GLU B 98 36.29 -6.40 58.99
CA GLU B 98 37.49 -5.56 59.00
C GLU B 98 37.33 -4.39 59.96
N LEU B 99 38.45 -3.93 60.51
CA LEU B 99 38.46 -2.73 61.34
C LEU B 99 39.86 -2.13 61.34
N GLN B 100 39.94 -0.86 61.71
CA GLN B 100 41.20 -0.13 61.73
C GLN B 100 41.87 -0.34 63.09
N LEU B 101 43.04 -0.99 63.08
CA LEU B 101 43.77 -1.24 64.31
C LEU B 101 44.64 -0.04 64.68
N GLU B 102 44.84 0.15 65.97
CA GLU B 102 45.72 1.19 66.49
C GLU B 102 46.89 0.52 67.19
N LYS B 103 48.11 0.83 66.74
CA LYS B 103 49.30 0.21 67.27
C LYS B 103 49.73 0.88 68.57
N LYS B 104 50.68 0.24 69.26
CA LYS B 104 51.20 0.81 70.49
C LYS B 104 51.85 2.16 70.26
N ASP B 105 52.60 2.30 69.16
CA ASP B 105 53.25 3.56 68.83
C ASP B 105 52.27 4.66 68.46
N GLY B 106 50.99 4.33 68.26
CA GLY B 106 50.00 5.29 67.84
C GLY B 106 49.63 5.23 66.38
N SER B 107 50.44 4.58 65.54
CA SER B 107 50.09 4.42 64.15
C SER B 107 48.88 3.51 64.00
N LYS B 108 48.02 3.85 63.05
CA LYS B 108 46.79 3.12 62.80
C LYS B 108 46.87 2.41 61.46
N ILE B 109 46.44 1.15 61.44
CA ILE B 109 46.45 0.33 60.23
C ILE B 109 45.12 -0.41 60.13
N TRP B 110 44.81 -0.84 58.91
CA TRP B 110 43.58 -1.57 58.63
C TRP B 110 43.85 -3.07 58.66
N THR B 111 43.01 -3.81 59.39
CA THR B 111 43.20 -5.25 59.56
C THR B 111 41.86 -5.97 59.49
N ARG B 112 41.84 -7.09 58.78
CA ARG B 112 40.72 -8.02 58.88
C ARG B 112 40.85 -8.80 60.19
N PHE B 113 39.73 -9.33 60.67
CA PHE B 113 39.80 -10.13 61.89
C PHE B 113 38.50 -10.92 62.03
N ALA B 114 38.52 -11.82 63.00
CA ALA B 114 37.39 -12.67 63.31
C ALA B 114 37.36 -12.95 64.81
N LEU B 115 36.16 -13.07 65.35
CA LEU B 115 35.92 -13.39 66.74
C LEU B 115 35.30 -14.77 66.84
N SER B 116 35.69 -15.52 67.87
CA SER B 116 35.12 -16.82 68.18
C SER B 116 34.91 -16.89 69.69
N LYS B 117 33.84 -17.58 70.10
CA LYS B 117 33.55 -17.74 71.51
C LYS B 117 34.08 -19.08 72.01
N VAL B 118 34.91 -19.02 73.05
CA VAL B 118 35.52 -20.21 73.64
C VAL B 118 35.28 -20.16 75.14
N SER B 119 35.31 -21.34 75.77
CA SER B 119 35.04 -21.46 77.19
C SER B 119 36.12 -22.31 77.85
N ALA B 120 36.62 -21.82 78.99
CA ALA B 120 37.60 -22.54 79.79
C ALA B 120 37.16 -22.52 81.24
N GLU B 121 37.23 -23.67 81.89
CA GLU B 121 36.80 -23.85 83.28
C GLU B 121 35.31 -23.55 83.45
N GLY B 122 34.53 -23.66 82.37
CA GLY B 122 33.13 -23.34 82.40
C GLY B 122 32.80 -21.87 82.34
N LYS B 123 33.80 -21.00 82.15
CA LYS B 123 33.58 -19.57 82.10
C LYS B 123 33.46 -19.12 80.64
N VAL B 124 33.42 -17.81 80.44
CA VAL B 124 33.24 -17.21 79.11
C VAL B 124 34.58 -16.61 78.68
N TYR B 125 35.09 -17.08 77.54
CA TYR B 125 36.32 -16.59 76.95
C TYR B 125 36.07 -16.21 75.50
N TYR B 126 36.93 -15.33 74.98
CA TYR B 126 36.82 -14.87 73.60
C TYR B 126 38.18 -14.95 72.92
N LEU B 127 38.18 -15.39 71.66
CA LEU B 127 39.41 -15.55 70.88
C LEU B 127 39.28 -14.72 69.62
N ALA B 128 40.25 -13.83 69.40
CA ALA B 128 40.28 -12.98 68.22
C ALA B 128 41.47 -13.32 67.34
N LEU B 129 41.19 -13.57 66.07
CA LEU B 129 42.20 -13.88 65.06
C LEU B 129 42.29 -12.71 64.10
N VAL B 130 43.49 -12.40 63.64
CA VAL B 130 43.75 -11.18 62.88
C VAL B 130 44.43 -11.54 61.56
N ARG B 131 44.05 -10.80 60.51
CA ARG B 131 44.67 -10.91 59.20
C ARG B 131 45.05 -9.52 58.75
N ASP B 132 46.18 -9.43 58.06
CA ASP B 132 46.68 -8.18 57.49
C ASP B 132 45.90 -7.94 56.20
N ALA B 133 44.87 -7.10 56.28
CA ALA B 133 44.01 -6.84 55.13
C ALA B 133 44.73 -6.00 54.10
N SER B 134 45.29 -6.63 53.07
CA SER B 134 45.91 -5.92 51.97
C SER B 134 45.08 -6.08 50.72
N VAL B 135 44.87 -7.33 50.28
CA VAL B 135 43.98 -7.59 49.17
C VAL B 135 42.56 -7.19 49.54
N GLU B 136 42.15 -7.51 50.77
CA GLU B 136 40.81 -7.16 51.24
C GLU B 136 40.64 -5.65 51.23
N MET B 137 41.65 -4.92 51.72
CA MET B 137 41.56 -3.46 51.75
C MET B 137 41.47 -2.90 50.34
N ALA B 138 42.37 -3.34 49.47
CA ALA B 138 42.37 -2.82 48.10
C ALA B 138 41.03 -3.10 47.44
N GLN B 139 40.54 -4.33 47.54
CA GLN B 139 39.30 -4.72 46.88
C GLN B 139 38.08 -4.05 47.48
N LYS B 140 38.06 -3.79 48.79
CA LYS B 140 36.96 -3.02 49.35
C LYS B 140 36.97 -1.61 48.81
N GLU B 141 38.14 -0.96 48.79
CA GLU B 141 38.26 0.34 48.16
C GLU B 141 37.71 0.29 46.74
N GLN B 142 38.12 -0.72 45.98
CA GLN B 142 37.63 -0.85 44.62
C GLN B 142 36.11 -0.96 44.61
N THR B 143 35.58 -2.06 45.16
CA THR B 143 34.12 -2.25 45.20
C THR B 143 33.41 -0.92 45.45
N ARG B 144 33.90 -0.15 46.42
CA ARG B 144 33.35 1.18 46.62
C ARG B 144 33.44 1.95 45.31
N GLN B 145 34.67 2.26 44.89
CA GLN B 145 34.87 3.14 43.75
C GLN B 145 34.01 2.70 42.56
N LEU B 146 33.84 1.39 42.39
CA LEU B 146 33.13 0.86 41.23
C LEU B 146 31.64 1.11 41.35
N ILE B 147 31.04 0.70 42.48
CA ILE B 147 29.62 0.98 42.66
C ILE B 147 29.39 2.47 42.57
N ILE B 148 30.31 3.25 43.12
CA ILE B 148 30.20 4.70 43.10
C ILE B 148 30.18 5.21 41.67
N ALA B 149 31.08 4.69 40.84
CA ALA B 149 31.17 5.16 39.46
C ALA B 149 29.92 4.78 38.68
N VAL B 150 29.49 3.53 38.79
CA VAL B 150 28.31 3.12 38.04
C VAL B 150 27.11 3.93 38.48
N ASP B 151 26.91 4.09 39.79
CA ASP B 151 25.80 4.88 40.27
C ASP B 151 25.88 6.31 39.78
N HIS B 152 27.06 6.92 39.84
CA HIS B 152 27.22 8.26 39.32
C HIS B 152 26.71 8.33 37.89
N LEU B 153 27.14 7.40 37.06
CA LEU B 153 26.57 7.33 35.73
C LEU B 153 25.16 6.74 35.84
N ASP B 154 24.31 7.06 34.87
CA ASP B 154 22.90 6.66 34.90
C ASP B 154 22.55 5.84 33.67
N ARG B 155 23.41 4.89 33.31
CA ARG B 155 23.15 4.00 32.18
C ARG B 155 22.88 2.59 32.69
N PRO B 156 21.70 2.03 32.47
CA PRO B 156 21.48 0.65 32.87
C PRO B 156 22.50 -0.27 32.21
N VAL B 157 22.98 -1.24 32.98
CA VAL B 157 23.85 -2.27 32.45
C VAL B 157 23.67 -3.50 33.31
N ILE B 158 23.73 -4.67 32.69
CA ILE B 158 23.63 -5.93 33.38
C ILE B 158 24.64 -6.89 32.79
N VAL B 159 24.81 -8.04 33.43
CA VAL B 159 25.75 -9.07 32.98
C VAL B 159 25.03 -10.41 32.98
N LEU B 160 25.34 -11.24 31.98
CA LEU B 160 24.72 -12.54 31.80
C LEU B 160 25.80 -13.62 31.81
N ASP B 161 25.50 -14.72 32.51
CA ASP B 161 26.36 -15.89 32.52
C ASP B 161 26.22 -16.62 31.18
N PRO B 162 27.01 -17.67 30.95
CA PRO B 162 26.88 -18.40 29.69
C PRO B 162 25.50 -18.97 29.47
N GLU B 163 24.74 -19.22 30.53
CA GLU B 163 23.36 -19.70 30.42
C GLU B 163 22.37 -18.59 30.07
N ARG B 164 22.85 -17.41 29.66
CA ARG B 164 21.99 -16.27 29.35
C ARG B 164 21.05 -15.97 30.51
N HIS B 165 21.61 -15.94 31.72
CA HIS B 165 20.86 -15.60 32.93
C HIS B 165 21.52 -14.40 33.59
N ILE B 166 20.73 -13.36 33.86
CA ILE B 166 21.26 -12.14 34.44
C ILE B 166 21.83 -12.44 35.83
N VAL B 167 23.06 -11.99 36.06
CA VAL B 167 23.72 -12.19 37.36
C VAL B 167 24.33 -10.89 37.85
N GLN B 168 23.93 -9.78 37.23
CA GLN B 168 24.43 -8.47 37.62
C GLN B 168 23.36 -7.43 37.32
N CYS B 169 23.34 -6.38 38.14
CA CYS B 169 22.39 -5.30 37.97
C CYS B 169 23.08 -4.00 38.38
N ASN B 170 22.33 -2.90 38.32
CA ASN B 170 22.80 -1.61 38.80
C ASN B 170 21.58 -0.76 39.14
N ARG B 171 21.82 0.32 39.88
CA ARG B 171 20.73 1.21 40.23
C ARG B 171 20.00 1.72 38.99
N ALA B 172 20.74 1.99 37.90
CA ALA B 172 20.10 2.42 36.67
C ALA B 172 19.15 1.35 36.15
N PHE B 173 19.60 0.10 36.10
CA PHE B 173 18.75 -0.98 35.62
C PHE B 173 17.51 -1.12 36.48
N THR B 174 17.68 -1.11 37.80
CA THR B 174 16.52 -1.30 38.66
C THR B 174 15.54 -0.15 38.57
N GLU B 175 16.01 1.09 38.61
CA GLU B 175 15.09 2.21 38.53
C GLU B 175 14.36 2.24 37.18
N MET B 176 15.06 1.95 36.09
CA MET B 176 14.42 2.01 34.78
C MET B 176 13.58 0.81 34.46
N PHE B 177 13.78 -0.31 35.16
CA PHE B 177 13.06 -1.55 34.91
C PHE B 177 12.33 -2.07 36.12
N GLY B 178 12.54 -1.48 37.30
CA GLY B 178 11.90 -1.97 38.49
C GLY B 178 12.57 -3.20 39.06
N TYR B 179 12.85 -4.18 38.21
CA TYR B 179 13.48 -5.41 38.67
C TYR B 179 14.86 -5.10 39.24
N CYS B 180 15.43 -6.10 39.90
CA CYS B 180 16.79 -6.00 40.42
C CYS B 180 17.25 -7.39 40.81
N ILE B 181 18.52 -7.46 41.23
CA ILE B 181 19.13 -8.76 41.52
C ILE B 181 18.34 -9.50 42.58
N SER B 182 17.73 -8.77 43.51
CA SER B 182 16.93 -9.41 44.55
C SER B 182 15.82 -10.27 43.95
N GLU B 183 15.29 -9.86 42.80
CA GLU B 183 14.24 -10.60 42.13
C GLU B 183 14.66 -11.17 40.78
N ALA B 184 15.54 -10.48 40.05
CA ALA B 184 15.92 -10.87 38.70
C ALA B 184 17.09 -11.83 38.65
N SER B 185 17.72 -12.13 39.78
CA SER B 185 18.93 -12.94 39.77
C SER B 185 18.65 -14.30 39.14
N GLY B 186 19.55 -14.69 38.23
CA GLY B 186 19.49 -16.03 37.65
C GLY B 186 18.22 -16.34 36.89
N MET B 187 17.78 -15.42 36.03
CA MET B 187 16.60 -15.68 35.20
C MET B 187 16.80 -15.04 33.84
N GLN B 188 16.32 -15.74 32.82
CA GLN B 188 16.65 -15.38 31.44
C GLN B 188 16.13 -13.97 31.13
N PRO B 189 16.89 -13.16 30.38
CA PRO B 189 16.41 -11.82 30.07
C PRO B 189 15.05 -11.76 29.40
N ASP B 190 14.75 -12.67 28.47
CA ASP B 190 13.45 -12.59 27.81
C ASP B 190 12.32 -12.74 28.83
N THR B 191 12.42 -13.74 29.70
CA THR B 191 11.39 -13.92 30.71
C THR B 191 11.34 -12.73 31.66
N LEU B 192 12.51 -12.23 32.06
CA LEU B 192 12.54 -11.08 32.94
C LEU B 192 11.91 -9.85 32.28
N LEU B 193 11.97 -9.78 30.96
CA LEU B 193 11.62 -8.58 30.22
C LEU B 193 10.29 -8.79 29.53
N ASN B 194 9.22 -8.28 30.13
CA ASN B 194 7.91 -8.29 29.51
C ASN B 194 7.95 -7.51 28.21
N THR B 195 7.17 -7.97 27.24
CA THR B 195 7.10 -7.35 25.93
C THR B 195 5.65 -7.27 25.49
N PRO B 196 5.33 -6.33 24.59
CA PRO B 196 3.96 -6.26 24.06
C PRO B 196 3.62 -7.50 23.26
N GLU B 197 2.34 -7.58 22.86
CA GLU B 197 1.86 -8.74 22.13
C GLU B 197 2.24 -8.68 20.66
N PHE B 198 3.44 -9.19 20.34
CA PHE B 198 3.98 -9.28 18.98
C PHE B 198 3.56 -8.09 18.11
N PRO B 199 3.78 -6.86 18.57
CA PRO B 199 3.44 -5.71 17.70
C PRO B 199 4.22 -5.71 16.39
N ALA B 200 5.48 -6.13 16.43
CA ALA B 200 6.32 -6.19 15.24
C ALA B 200 7.18 -7.45 15.27
N ASP B 201 6.68 -8.50 15.91
CA ASP B 201 7.43 -9.75 16.06
C ASP B 201 8.80 -9.49 16.70
N ASN B 202 8.82 -8.70 17.76
CA ASN B 202 10.08 -8.41 18.44
C ASN B 202 10.44 -9.51 19.43
N ARG B 203 9.56 -10.49 19.63
CA ARG B 203 9.88 -11.61 20.50
C ARG B 203 11.11 -12.34 19.98
N ILE B 204 11.11 -12.67 18.69
CA ILE B 204 12.25 -13.35 18.10
C ILE B 204 13.47 -12.46 18.17
N ARG B 205 13.32 -11.17 17.91
CA ARG B 205 14.45 -10.24 18.02
C ARG B 205 15.12 -10.37 19.38
N LEU B 206 14.33 -10.27 20.45
CA LEU B 206 14.89 -10.40 21.79
C LEU B 206 15.53 -11.76 21.99
N GLN B 207 14.83 -12.81 21.57
CA GLN B 207 15.34 -14.16 21.78
C GLN B 207 16.72 -14.34 21.15
N GLN B 208 16.88 -13.96 19.88
CA GLN B 208 18.17 -14.23 19.24
C GLN B 208 19.22 -13.25 19.72
N LEU B 209 18.89 -11.97 19.87
CA LEU B 209 19.89 -11.04 20.38
C LEU B 209 20.45 -11.54 21.69
N LEU B 210 19.61 -12.15 22.53
CA LEU B 210 20.17 -12.75 23.73
C LEU B 210 20.92 -14.03 23.43
N TRP B 211 21.12 -14.36 22.15
CA TRP B 211 21.85 -15.55 21.75
C TRP B 211 23.01 -15.26 20.82
N LYS B 212 23.22 -14.01 20.43
CA LYS B 212 24.34 -13.66 19.57
C LYS B 212 25.65 -14.09 20.20
N THR B 213 26.55 -14.63 19.39
CA THR B 213 27.85 -15.08 19.87
C THR B 213 28.94 -14.04 19.72
N ALA B 214 28.60 -12.82 19.31
CA ALA B 214 29.56 -11.74 19.17
C ALA B 214 28.88 -10.43 19.56
N ARG B 215 29.70 -9.40 19.78
CA ARG B 215 29.18 -8.11 20.19
C ARG B 215 28.15 -7.62 19.16
N ASP B 216 26.95 -7.31 19.64
CA ASP B 216 25.83 -6.97 18.77
C ASP B 216 24.96 -5.94 19.47
N GLN B 217 23.94 -5.46 18.74
CA GLN B 217 23.08 -4.42 19.28
C GLN B 217 21.88 -4.21 18.37
N ASP B 218 20.71 -4.01 19.00
CA ASP B 218 19.48 -3.64 18.29
C ASP B 218 18.58 -2.89 19.26
N GLU B 219 17.31 -2.75 18.89
CA GLU B 219 16.35 -1.98 19.66
C GLU B 219 15.14 -2.83 20.01
N PHE B 220 14.53 -2.52 21.15
CA PHE B 220 13.37 -3.25 21.66
C PHE B 220 12.37 -2.27 22.28
N LEU B 221 11.16 -2.78 22.46
CA LEU B 221 10.14 -2.16 23.29
C LEU B 221 9.93 -3.03 24.52
N LEU B 222 10.05 -2.44 25.69
CA LEU B 222 9.84 -3.16 26.94
C LEU B 222 8.85 -2.39 27.79
N LEU B 223 8.19 -3.11 28.69
CA LEU B 223 7.14 -2.57 29.54
C LEU B 223 7.59 -2.58 30.99
N THR B 224 7.44 -1.45 31.67
CA THR B 224 7.85 -1.32 33.06
C THR B 224 6.92 -2.17 33.92
N ARG B 225 7.25 -2.29 35.21
CA ARG B 225 6.39 -3.02 36.14
C ARG B 225 4.95 -2.50 36.03
N THR B 226 4.79 -1.18 35.95
CA THR B 226 3.49 -0.61 35.64
C THR B 226 3.06 -0.96 34.22
N GLY B 227 4.00 -1.01 33.28
CA GLY B 227 3.71 -1.33 31.91
C GLY B 227 3.70 -0.11 31.03
N GLU B 228 4.80 0.12 30.29
CA GLU B 228 4.92 1.31 29.46
C GLU B 228 5.75 0.95 28.23
N LYS B 229 5.22 1.27 27.05
CA LYS B 229 5.92 0.97 25.81
C LYS B 229 7.11 1.92 25.66
N ILE B 230 8.18 1.63 26.39
CA ILE B 230 9.40 2.43 26.34
C ILE B 230 10.40 1.71 25.44
N TRP B 231 11.16 2.50 24.70
CA TRP B 231 12.12 1.98 23.73
C TRP B 231 13.51 1.95 24.32
N ILE B 232 14.22 0.85 24.10
CA ILE B 232 15.56 0.66 24.65
C ILE B 232 16.48 0.13 23.56
N LYS B 233 17.76 0.49 23.69
CA LYS B 233 18.82 0.08 22.76
C LYS B 233 19.66 -0.94 23.50
N ALA B 234 19.46 -2.21 23.17
CA ALA B 234 20.28 -3.26 23.73
C ALA B 234 21.58 -3.35 22.96
N SER B 235 22.70 -3.19 23.67
CA SER B 235 24.00 -3.47 23.09
C SER B 235 24.63 -4.54 23.96
N ILE B 236 24.75 -5.73 23.42
CA ILE B 236 25.41 -6.84 24.10
C ILE B 236 26.85 -6.89 23.61
N SER B 237 27.75 -7.23 24.54
CA SER B 237 29.16 -7.41 24.21
C SER B 237 29.65 -8.63 24.97
N PRO B 238 30.26 -9.59 24.29
CA PRO B 238 30.82 -10.74 25.01
C PRO B 238 32.20 -10.42 25.56
N VAL B 239 32.50 -11.00 26.72
CA VAL B 239 33.82 -10.93 27.32
C VAL B 239 34.30 -12.35 27.57
N TYR B 240 35.47 -12.67 27.05
CA TYR B 240 36.04 -14.00 27.12
C TYR B 240 37.08 -14.06 28.23
N ASP B 241 37.31 -15.24 28.78
CA ASP B 241 38.25 -15.42 29.87
C ASP B 241 39.68 -15.33 29.33
N VAL B 242 40.66 -15.60 30.21
CA VAL B 242 42.06 -15.52 29.80
C VAL B 242 42.36 -16.57 28.73
N LEU B 243 41.80 -17.76 28.88
CA LEU B 243 42.05 -18.87 27.97
C LEU B 243 41.18 -18.81 26.72
N ALA B 244 40.60 -17.66 26.41
CA ALA B 244 39.81 -17.47 25.18
C ALA B 244 38.57 -18.35 25.18
N HIS B 245 37.78 -18.24 26.25
CA HIS B 245 36.49 -18.90 26.36
C HIS B 245 35.43 -17.87 26.74
N LEU B 246 34.25 -18.00 26.15
CA LEU B 246 33.15 -17.11 26.47
C LEU B 246 32.85 -17.17 27.95
N GLN B 247 33.12 -16.08 28.66
CA GLN B 247 32.95 -16.01 30.11
C GLN B 247 31.71 -15.27 30.54
N ASN B 248 31.42 -14.12 29.94
CA ASN B 248 30.23 -13.36 30.32
C ASN B 248 29.75 -12.55 29.14
N LEU B 249 28.51 -12.05 29.24
CA LEU B 249 27.92 -11.21 28.22
C LEU B 249 27.37 -9.96 28.90
N VAL B 250 28.08 -8.85 28.75
CA VAL B 250 27.72 -7.61 29.43
C VAL B 250 26.89 -6.78 28.45
N MET B 251 25.73 -6.33 28.90
CA MET B 251 24.77 -5.69 28.03
C MET B 251 24.35 -4.35 28.62
N THR B 252 24.24 -3.37 27.74
CA THR B 252 23.86 -2.01 28.11
C THR B 252 22.57 -1.65 27.39
N PHE B 253 21.56 -1.27 28.18
CA PHE B 253 20.29 -0.75 27.67
C PHE B 253 20.39 0.77 27.69
N SER B 254 20.52 1.35 26.51
CA SER B 254 20.46 2.79 26.42
C SER B 254 19.00 3.23 26.28
N ASP B 255 18.62 4.23 27.08
CA ASP B 255 17.26 4.74 27.09
C ASP B 255 17.06 5.49 25.78
N ILE B 256 16.50 4.80 24.79
CA ILE B 256 16.31 5.40 23.48
C ILE B 256 14.84 5.73 23.31
N THR B 257 14.15 6.04 24.40
CA THR B 257 12.86 6.71 24.23
C THR B 257 13.06 8.02 23.49
N GLU B 258 13.88 8.90 24.06
CA GLU B 258 14.22 10.15 23.39
C GLU B 258 14.92 9.90 22.07
N GLU B 259 15.87 8.96 22.05
CA GLU B 259 16.61 8.71 20.83
C GLU B 259 15.68 8.23 19.73
N ARG B 260 14.71 7.38 20.06
CA ARG B 260 13.76 6.96 19.05
C ARG B 260 12.86 8.10 18.67
N GLN B 261 12.62 9.03 19.59
CA GLN B 261 11.94 10.24 19.15
C GLN B 261 12.75 10.91 18.05
N ILE B 262 14.05 10.99 18.25
CA ILE B 262 14.95 11.50 17.20
C ILE B 262 14.74 10.69 15.93
N ARG B 263 14.73 9.37 16.06
CA ARG B 263 14.60 8.50 14.90
C ARG B 263 13.30 8.78 14.19
N GLN B 264 12.17 8.47 14.82
CA GLN B 264 10.88 8.74 14.20
C GLN B 264 10.89 10.10 13.53
N LEU B 265 11.34 11.13 14.25
CA LEU B 265 11.45 12.45 13.65
C LEU B 265 12.12 12.36 12.29
N GLU B 266 13.38 11.95 12.27
CA GLU B 266 14.10 11.88 11.01
C GLU B 266 13.39 10.92 10.07
N GLY B 267 13.40 9.62 10.39
CA GLY B 267 12.83 8.63 9.48
C GLY B 267 11.59 9.13 8.78
N ASN B 268 10.62 9.61 9.54
CA ASN B 268 9.36 10.03 8.94
C ASN B 268 9.55 11.26 8.07
N ILE B 269 10.28 12.27 8.56
CA ILE B 269 10.40 13.48 7.76
C ILE B 269 11.32 13.24 6.57
N LEU B 270 12.25 12.31 6.70
CA LEU B 270 13.08 11.88 5.58
C LEU B 270 12.21 11.23 4.51
N ALA B 271 11.29 10.37 4.94
CA ALA B 271 10.37 9.76 3.98
C ALA B 271 9.55 10.83 3.29
N ALA B 272 9.07 11.80 4.06
CA ALA B 272 8.39 12.94 3.47
C ALA B 272 9.28 13.62 2.42
N MET B 273 10.51 13.96 2.81
CA MET B 273 11.46 14.57 1.89
C MET B 273 11.59 13.78 0.61
N CYS B 274 11.69 12.46 0.71
CA CYS B 274 11.79 11.62 -0.47
C CYS B 274 10.56 11.80 -1.34
N SER B 275 9.38 11.83 -0.72
CA SER B 275 8.17 12.08 -1.49
C SER B 275 8.09 13.52 -2.00
N SER B 276 8.96 14.41 -1.51
CA SER B 276 9.04 15.80 -1.93
C SER B 276 7.66 16.44 -1.98
N PRO B 277 6.98 16.58 -0.86
CA PRO B 277 5.69 17.27 -0.84
C PRO B 277 5.88 18.78 -0.89
N PRO B 278 4.81 19.55 -0.82
CA PRO B 278 4.94 21.01 -0.77
C PRO B 278 5.73 21.47 0.45
N PHE B 279 6.34 22.64 0.29
CA PHE B 279 7.09 23.26 1.38
C PHE B 279 6.23 23.36 2.64
N HIS B 280 5.01 23.86 2.49
CA HIS B 280 4.12 23.99 3.64
C HIS B 280 3.73 22.62 4.19
N GLU B 281 3.54 21.63 3.31
CA GLU B 281 3.19 20.31 3.78
C GLU B 281 4.33 19.68 4.59
N MET B 282 5.57 19.87 4.15
CA MET B 282 6.71 19.42 4.94
C MET B 282 6.72 20.13 6.29
N GLY B 283 6.49 21.44 6.29
CA GLY B 283 6.44 22.16 7.55
C GLY B 283 5.38 21.61 8.47
N GLU B 284 4.21 21.27 7.93
CA GLU B 284 3.13 20.74 8.76
C GLU B 284 3.45 19.34 9.26
N ILE B 285 4.12 18.52 8.44
CA ILE B 285 4.62 17.25 8.92
C ILE B 285 5.52 17.47 10.13
N ILE B 286 6.43 18.43 10.00
CA ILE B 286 7.34 18.74 11.10
C ILE B 286 6.56 19.18 12.32
N CYS B 287 5.58 20.05 12.11
CA CYS B 287 4.77 20.52 13.22
C CYS B 287 4.13 19.35 13.95
N ARG B 288 3.45 18.48 13.21
CA ARG B 288 2.66 17.42 13.84
C ARG B 288 3.57 16.44 14.58
N ASN B 289 4.67 16.02 13.94
CA ASN B 289 5.49 15.03 14.61
C ASN B 289 6.26 15.63 15.77
N ILE B 290 6.70 16.89 15.66
CA ILE B 290 7.35 17.54 16.79
C ILE B 290 6.35 17.68 17.94
N GLU B 291 5.09 17.94 17.61
CA GLU B 291 4.07 18.00 18.66
C GLU B 291 3.90 16.64 19.32
N SER B 292 3.88 15.57 18.53
CA SER B 292 3.84 14.24 19.11
C SER B 292 5.04 14.02 20.03
N VAL B 293 6.20 14.54 19.64
CA VAL B 293 7.40 14.39 20.45
C VAL B 293 7.25 15.14 21.76
N LEU B 294 6.76 16.37 21.71
CA LEU B 294 6.61 17.22 22.88
C LEU B 294 5.13 17.38 23.18
N ASN B 295 4.67 16.73 24.25
CA ASN B 295 3.25 16.74 24.59
C ASN B 295 2.78 18.14 24.96
N GLU B 296 1.59 18.50 24.47
CA GLU B 296 0.94 19.75 24.83
C GLU B 296 1.87 20.94 24.59
N SER B 297 2.57 20.94 23.47
CA SER B 297 3.50 22.01 23.14
C SER B 297 3.03 22.78 21.91
N HIS B 298 3.69 23.91 21.66
CA HIS B 298 3.43 24.74 20.49
C HIS B 298 4.72 24.89 19.70
N VAL B 299 4.60 24.88 18.37
CA VAL B 299 5.75 24.91 17.48
C VAL B 299 5.52 25.97 16.41
N SER B 300 6.56 26.71 16.10
CA SER B 300 6.51 27.70 15.03
C SER B 300 7.78 27.59 14.19
N LEU B 301 7.63 27.80 12.90
CA LEU B 301 8.73 27.67 11.95
C LEU B 301 8.69 28.84 11.00
N PHE B 302 9.82 29.53 10.86
CA PHE B 302 9.99 30.64 9.95
C PHE B 302 11.19 30.36 9.07
N ALA B 303 11.20 30.95 7.88
CA ALA B 303 12.31 30.78 6.94
C ALA B 303 12.73 32.14 6.41
N LEU B 304 14.00 32.24 6.02
CA LEU B 304 14.52 33.50 5.50
C LEU B 304 14.12 33.68 4.04
N ARG B 305 13.14 34.54 3.81
CA ARG B 305 12.70 34.87 2.46
C ARG B 305 12.91 36.37 2.23
N ASN B 306 13.40 36.72 1.05
CA ASN B 306 13.67 38.11 0.69
C ASN B 306 14.54 38.79 1.74
N GLY B 307 15.40 38.01 2.41
CA GLY B 307 16.33 38.54 3.37
C GLY B 307 15.77 38.74 4.77
N MET B 308 14.51 38.42 5.02
CA MET B 308 13.92 38.55 6.34
C MET B 308 13.14 37.30 6.70
N PRO B 309 12.95 37.03 8.01
CA PRO B 309 12.20 35.84 8.41
C PRO B 309 10.71 36.02 8.11
N ILE B 310 10.15 35.05 7.38
CA ILE B 310 8.73 35.04 7.04
C ILE B 310 8.18 33.67 7.39
N HIS B 311 6.90 33.62 7.72
CA HIS B 311 6.30 32.41 8.26
C HIS B 311 6.48 31.23 7.31
N TRP B 312 6.92 30.11 7.88
CA TRP B 312 6.96 28.83 7.20
C TRP B 312 5.77 27.95 7.58
N ALA B 313 5.58 27.71 8.88
CA ALA B 313 4.51 26.83 9.33
C ALA B 313 4.35 26.97 10.83
N SER B 314 3.33 26.32 11.36
CA SER B 314 3.05 26.36 12.79
C SER B 314 2.17 25.19 13.17
N SER B 315 2.32 24.77 14.43
CA SER B 315 1.50 23.71 14.97
C SER B 315 0.04 24.17 15.09
N SER B 316 -0.89 23.25 14.79
CA SER B 316 -2.30 23.57 14.92
C SER B 316 -2.66 23.97 16.34
N HIS B 317 -1.86 23.53 17.32
CA HIS B 317 -2.13 23.88 18.71
C HIS B 317 -1.69 25.32 18.97
N GLY B 318 -2.58 26.10 19.59
CA GLY B 318 -2.29 27.48 19.92
C GLY B 318 -2.87 27.91 21.24
N ALA B 319 -3.23 26.94 22.08
CA ALA B 319 -3.84 27.26 23.37
C ALA B 319 -2.78 27.76 24.35
N GLU B 320 -3.25 28.40 25.41
CA GLU B 320 -2.35 28.92 26.43
C GLU B 320 -1.63 27.76 27.14
N ILE B 321 -0.40 28.04 27.57
CA ILE B 321 0.44 27.05 28.24
C ILE B 321 0.75 27.57 29.63
N GLN B 322 0.45 26.76 30.65
CA GLN B 322 0.76 27.12 32.02
C GLN B 322 2.24 26.86 32.31
N ASN B 323 2.86 27.80 33.00
CA ASN B 323 4.30 27.73 33.29
C ASN B 323 5.09 27.51 32.01
N ALA B 324 4.73 28.28 30.98
CA ALA B 324 5.30 28.08 29.66
C ALA B 324 6.79 28.41 29.64
N GLN B 325 7.54 27.62 28.89
CA GLN B 325 8.96 27.86 28.63
C GLN B 325 9.19 27.90 27.13
N SER B 326 9.89 28.95 26.68
CA SER B 326 10.11 29.19 25.27
C SER B 326 11.56 28.88 24.91
N TRP B 327 11.73 28.06 23.88
CA TRP B 327 13.05 27.74 23.33
C TRP B 327 13.05 28.11 21.86
N SER B 328 14.21 28.57 21.38
CA SER B 328 14.32 29.03 20.01
C SER B 328 15.62 28.54 19.41
N ALA B 329 15.65 28.44 18.09
CA ALA B 329 16.83 28.00 17.36
C ALA B 329 16.84 28.63 15.98
N THR B 330 18.03 28.94 15.47
CA THR B 330 18.18 29.52 14.14
C THR B 330 18.64 28.43 13.17
N ILE B 331 17.74 28.00 12.29
CA ILE B 331 18.10 27.03 11.27
C ILE B 331 19.13 27.65 10.34
N ARG B 332 20.26 26.99 10.19
CA ARG B 332 21.38 27.48 9.38
C ARG B 332 21.72 26.45 8.32
N GLN B 333 22.22 26.93 7.18
CA GLN B 333 22.63 26.04 6.10
C GLN B 333 24.01 25.45 6.41
N ARG B 334 24.58 24.75 5.42
CA ARG B 334 25.90 24.16 5.61
C ARG B 334 26.95 25.22 5.90
N ASP B 335 26.91 26.34 5.20
CA ASP B 335 27.88 27.42 5.37
C ASP B 335 27.76 28.11 6.73
N GLY B 336 26.69 27.84 7.48
CA GLY B 336 26.47 28.49 8.75
C GLY B 336 25.62 29.74 8.70
N ALA B 337 25.28 30.22 7.52
CA ALA B 337 24.40 31.38 7.42
C ALA B 337 23.00 31.01 7.89
N PRO B 338 22.27 31.95 8.50
CA PRO B 338 20.92 31.61 8.97
C PRO B 338 19.98 31.29 7.82
N ALA B 339 19.02 30.42 8.11
CA ALA B 339 18.03 30.01 7.12
C ALA B 339 16.60 29.98 7.64
N GLY B 340 16.39 30.02 8.95
CA GLY B 340 15.04 30.06 9.48
C GLY B 340 15.08 30.22 10.98
N ILE B 341 13.90 30.30 11.57
CA ILE B 341 13.75 30.46 13.01
C ILE B 341 12.70 29.47 13.49
N LEU B 342 13.12 28.47 14.25
CA LEU B 342 12.22 27.50 14.86
C LEU B 342 12.06 27.86 16.32
N GLN B 343 10.85 27.67 16.84
CA GLN B 343 10.57 28.00 18.23
C GLN B 343 9.56 27.01 18.78
N ILE B 344 9.72 26.69 20.06
CA ILE B 344 8.82 25.79 20.76
C ILE B 344 8.45 26.39 22.12
N LYS B 345 7.18 26.23 22.47
CA LYS B 345 6.66 26.56 23.78
C LYS B 345 6.22 25.27 24.46
N THR B 346 6.75 25.02 25.66
CA THR B 346 6.54 23.76 26.35
C THR B 346 6.04 24.02 27.76
N SER B 347 5.20 23.13 28.26
CA SER B 347 4.73 23.24 29.64
C SER B 347 5.81 22.80 30.61
N SER B 348 6.02 23.58 31.66
CA SER B 348 7.04 23.25 32.65
C SER B 348 6.74 21.90 33.29
N GLY B 349 7.75 21.05 33.37
CA GLY B 349 7.60 19.73 33.95
C GLY B 349 7.08 18.68 33.01
N ALA B 350 6.59 19.05 31.84
CA ALA B 350 6.09 18.08 30.88
C ALA B 350 7.22 17.32 30.19
N GLU B 351 8.31 18.00 29.86
CA GLU B 351 9.45 17.39 29.20
C GLU B 351 10.73 17.91 29.82
N THR B 352 11.77 17.08 29.80
CA THR B 352 13.05 17.44 30.39
C THR B 352 13.81 18.39 29.46
N SER B 353 14.67 19.22 30.06
CA SER B 353 15.44 20.18 29.27
C SER B 353 16.38 19.47 28.30
N ALA B 354 17.03 18.39 28.74
CA ALA B 354 17.91 17.65 27.85
C ALA B 354 17.17 17.10 26.65
N PHE B 355 16.00 16.49 26.86
CA PHE B 355 15.16 16.03 25.78
C PHE B 355 14.75 17.18 24.86
N ILE B 356 14.37 18.30 25.44
CA ILE B 356 13.92 19.44 24.65
C ILE B 356 15.04 19.92 23.74
N GLU B 357 16.25 20.05 24.28
CA GLU B 357 17.35 20.53 23.47
C GLU B 357 17.68 19.55 22.35
N ARG B 358 17.64 18.25 22.65
CA ARG B 358 17.94 17.25 21.64
C ARG B 358 16.91 17.31 20.50
N VAL B 359 15.63 17.35 20.85
CA VAL B 359 14.62 17.45 19.80
C VAL B 359 14.82 18.74 19.03
N ALA B 360 15.12 19.82 19.73
CA ALA B 360 15.31 21.10 19.06
C ALA B 360 16.38 21.00 18.00
N ASP B 361 17.56 20.51 18.37
CA ASP B 361 18.69 20.60 17.44
C ASP B 361 18.56 19.55 16.34
N ILE B 362 18.01 18.38 16.65
CA ILE B 362 17.82 17.39 15.59
C ILE B 362 16.82 17.91 14.58
N SER B 363 15.69 18.44 15.06
CA SER B 363 14.76 19.08 14.17
C SER B 363 15.46 20.17 13.37
N GLN B 364 16.25 20.99 14.04
CA GLN B 364 16.98 22.04 13.35
C GLN B 364 17.67 21.47 12.13
N HIS B 365 18.56 20.50 12.35
CA HIS B 365 19.42 20.08 11.25
C HIS B 365 18.64 19.30 10.20
N MET B 366 17.75 18.42 10.64
CA MET B 366 16.95 17.64 9.69
C MET B 366 16.11 18.56 8.81
N ALA B 367 15.40 19.51 9.44
CA ALA B 367 14.60 20.45 8.66
C ALA B 367 15.48 21.32 7.79
N ALA B 368 16.70 21.60 8.22
CA ALA B 368 17.62 22.31 7.34
C ALA B 368 17.87 21.49 6.09
N LEU B 369 18.05 20.18 6.25
CA LEU B 369 18.19 19.32 5.08
C LEU B 369 16.93 19.34 4.22
N ALA B 370 15.77 19.40 4.87
CA ALA B 370 14.53 19.49 4.11
C ALA B 370 14.49 20.76 3.28
N LEU B 371 14.89 21.88 3.88
CA LEU B 371 14.93 23.14 3.15
C LEU B 371 15.93 23.07 2.00
N GLU B 372 17.07 22.40 2.23
CA GLU B 372 18.04 22.23 1.17
C GLU B 372 17.45 21.42 0.03
N GLN B 373 16.67 20.38 0.35
CA GLN B 373 16.01 19.62 -0.70
C GLN B 373 15.03 20.49 -1.47
N GLU B 374 14.30 21.35 -0.76
CA GLU B 374 13.38 22.26 -1.44
C GLU B 374 14.13 23.18 -2.39
N LYS B 375 15.25 23.72 -1.93
CA LYS B 375 16.06 24.58 -2.79
C LYS B 375 16.57 23.81 -4.00
N SER B 376 17.01 22.58 -3.80
CA SER B 376 17.50 21.77 -4.90
C SER B 376 16.41 21.53 -5.95
N ARG B 377 15.20 21.21 -5.49
CA ARG B 377 14.10 21.06 -6.45
C ARG B 377 13.82 22.36 -7.18
N ILE B 384 4.30 15.05 -16.34
CA ILE B 384 4.28 16.30 -17.17
C ILE B 384 3.01 16.28 -18.04
N GLN B 385 1.90 16.76 -17.48
CA GLN B 385 0.60 16.79 -18.22
C GLN B 385 0.02 15.37 -18.19
N PHE B 386 0.42 14.55 -17.22
CA PHE B 386 -0.14 13.19 -17.06
C PHE B 386 0.42 12.60 -15.79
N ASP B 387 -0.40 11.86 -15.04
CA ASP B 387 0.04 11.29 -13.75
C ASP B 387 0.92 10.09 -14.04
N PRO B 388 2.21 10.07 -13.65
CA PRO B 388 3.05 8.89 -13.86
C PRO B 388 2.78 7.75 -12.90
N MET B 389 1.72 7.84 -12.08
CA MET B 389 1.46 6.82 -11.06
C MET B 389 0.15 6.09 -11.29
N THR B 390 -0.97 6.82 -11.35
CA THR B 390 -2.27 6.22 -11.63
C THR B 390 -2.69 6.35 -13.08
N GLY B 391 -2.65 7.55 -13.67
CA GLY B 391 -2.95 7.71 -15.07
C GLY B 391 -4.02 8.75 -15.38
N LEU B 392 -4.20 9.75 -14.52
CA LEU B 392 -5.15 10.80 -14.81
C LEU B 392 -4.41 12.05 -15.25
N PRO B 393 -5.10 13.04 -15.82
CA PRO B 393 -4.45 14.29 -16.17
C PRO B 393 -3.87 14.97 -14.93
N ASN B 394 -3.07 16.01 -15.18
CA ASN B 394 -2.48 16.79 -14.10
C ASN B 394 -2.94 18.24 -14.20
N ARG B 395 -2.49 19.05 -13.23
CA ARG B 395 -3.09 20.37 -13.06
C ARG B 395 -3.01 21.21 -14.32
N ASN B 396 -1.94 21.10 -15.09
CA ASN B 396 -1.87 21.85 -16.34
C ASN B 396 -3.01 21.43 -17.27
N ASN B 397 -3.23 20.13 -17.41
CA ASN B 397 -4.31 19.66 -18.26
C ASN B 397 -5.67 20.08 -17.71
N LEU B 398 -5.84 20.03 -16.39
CA LEU B 398 -7.11 20.46 -15.80
C LEU B 398 -7.35 21.93 -16.09
N HIS B 399 -6.31 22.75 -15.95
CA HIS B 399 -6.46 24.17 -16.24
C HIS B 399 -6.84 24.37 -17.69
N ASN B 400 -6.18 23.67 -18.60
CA ASN B 400 -6.51 23.81 -20.02
C ASN B 400 -7.95 23.39 -20.28
N TYR B 401 -8.38 22.29 -19.65
CA TYR B 401 -9.73 21.81 -19.85
C TYR B 401 -10.76 22.81 -19.36
N LEU B 402 -10.56 23.32 -18.15
CA LEU B 402 -11.49 24.30 -17.60
C LEU B 402 -11.48 25.57 -18.44
N ASP B 403 -10.31 25.96 -18.95
CA ASP B 403 -10.24 27.13 -19.82
C ASP B 403 -11.03 26.90 -21.11
N ASP B 404 -10.92 25.70 -21.67
CA ASP B 404 -11.65 25.36 -22.88
C ASP B 404 -13.15 25.26 -22.64
N LEU B 405 -13.58 24.97 -21.42
CA LEU B 405 -14.98 25.08 -21.06
C LEU B 405 -15.43 26.51 -20.83
N VAL B 406 -14.58 27.34 -20.23
CA VAL B 406 -14.94 28.74 -20.01
C VAL B 406 -15.06 29.48 -21.34
N ASP B 407 -14.13 29.25 -22.26
CA ASP B 407 -14.21 29.96 -23.54
C ASP B 407 -15.50 29.63 -24.27
N LYS B 408 -16.00 28.41 -24.08
CA LYS B 408 -17.32 28.04 -24.58
C LYS B 408 -18.43 28.47 -23.62
N ALA B 409 -18.08 29.02 -22.47
CA ALA B 409 -19.04 29.61 -21.54
C ALA B 409 -19.78 28.54 -20.74
N VAL B 410 -19.32 27.30 -20.84
CA VAL B 410 -19.85 26.23 -20.01
C VAL B 410 -19.58 26.57 -18.55
N SER B 411 -20.55 26.26 -17.69
CA SER B 411 -20.39 26.45 -16.26
C SER B 411 -20.20 25.07 -15.64
N PRO B 412 -19.00 24.50 -15.68
CA PRO B 412 -18.81 23.14 -15.19
C PRO B 412 -19.11 23.05 -13.70
N VAL B 413 -19.69 21.93 -13.29
CA VAL B 413 -19.79 21.65 -11.87
C VAL B 413 -18.53 20.88 -11.47
N VAL B 414 -17.80 21.42 -10.51
CA VAL B 414 -16.52 20.86 -10.10
C VAL B 414 -16.68 20.20 -8.75
N TYR B 415 -16.33 18.91 -8.69
CA TYR B 415 -16.29 18.13 -7.47
C TYR B 415 -14.83 17.91 -7.09
N LEU B 416 -14.38 18.62 -6.07
CA LEU B 416 -13.04 18.45 -5.53
C LEU B 416 -13.12 17.41 -4.44
N ILE B 417 -12.46 16.28 -4.66
CA ILE B 417 -12.53 15.14 -3.77
C ILE B 417 -11.21 15.03 -3.04
N GLY B 418 -11.26 15.11 -1.72
CA GLY B 418 -10.10 14.86 -0.89
C GLY B 418 -10.29 13.54 -0.16
N VAL B 419 -9.29 12.67 -0.28
CA VAL B 419 -9.33 11.38 0.39
C VAL B 419 -8.73 11.52 1.77
N ASP B 420 -9.59 11.56 2.78
CA ASP B 420 -9.17 11.76 4.16
C ASP B 420 -8.95 10.41 4.85
N HIS B 421 -8.26 10.46 5.98
CA HIS B 421 -7.74 9.31 6.70
C HIS B 421 -6.56 8.67 5.99
N ILE B 422 -6.06 9.29 4.92
CA ILE B 422 -4.88 8.77 4.24
C ILE B 422 -3.70 8.74 5.19
N GLN B 423 -3.67 9.65 6.18
CA GLN B 423 -2.51 9.76 7.06
C GLN B 423 -2.18 8.43 7.73
N ASP B 424 -3.19 7.62 8.01
CA ASP B 424 -2.92 6.29 8.56
C ASP B 424 -2.13 5.44 7.56
N VAL B 425 -2.54 5.47 6.29
CA VAL B 425 -1.78 4.77 5.25
C VAL B 425 -0.36 5.31 5.19
N ILE B 426 -0.23 6.64 5.20
CA ILE B 426 1.08 7.26 5.06
C ILE B 426 2.00 6.80 6.19
N ASP B 427 1.53 6.91 7.43
CA ASP B 427 2.34 6.51 8.57
C ASP B 427 2.56 5.01 8.64
N SER B 428 1.71 4.22 8.01
CA SER B 428 1.84 2.76 8.06
C SER B 428 2.75 2.20 7.00
N LEU B 429 2.71 2.74 5.78
CA LEU B 429 3.50 2.23 4.67
C LEU B 429 4.12 3.33 3.82
N GLY B 430 4.16 4.56 4.31
CA GLY B 430 4.90 5.59 3.63
C GLY B 430 4.21 6.13 2.41
N TYR B 431 4.78 7.19 1.82
CA TYR B 431 4.18 7.81 0.64
C TYR B 431 4.16 6.86 -0.54
N ALA B 432 5.15 5.96 -0.63
CA ALA B 432 5.16 4.98 -1.70
C ALA B 432 3.87 4.17 -1.75
N TRP B 433 3.24 3.91 -0.60
CA TRP B 433 2.00 3.18 -0.54
C TRP B 433 0.77 4.05 -0.34
N ALA B 434 0.92 5.27 0.17
CA ALA B 434 -0.14 6.25 -0.02
C ALA B 434 -0.46 6.37 -1.50
N ASP B 435 0.58 6.26 -2.33
CA ASP B 435 0.37 6.19 -3.77
C ASP B 435 -0.48 4.97 -4.14
N GLN B 436 -0.21 3.82 -3.54
CA GLN B 436 -1.02 2.64 -3.84
C GLN B 436 -2.47 2.85 -3.43
N ALA B 437 -2.67 3.45 -2.26
CA ALA B 437 -4.03 3.70 -1.79
C ALA B 437 -4.78 4.62 -2.75
N LEU B 438 -4.12 5.69 -3.18
CA LEU B 438 -4.74 6.57 -4.16
C LEU B 438 -4.98 5.84 -5.48
N LEU B 439 -4.10 4.91 -5.84
CA LEU B 439 -4.34 4.10 -7.03
C LEU B 439 -5.61 3.30 -6.89
N GLU B 440 -5.82 2.67 -5.74
CA GLU B 440 -7.05 1.92 -5.53
C GLU B 440 -8.25 2.85 -5.59
N VAL B 441 -8.14 4.02 -4.97
CA VAL B 441 -9.25 4.98 -5.00
C VAL B 441 -9.61 5.31 -6.45
N VAL B 442 -8.61 5.65 -7.25
CA VAL B 442 -8.86 6.03 -8.63
C VAL B 442 -9.41 4.85 -9.41
N ASN B 443 -8.92 3.64 -9.14
CA ASN B 443 -9.42 2.47 -9.85
C ASN B 443 -10.89 2.24 -9.56
N ARG B 444 -11.27 2.39 -8.28
CA ARG B 444 -12.68 2.23 -7.95
C ARG B 444 -13.53 3.33 -8.58
N PHE B 445 -13.01 4.56 -8.65
CA PHE B 445 -13.79 5.65 -9.22
C PHE B 445 -13.95 5.50 -10.73
N ARG B 446 -12.93 4.99 -11.41
CA ARG B 446 -12.98 4.88 -12.86
C ARG B 446 -14.12 3.96 -13.29
N GLU B 447 -14.31 2.86 -12.58
CA GLU B 447 -15.30 1.86 -12.99
C GLU B 447 -16.69 2.47 -13.12
N LYS B 448 -16.96 3.56 -12.41
CA LYS B 448 -18.25 4.22 -12.49
C LYS B 448 -18.19 5.52 -13.28
N LEU B 449 -17.02 6.11 -13.47
CA LEU B 449 -16.95 7.37 -14.20
C LEU B 449 -17.72 7.26 -15.51
N LYS B 450 -18.61 8.20 -15.73
CA LYS B 450 -19.44 8.26 -16.94
C LYS B 450 -18.69 8.93 -18.06
N PRO B 451 -19.12 8.74 -19.31
CA PRO B 451 -18.59 9.55 -20.40
C PRO B 451 -19.07 10.99 -20.27
N ASP B 452 -18.26 11.91 -20.79
CA ASP B 452 -18.45 13.34 -20.65
C ASP B 452 -18.08 13.84 -19.26
N GLN B 453 -17.41 13.01 -18.46
CA GLN B 453 -16.94 13.39 -17.14
C GLN B 453 -15.42 13.34 -17.11
N TYR B 454 -14.80 14.47 -16.77
CA TYR B 454 -13.37 14.66 -16.92
C TYR B 454 -12.72 14.58 -15.54
N LEU B 455 -12.05 13.47 -15.28
CA LEU B 455 -11.43 13.22 -14.00
C LEU B 455 -9.93 13.48 -14.08
N CYS B 456 -9.44 14.35 -13.20
CA CYS B 456 -8.02 14.65 -13.12
C CYS B 456 -7.57 14.57 -11.66
N ARG B 457 -6.27 14.57 -11.46
CA ARG B 457 -5.68 14.55 -10.12
C ARG B 457 -4.87 15.83 -9.94
N ILE B 458 -5.23 16.63 -8.93
CA ILE B 458 -4.68 17.97 -8.81
C ILE B 458 -3.34 17.91 -8.09
N GLU B 459 -3.30 17.25 -6.94
CA GLU B 459 -2.05 17.06 -6.21
C GLU B 459 -2.30 16.09 -5.06
N GLY B 460 -1.39 15.14 -4.91
CA GLY B 460 -1.46 14.24 -3.77
C GLY B 460 -2.82 13.60 -3.60
N THR B 461 -3.51 13.97 -2.53
CA THR B 461 -4.72 13.29 -2.09
C THR B 461 -6.00 13.96 -2.59
N GLN B 462 -5.90 14.77 -3.64
CA GLN B 462 -7.01 15.55 -4.14
C GLN B 462 -7.22 15.32 -5.63
N PHE B 463 -8.46 15.03 -6.00
CA PHE B 463 -8.86 14.83 -7.39
C PHE B 463 -9.94 15.84 -7.75
N VAL B 464 -10.03 16.14 -9.04
CA VAL B 464 -11.04 17.06 -9.56
C VAL B 464 -11.86 16.33 -10.60
N LEU B 465 -13.14 16.19 -10.35
CA LEU B 465 -14.07 15.64 -11.32
C LEU B 465 -14.90 16.79 -11.87
N VAL B 466 -14.71 17.08 -13.15
CA VAL B 466 -15.42 18.15 -13.82
C VAL B 466 -16.56 17.52 -14.61
N SER B 467 -17.78 18.03 -14.41
CA SER B 467 -18.93 17.55 -15.16
C SER B 467 -19.66 18.72 -15.78
N LEU B 468 -20.46 18.43 -16.80
CA LEU B 468 -21.22 19.47 -17.49
C LEU B 468 -22.64 19.61 -16.96
N GLU B 469 -23.32 18.52 -16.66
CA GLU B 469 -24.70 18.58 -16.19
C GLU B 469 -24.77 19.41 -14.92
N ASN B 470 -25.73 20.33 -14.86
CA ASN B 470 -25.84 21.26 -13.74
C ASN B 470 -27.09 21.07 -12.91
N ASP B 471 -28.10 20.36 -13.41
CA ASP B 471 -29.35 20.24 -12.68
C ASP B 471 -29.08 19.69 -11.29
N VAL B 472 -29.67 20.34 -10.28
CA VAL B 472 -29.33 19.99 -8.90
C VAL B 472 -29.57 18.52 -8.63
N SER B 473 -30.62 17.95 -9.21
CA SER B 473 -30.89 16.53 -8.99
C SER B 473 -29.76 15.65 -9.51
N ASN B 474 -29.25 15.95 -10.70
CA ASN B 474 -28.11 15.20 -11.22
C ASN B 474 -26.87 15.42 -10.35
N ILE B 475 -26.65 16.65 -9.91
CA ILE B 475 -25.48 16.94 -9.08
C ILE B 475 -25.51 16.07 -7.82
N THR B 476 -26.65 16.09 -7.13
CA THR B 476 -26.72 15.33 -5.87
C THR B 476 -26.53 13.85 -6.13
N GLN B 477 -27.11 13.34 -7.22
CA GLN B 477 -26.95 11.92 -7.52
C GLN B 477 -25.50 11.56 -7.76
N ILE B 478 -24.78 12.39 -8.52
CA ILE B 478 -23.36 12.12 -8.74
C ILE B 478 -22.61 12.10 -7.42
N ALA B 479 -22.87 13.09 -6.57
CA ALA B 479 -22.16 13.16 -5.30
C ALA B 479 -22.42 11.91 -4.46
N ASP B 480 -23.68 11.50 -4.40
CA ASP B 480 -24.01 10.31 -3.63
C ASP B 480 -23.31 9.08 -4.20
N GLU B 481 -23.30 8.95 -5.53
CA GLU B 481 -22.68 7.78 -6.14
C GLU B 481 -21.20 7.72 -5.81
N LEU B 482 -20.51 8.87 -5.92
CA LEU B 482 -19.08 8.87 -5.63
C LEU B 482 -18.83 8.54 -4.17
N ARG B 483 -19.63 9.12 -3.27
CA ARG B 483 -19.47 8.81 -1.86
C ARG B 483 -19.72 7.34 -1.58
N ASN B 484 -20.65 6.73 -2.33
CA ASN B 484 -20.97 5.33 -2.08
C ASN B 484 -19.89 4.40 -2.61
N VAL B 485 -19.34 4.69 -3.79
CA VAL B 485 -18.42 3.73 -4.41
C VAL B 485 -17.24 3.45 -3.50
N VAL B 486 -16.91 4.37 -2.61
CA VAL B 486 -15.81 4.16 -1.68
C VAL B 486 -16.36 3.56 -0.39
N SER B 487 -17.61 3.13 -0.41
CA SER B 487 -18.20 2.56 0.80
C SER B 487 -17.34 1.41 1.32
N LYS B 488 -17.00 0.48 0.45
CA LYS B 488 -16.17 -0.64 0.86
C LYS B 488 -14.77 -0.13 1.21
N PRO B 489 -14.13 -0.68 2.24
CA PRO B 489 -12.78 -0.22 2.59
C PRO B 489 -11.81 -0.43 1.43
N ILE B 490 -10.82 0.45 1.35
CA ILE B 490 -9.80 0.37 0.32
C ILE B 490 -8.72 -0.59 0.79
N MET B 491 -8.87 -1.87 0.47
CA MET B 491 -8.00 -2.91 1.01
C MET B 491 -6.63 -2.85 0.32
N ILE B 492 -5.57 -2.86 1.13
CA ILE B 492 -4.21 -2.90 0.63
C ILE B 492 -3.44 -3.90 1.49
N ASP B 493 -3.03 -5.01 0.89
CA ASP B 493 -2.23 -6.02 1.56
C ASP B 493 -2.88 -6.47 2.87
N ASP B 494 -4.19 -6.70 2.79
CA ASP B 494 -4.97 -7.23 3.90
C ASP B 494 -5.11 -6.23 5.05
N LYS B 495 -4.73 -4.97 4.82
CA LYS B 495 -4.85 -3.91 5.82
C LYS B 495 -5.91 -2.93 5.36
N PRO B 496 -7.19 -3.21 5.58
CA PRO B 496 -8.24 -2.37 4.98
C PRO B 496 -8.37 -1.02 5.65
N PHE B 497 -7.47 -0.11 5.33
CA PHE B 497 -7.57 1.23 5.87
C PHE B 497 -8.91 1.83 5.45
N PRO B 498 -9.75 2.26 6.38
CA PRO B 498 -10.97 2.98 6.00
C PRO B 498 -10.66 4.43 5.66
N LEU B 499 -10.70 4.72 4.36
CA LEU B 499 -10.49 6.07 3.86
C LEU B 499 -11.86 6.68 3.59
N THR B 500 -11.95 7.99 3.81
CA THR B 500 -13.21 8.70 3.67
C THR B 500 -13.09 9.74 2.57
N LEU B 501 -14.22 10.23 2.11
CA LEU B 501 -14.26 11.18 1.01
C LEU B 501 -14.88 12.50 1.44
N SER B 502 -14.19 13.59 1.16
CA SER B 502 -14.76 14.92 1.30
C SER B 502 -14.96 15.48 -0.10
N ILE B 503 -16.17 15.90 -0.42
CA ILE B 503 -16.52 16.29 -1.78
C ILE B 503 -17.02 17.72 -1.77
N GLY B 504 -16.13 18.66 -2.03
CA GLY B 504 -16.54 20.04 -2.21
C GLY B 504 -17.12 20.25 -3.60
N ILE B 505 -18.22 20.99 -3.66
CA ILE B 505 -18.93 21.22 -4.91
C ILE B 505 -18.95 22.71 -5.16
N SER B 506 -18.55 23.09 -6.36
CA SER B 506 -18.66 24.48 -6.79
C SER B 506 -19.31 24.53 -8.15
N TYR B 507 -20.17 25.53 -8.32
CA TYR B 507 -20.89 25.74 -9.57
C TYR B 507 -21.52 27.11 -9.53
N ASP B 508 -21.25 27.92 -10.55
CA ASP B 508 -21.84 29.26 -10.62
C ASP B 508 -21.64 29.79 -12.03
N LEU B 509 -22.75 30.22 -12.65
CA LEU B 509 -22.71 30.68 -14.02
C LEU B 509 -21.75 31.87 -14.17
N GLY B 510 -20.90 31.80 -15.19
CA GLY B 510 -20.03 32.91 -15.55
C GLY B 510 -18.78 33.05 -14.72
N LYS B 511 -18.56 32.20 -13.73
CA LYS B 511 -17.37 32.30 -12.89
C LYS B 511 -16.23 31.50 -13.51
N ASN B 512 -15.01 31.96 -13.29
CA ASN B 512 -13.87 31.41 -14.01
C ASN B 512 -13.30 30.18 -13.30
N ARG B 513 -12.29 29.59 -13.95
CA ARG B 513 -11.69 28.36 -13.46
C ARG B 513 -11.07 28.55 -12.09
N ASP B 514 -10.32 29.63 -11.89
CA ASP B 514 -9.63 29.81 -10.62
C ASP B 514 -10.63 29.99 -9.48
N TYR B 515 -11.70 30.76 -9.69
CA TYR B 515 -12.69 30.92 -8.64
C TYR B 515 -13.40 29.61 -8.36
N LEU B 516 -13.74 28.87 -9.42
CA LEU B 516 -14.36 27.57 -9.20
C LEU B 516 -13.49 26.69 -8.33
N LEU B 517 -12.21 26.59 -8.68
CA LEU B 517 -11.31 25.75 -7.89
C LEU B 517 -11.19 26.26 -6.47
N SER B 518 -11.05 27.57 -6.30
CA SER B 518 -10.86 28.12 -4.96
C SER B 518 -12.08 27.85 -4.08
N THR B 519 -13.28 28.09 -4.60
CA THR B 519 -14.47 27.89 -3.79
C THR B 519 -14.70 26.41 -3.50
N ALA B 520 -14.43 25.55 -4.48
CA ALA B 520 -14.53 24.13 -4.20
C ALA B 520 -13.58 23.74 -3.09
N HIS B 521 -12.35 24.26 -3.13
CA HIS B 521 -11.40 23.95 -2.07
C HIS B 521 -11.87 24.54 -0.75
N ASN B 522 -12.58 25.67 -0.80
CA ASN B 522 -13.08 26.27 0.44
C ASN B 522 -14.11 25.36 1.10
N ALA B 523 -15.08 24.88 0.32
CA ALA B 523 -16.07 23.96 0.85
C ALA B 523 -15.40 22.68 1.33
N MET B 524 -14.42 22.19 0.57
CA MET B 524 -13.70 21.00 1.01
C MET B 524 -13.02 21.25 2.34
N ASP B 525 -12.41 22.42 2.50
CA ASP B 525 -11.75 22.74 3.76
C ASP B 525 -12.75 22.75 4.89
N TYR B 526 -13.91 23.35 4.65
CA TYR B 526 -14.93 23.39 5.69
C TYR B 526 -15.34 21.98 6.12
N ILE B 527 -15.70 21.13 5.17
CA ILE B 527 -16.16 19.79 5.54
C ILE B 527 -15.02 18.95 6.13
N ARG B 528 -13.79 19.13 5.66
CA ARG B 528 -12.66 18.42 6.24
C ARG B 528 -12.49 18.79 7.70
N LYS B 529 -12.44 20.09 7.99
CA LYS B 529 -12.24 20.51 9.36
C LYS B 529 -13.42 20.11 10.23
N ASN B 530 -14.62 20.02 9.64
CA ASN B 530 -15.79 19.61 10.40
C ASN B 530 -15.88 18.09 10.56
N GLY B 531 -15.08 17.32 9.83
CA GLY B 531 -15.01 15.88 10.03
C GLY B 531 -14.91 15.06 8.76
N GLY B 532 -15.38 15.56 7.63
CA GLY B 532 -15.27 14.82 6.39
C GLY B 532 -16.30 13.71 6.28
N ASN B 533 -16.05 12.82 5.32
CA ASN B 533 -16.99 11.78 4.95
C ASN B 533 -18.34 12.39 4.58
N GLY B 534 -18.30 13.32 3.63
CA GLY B 534 -19.50 14.00 3.23
C GLY B 534 -19.23 14.95 2.09
N TRP B 535 -20.30 15.59 1.62
CA TRP B 535 -20.20 16.48 0.48
C TRP B 535 -20.91 17.78 0.80
N GLN B 536 -20.50 18.84 0.12
CA GLN B 536 -21.02 20.15 0.47
C GLN B 536 -20.88 21.13 -0.68
N PHE B 537 -21.96 21.85 -0.97
CA PHE B 537 -21.92 22.97 -1.90
C PHE B 537 -21.19 24.14 -1.27
N PHE B 538 -20.69 25.05 -2.11
CA PHE B 538 -20.17 26.29 -1.52
C PHE B 538 -21.22 27.38 -1.48
N SER B 539 -21.85 27.68 -2.61
CA SER B 539 -22.78 28.81 -2.66
C SER B 539 -23.97 28.56 -1.74
N PRO B 540 -24.27 29.47 -0.80
CA PRO B 540 -25.29 29.17 0.21
C PRO B 540 -26.71 29.22 -0.33
N ALA B 541 -26.96 29.99 -1.39
CA ALA B 541 -28.31 30.03 -1.95
C ALA B 541 -28.74 28.64 -2.43
N MET B 542 -27.94 28.04 -3.31
CA MET B 542 -28.25 26.68 -3.71
C MET B 542 -28.00 25.70 -2.57
N ASN B 543 -27.19 26.06 -1.59
CA ASN B 543 -27.02 25.19 -0.44
C ASN B 543 -28.32 25.03 0.33
N GLU B 544 -29.08 26.12 0.47
CA GLU B 544 -30.38 26.01 1.12
C GLU B 544 -31.44 25.50 0.15
N MET B 545 -31.25 25.72 -1.15
CA MET B 545 -32.16 25.12 -2.12
C MET B 545 -32.14 23.61 -2.01
N VAL B 546 -30.95 23.03 -1.90
CA VAL B 546 -30.88 21.57 -1.75
C VAL B 546 -31.51 21.17 -0.44
N LYS B 547 -31.42 22.02 0.59
CA LYS B 547 -32.06 21.71 1.86
C LYS B 547 -33.56 21.61 1.71
N GLU B 548 -34.16 22.57 1.01
CA GLU B 548 -35.59 22.51 0.76
C GLU B 548 -35.95 21.30 -0.08
N ARG B 549 -35.10 20.95 -1.04
CA ARG B 549 -35.37 19.76 -1.83
C ARG B 549 -35.38 18.51 -0.97
N LEU B 550 -34.44 18.41 -0.04
CA LEU B 550 -34.46 17.30 0.91
C LEU B 550 -35.69 17.35 1.79
N VAL B 551 -36.18 18.53 2.14
CA VAL B 551 -37.42 18.63 2.90
C VAL B 551 -38.56 18.01 2.12
N LEU B 552 -38.67 18.35 0.83
CA LEU B 552 -39.69 17.73 0.00
C LEU B 552 -39.53 16.22 -0.02
N GLY B 553 -38.29 15.75 -0.14
CA GLY B 553 -38.06 14.32 -0.17
C GLY B 553 -38.57 13.64 1.09
N ALA B 554 -38.25 14.21 2.25
CA ALA B 554 -38.71 13.63 3.50
C ALA B 554 -40.22 13.69 3.60
N ALA B 555 -40.83 14.77 3.11
CA ALA B 555 -42.28 14.87 3.14
C ALA B 555 -42.91 13.74 2.36
N LEU B 556 -42.43 13.49 1.14
CA LEU B 556 -42.95 12.37 0.37
C LEU B 556 -42.67 11.05 1.06
N LYS B 557 -41.52 10.93 1.73
CA LYS B 557 -41.21 9.71 2.45
C LYS B 557 -42.26 9.45 3.52
N GLU B 558 -42.63 10.49 4.27
CA GLU B 558 -43.66 10.34 5.28
C GLU B 558 -45.01 10.04 4.64
N ALA B 559 -45.30 10.69 3.52
CA ALA B 559 -46.60 10.52 2.88
C ALA B 559 -46.79 9.08 2.41
N ILE B 560 -45.77 8.50 1.77
CA ILE B 560 -45.90 7.12 1.33
C ILE B 560 -46.06 6.18 2.51
N SER B 561 -45.30 6.38 3.59
CA SER B 561 -45.42 5.56 4.77
C SER B 561 -46.79 5.62 5.41
N ASN B 562 -47.42 6.80 5.49
CA ASN B 562 -48.79 6.91 5.97
C ASN B 562 -49.78 6.71 4.83
N ASN B 563 -49.30 6.24 3.67
CA ASN B 563 -50.14 5.83 2.55
C ASN B 563 -51.35 6.74 2.37
N GLN B 564 -51.09 8.03 2.24
CA GLN B 564 -52.16 9.01 2.00
C GLN B 564 -52.34 9.31 0.52
N LEU B 565 -51.63 8.62 -0.37
CA LEU B 565 -51.67 8.93 -1.79
C LEU B 565 -53.02 8.56 -2.41
N LYS B 566 -53.16 8.89 -3.69
CA LYS B 566 -54.33 8.54 -4.46
C LYS B 566 -53.89 8.13 -5.86
N LEU B 567 -54.88 7.79 -6.69
CA LEU B 567 -54.64 7.36 -8.07
C LEU B 567 -55.77 7.93 -8.93
N VAL B 568 -55.48 8.94 -9.72
CA VAL B 568 -56.47 9.45 -10.65
C VAL B 568 -56.48 8.59 -11.91
N TYR B 569 -57.66 8.45 -12.50
CA TYR B 569 -57.87 7.58 -13.65
C TYR B 569 -58.24 8.39 -14.88
N GLN B 570 -58.15 7.75 -16.03
CA GLN B 570 -58.47 8.38 -17.31
C GLN B 570 -59.13 7.35 -18.21
N PRO B 571 -60.46 7.31 -18.30
CA PRO B 571 -61.11 6.41 -19.24
C PRO B 571 -60.74 6.72 -20.68
N GLN B 572 -60.56 5.65 -21.47
CA GLN B 572 -60.18 5.73 -22.88
C GLN B 572 -61.17 4.91 -23.68
N ILE B 573 -61.52 5.38 -24.89
CA ILE B 573 -62.69 4.86 -25.58
C ILE B 573 -62.34 4.45 -27.01
N PHE B 574 -63.09 3.46 -27.50
CA PHE B 574 -62.94 3.02 -28.88
C PHE B 574 -63.38 4.12 -29.84
N ALA B 575 -62.74 4.17 -31.00
CA ALA B 575 -63.03 5.23 -31.95
C ALA B 575 -64.27 4.93 -32.79
N GLU B 576 -64.79 3.71 -32.75
CA GLU B 576 -65.95 3.34 -33.56
C GLU B 576 -67.25 3.50 -32.78
N THR B 577 -67.41 2.74 -31.70
CA THR B 577 -68.64 2.78 -30.92
C THR B 577 -68.58 3.75 -29.76
N GLY B 578 -67.46 4.42 -29.54
CA GLY B 578 -67.31 5.26 -28.40
C GLY B 578 -67.48 4.56 -27.07
N GLU B 579 -67.32 3.24 -27.02
CA GLU B 579 -67.47 2.51 -25.78
C GLU B 579 -66.16 2.46 -25.01
N LEU B 580 -66.27 2.37 -23.69
CA LEU B 580 -65.12 2.40 -22.81
C LEU B 580 -64.18 1.23 -23.12
N TYR B 581 -62.95 1.55 -23.46
CA TYR B 581 -61.93 0.52 -23.64
C TYR B 581 -61.23 0.18 -22.34
N GLY B 582 -60.95 1.17 -21.51
CA GLY B 582 -60.24 0.92 -20.28
C GLY B 582 -59.95 2.23 -19.57
N ILE B 583 -59.27 2.11 -18.43
CA ILE B 583 -58.95 3.24 -17.58
C ILE B 583 -57.48 3.18 -17.21
N GLU B 584 -56.79 4.31 -17.33
CA GLU B 584 -55.42 4.43 -16.84
C GLU B 584 -55.44 4.61 -15.33
N ALA B 585 -54.27 4.46 -14.71
CA ALA B 585 -54.09 4.75 -13.30
C ALA B 585 -52.76 5.48 -13.13
N LEU B 586 -52.83 6.75 -12.75
CA LEU B 586 -51.65 7.57 -12.56
C LEU B 586 -51.51 7.91 -11.08
N ALA B 587 -50.26 7.99 -10.62
CA ALA B 587 -50.01 8.34 -9.23
C ALA B 587 -50.28 9.81 -8.99
N ARG B 588 -50.54 10.16 -7.72
CA ARG B 588 -50.74 11.54 -7.32
C ARG B 588 -50.37 11.68 -5.85
N TRP B 589 -50.06 12.91 -5.47
CA TRP B 589 -49.75 13.22 -4.08
C TRP B 589 -50.08 14.67 -3.82
N HIS B 590 -50.92 14.92 -2.83
CA HIS B 590 -51.21 16.27 -2.38
C HIS B 590 -50.80 16.45 -0.94
N ASP B 591 -50.23 17.61 -0.64
CA ASP B 591 -49.85 17.96 0.71
C ASP B 591 -50.38 19.35 1.07
N PRO B 592 -50.85 19.54 2.29
CA PRO B 592 -51.33 20.88 2.67
C PRO B 592 -50.25 21.95 2.58
N LEU B 593 -48.99 21.59 2.85
CA LEU B 593 -47.93 22.59 2.83
C LEU B 593 -47.47 22.88 1.41
N HIS B 594 -47.02 21.86 0.68
CA HIS B 594 -46.50 22.04 -0.66
C HIS B 594 -47.60 22.11 -1.72
N GLY B 595 -48.83 21.73 -1.37
CA GLY B 595 -49.89 21.73 -2.36
C GLY B 595 -49.73 20.60 -3.36
N HIS B 596 -50.07 20.89 -4.61
CA HIS B 596 -49.93 19.89 -5.66
C HIS B 596 -48.47 19.71 -6.04
N VAL B 597 -48.03 18.47 -6.09
CA VAL B 597 -46.69 18.12 -6.55
C VAL B 597 -46.84 16.98 -7.54
N PRO B 598 -46.73 17.22 -8.84
CA PRO B 598 -47.10 16.20 -9.81
C PRO B 598 -46.13 15.03 -9.79
N PRO B 599 -46.57 13.88 -10.30
CA PRO B 599 -45.62 12.77 -10.47
C PRO B 599 -44.44 13.13 -11.32
N SER B 600 -44.65 13.91 -12.39
CA SER B 600 -43.56 14.28 -13.28
C SER B 600 -42.41 14.87 -12.47
N ARG B 601 -42.71 15.40 -11.29
CA ARG B 601 -41.70 16.01 -10.46
C ARG B 601 -41.27 15.11 -9.30
N PHE B 602 -42.20 14.39 -8.67
CA PHE B 602 -41.81 13.67 -7.47
C PHE B 602 -41.33 12.26 -7.76
N ILE B 603 -41.60 11.71 -8.94
CA ILE B 603 -41.09 10.38 -9.28
C ILE B 603 -39.58 10.38 -9.32
N PRO B 604 -38.91 11.34 -9.96
CA PRO B 604 -37.45 11.42 -9.82
C PRO B 604 -37.04 11.59 -8.36
N LEU B 605 -37.84 12.33 -7.59
CA LEU B 605 -37.59 12.44 -6.17
C LEU B 605 -37.70 11.07 -5.50
N ALA B 606 -38.64 10.24 -5.97
CA ALA B 606 -38.71 8.87 -5.50
C ALA B 606 -37.47 8.10 -5.84
N GLU B 607 -36.96 8.24 -7.07
CA GLU B 607 -35.70 7.62 -7.41
C GLU B 607 -34.61 8.02 -6.44
N GLU B 608 -34.51 9.31 -6.15
CA GLU B 608 -33.47 9.79 -5.24
C GLU B 608 -33.64 9.20 -3.85
N ILE B 609 -34.87 9.19 -3.33
CA ILE B 609 -35.10 8.76 -1.95
C ILE B 609 -35.06 7.26 -1.81
N GLY B 610 -35.12 6.52 -2.91
CA GLY B 610 -35.09 5.07 -2.82
C GLY B 610 -36.41 4.44 -2.44
N GLU B 611 -37.52 5.07 -2.80
CA GLU B 611 -38.84 4.53 -2.52
C GLU B 611 -39.67 4.31 -3.79
N ILE B 612 -39.03 4.30 -4.96
CA ILE B 612 -39.76 4.02 -6.19
C ILE B 612 -40.41 2.65 -6.10
N GLU B 613 -39.72 1.68 -5.50
CA GLU B 613 -40.31 0.37 -5.32
C GLU B 613 -41.59 0.45 -4.51
N ASN B 614 -41.59 1.23 -3.43
CA ASN B 614 -42.79 1.35 -2.63
C ASN B 614 -43.89 2.05 -3.40
N ILE B 615 -43.54 3.05 -4.21
CA ILE B 615 -44.57 3.75 -4.98
C ILE B 615 -45.21 2.78 -5.96
N GLY B 616 -44.40 1.94 -6.60
CA GLY B 616 -44.93 0.95 -7.50
C GLY B 616 -45.85 0.00 -6.79
N ARG B 617 -45.38 -0.51 -5.65
CA ARG B 617 -46.22 -1.39 -4.84
C ARG B 617 -47.56 -0.73 -4.54
N TRP B 618 -47.53 0.53 -4.16
CA TRP B 618 -48.74 1.18 -3.68
C TRP B 618 -49.70 1.45 -4.82
N VAL B 619 -49.20 1.92 -5.96
CA VAL B 619 -50.08 2.14 -7.11
C VAL B 619 -50.72 0.83 -7.52
N ILE B 620 -49.94 -0.25 -7.55
CA ILE B 620 -50.50 -1.54 -7.93
C ILE B 620 -51.59 -1.95 -6.96
N ALA B 621 -51.29 -1.88 -5.66
CA ALA B 621 -52.26 -2.28 -4.66
C ALA B 621 -53.55 -1.50 -4.80
N GLU B 622 -53.43 -0.17 -4.94
CA GLU B 622 -54.63 0.65 -4.96
C GLU B 622 -55.43 0.46 -6.24
N ALA B 623 -54.74 0.30 -7.37
CA ALA B 623 -55.48 -0.02 -8.59
C ALA B 623 -56.29 -1.29 -8.40
N CYS B 624 -55.66 -2.33 -7.85
CA CYS B 624 -56.39 -3.59 -7.65
C CYS B 624 -57.57 -3.40 -6.69
N ARG B 625 -57.34 -2.70 -5.58
CA ARG B 625 -58.40 -2.52 -4.59
C ARG B 625 -59.58 -1.78 -5.19
N GLN B 626 -59.32 -0.69 -5.90
CA GLN B 626 -60.41 0.06 -6.49
C GLN B 626 -61.11 -0.74 -7.55
N LEU B 627 -60.38 -1.64 -8.23
CA LEU B 627 -61.04 -2.55 -9.16
C LEU B 627 -62.02 -3.45 -8.41
N ALA B 628 -61.62 -3.97 -7.26
CA ALA B 628 -62.52 -4.80 -6.46
C ALA B 628 -63.73 -4.00 -5.99
N GLU B 629 -63.50 -2.78 -5.53
CA GLU B 629 -64.61 -1.95 -5.05
C GLU B 629 -65.58 -1.66 -6.17
N TRP B 630 -65.07 -1.35 -7.35
CA TRP B 630 -65.95 -1.14 -8.49
C TRP B 630 -66.66 -2.42 -8.88
N ARG B 631 -66.02 -3.57 -8.66
CA ARG B 631 -66.71 -4.83 -8.89
C ARG B 631 -67.89 -4.98 -7.97
N SER B 632 -67.75 -4.54 -6.73
CA SER B 632 -68.79 -4.79 -5.73
C SER B 632 -70.13 -4.18 -6.11
N GLN B 633 -70.16 -3.23 -7.05
CA GLN B 633 -71.42 -2.63 -7.49
C GLN B 633 -71.62 -2.69 -8.99
N ASN B 634 -70.56 -2.50 -9.78
CA ASN B 634 -70.66 -2.50 -11.24
C ASN B 634 -69.36 -3.08 -11.77
N ILE B 635 -69.39 -4.36 -12.16
CA ILE B 635 -68.19 -5.05 -12.61
C ILE B 635 -67.78 -4.68 -14.03
N HIS B 636 -68.47 -3.74 -14.66
CA HIS B 636 -68.28 -3.51 -16.09
C HIS B 636 -66.91 -2.95 -16.43
N ILE B 637 -66.13 -2.53 -15.44
CA ILE B 637 -64.82 -1.92 -15.69
C ILE B 637 -63.99 -2.87 -16.55
N PRO B 638 -63.76 -2.57 -17.83
CA PRO B 638 -63.05 -3.53 -18.68
C PRO B 638 -61.61 -3.79 -18.29
N ALA B 639 -60.77 -2.75 -18.24
CA ALA B 639 -59.35 -2.96 -18.02
C ALA B 639 -58.73 -1.75 -17.35
N LEU B 640 -57.62 -1.97 -16.66
CA LEU B 640 -56.88 -0.92 -15.96
C LEU B 640 -55.43 -1.00 -16.39
N SER B 641 -54.82 0.15 -16.66
CA SER B 641 -53.46 0.21 -17.19
C SER B 641 -52.58 1.06 -16.28
N VAL B 642 -51.46 0.50 -15.85
CA VAL B 642 -50.52 1.13 -14.93
C VAL B 642 -49.22 1.37 -15.69
N ASN B 643 -48.75 2.61 -15.70
CA ASN B 643 -47.60 2.99 -16.52
C ASN B 643 -46.31 2.73 -15.74
N LEU B 644 -45.93 1.45 -15.68
CA LEU B 644 -44.68 1.08 -15.04
C LEU B 644 -43.50 1.79 -15.69
N SER B 645 -43.54 1.95 -17.01
CA SER B 645 -42.43 2.58 -17.72
C SER B 645 -42.20 4.00 -17.23
N ALA B 646 -43.28 4.76 -17.04
CA ALA B 646 -43.16 6.10 -16.48
C ALA B 646 -42.87 6.06 -14.99
N LEU B 647 -43.16 4.95 -14.32
CA LEU B 647 -42.91 4.82 -12.89
C LEU B 647 -41.53 4.27 -12.58
N HIS B 648 -40.71 3.99 -13.58
CA HIS B 648 -39.34 3.54 -13.38
C HIS B 648 -39.27 2.21 -12.66
N PHE B 649 -40.06 1.23 -13.09
CA PHE B 649 -40.06 -0.07 -12.45
C PHE B 649 -38.69 -0.72 -12.56
N ARG B 650 -38.32 -1.46 -11.52
CA ARG B 650 -37.02 -2.10 -11.52
C ARG B 650 -37.15 -3.56 -11.94
N SER B 651 -36.00 -4.22 -12.03
CA SER B 651 -35.92 -5.56 -12.62
C SER B 651 -36.59 -6.63 -11.78
N ASN B 652 -36.34 -6.66 -10.47
CA ASN B 652 -36.68 -7.81 -9.65
C ASN B 652 -38.04 -7.72 -8.98
N GLN B 653 -38.88 -6.76 -9.36
CA GLN B 653 -40.13 -6.56 -8.63
C GLN B 653 -41.34 -7.02 -9.42
N LEU B 654 -41.17 -7.35 -10.69
CA LEU B 654 -42.33 -7.67 -11.51
C LEU B 654 -43.13 -8.80 -10.87
N PRO B 655 -42.57 -10.02 -10.81
CA PRO B 655 -43.40 -11.19 -10.47
C PRO B 655 -44.04 -11.08 -9.11
N ASN B 656 -43.22 -10.82 -8.08
CA ASN B 656 -43.76 -10.77 -6.73
C ASN B 656 -44.87 -9.73 -6.65
N GLN B 657 -44.54 -8.45 -6.79
CA GLN B 657 -45.55 -7.45 -6.52
C GLN B 657 -46.50 -7.23 -7.69
N VAL B 658 -46.62 -8.19 -8.60
CA VAL B 658 -47.88 -8.34 -9.34
C VAL B 658 -48.71 -9.48 -8.77
N SER B 659 -48.09 -10.64 -8.56
CA SER B 659 -48.80 -11.80 -8.06
C SER B 659 -49.41 -11.56 -6.68
N ASP B 660 -48.65 -10.93 -5.79
CA ASP B 660 -49.14 -10.68 -4.44
C ASP B 660 -50.43 -9.88 -4.50
N ALA B 661 -50.43 -8.78 -5.25
CA ALA B 661 -51.60 -7.94 -5.33
C ALA B 661 -52.78 -8.67 -5.95
N MET B 662 -52.55 -9.39 -7.05
CA MET B 662 -53.68 -10.04 -7.70
C MET B 662 -54.30 -11.08 -6.79
N HIS B 663 -53.47 -11.85 -6.08
CA HIS B 663 -54.01 -12.85 -5.16
C HIS B 663 -54.73 -12.20 -4.00
N ALA B 664 -54.11 -11.19 -3.37
CA ALA B 664 -54.72 -10.55 -2.22
C ALA B 664 -56.06 -9.95 -2.54
N TRP B 665 -56.21 -9.28 -3.68
CA TRP B 665 -57.49 -8.72 -4.07
C TRP B 665 -58.22 -9.72 -4.95
N GLY B 666 -59.48 -9.43 -5.24
CA GLY B 666 -60.31 -10.35 -5.98
C GLY B 666 -60.14 -10.22 -7.48
N ILE B 667 -59.16 -9.43 -7.91
CA ILE B 667 -58.92 -9.20 -9.32
C ILE B 667 -58.41 -10.49 -9.95
N ASP B 668 -58.69 -10.66 -11.23
CA ASP B 668 -58.41 -11.90 -11.95
C ASP B 668 -57.06 -11.90 -12.64
N GLY B 669 -56.32 -10.79 -12.59
CA GLY B 669 -55.03 -10.73 -13.25
C GLY B 669 -55.16 -10.42 -14.73
N HIS B 670 -56.02 -11.16 -15.41
CA HIS B 670 -56.28 -10.93 -16.83
C HIS B 670 -56.98 -9.61 -17.07
N GLN B 671 -57.44 -8.93 -16.03
CA GLN B 671 -58.22 -7.72 -16.16
C GLN B 671 -57.37 -6.46 -16.27
N LEU B 672 -56.27 -6.37 -15.55
CA LEU B 672 -55.38 -5.24 -15.63
C LEU B 672 -54.19 -5.60 -16.50
N THR B 673 -53.62 -4.59 -17.15
CA THR B 673 -52.45 -4.76 -17.99
C THR B 673 -51.31 -3.95 -17.41
N VAL B 674 -50.20 -3.93 -18.12
CA VAL B 674 -49.05 -3.13 -17.75
C VAL B 674 -48.39 -2.61 -19.02
N GLU B 675 -47.53 -1.61 -18.87
CA GLU B 675 -46.87 -0.97 -20.00
C GLU B 675 -45.38 -0.85 -19.70
N ILE B 676 -44.56 -1.26 -20.66
CA ILE B 676 -43.11 -1.21 -20.51
C ILE B 676 -42.50 -0.79 -21.84
N THR B 677 -41.40 -0.03 -21.77
CA THR B 677 -40.71 0.43 -22.95
C THR B 677 -39.58 -0.54 -23.31
N GLU B 678 -39.15 -0.47 -24.58
CA GLU B 678 -38.18 -1.44 -25.08
C GLU B 678 -36.83 -1.30 -24.40
N SER B 679 -36.43 -0.08 -24.08
CA SER B 679 -35.14 0.13 -23.43
C SER B 679 -35.06 -0.68 -22.15
N MET B 680 -36.06 -0.51 -21.27
CA MET B 680 -36.16 -1.32 -20.06
C MET B 680 -36.51 -2.77 -20.37
N MET B 681 -37.02 -3.05 -21.56
CA MET B 681 -37.34 -4.43 -21.92
C MET B 681 -36.07 -5.25 -22.13
N MET B 682 -35.12 -4.71 -22.89
CA MET B 682 -33.97 -5.51 -23.31
C MET B 682 -32.64 -4.83 -23.05
N GLU B 683 -32.55 -3.91 -22.08
CA GLU B 683 -31.26 -3.39 -21.64
C GLU B 683 -31.20 -3.52 -20.12
N HIS B 684 -30.02 -3.23 -19.57
CA HIS B 684 -29.80 -3.45 -18.14
C HIS B 684 -30.06 -4.91 -17.82
N ASP B 685 -29.24 -5.80 -18.38
CA ASP B 685 -29.44 -7.25 -18.34
C ASP B 685 -30.80 -7.62 -18.94
N THR B 686 -31.18 -8.90 -18.84
CA THR B 686 -32.41 -9.37 -19.46
C THR B 686 -33.21 -10.35 -18.61
N GLU B 687 -32.81 -10.62 -17.36
CA GLU B 687 -33.65 -11.45 -16.51
C GLU B 687 -35.03 -10.84 -16.35
N ILE B 688 -35.14 -9.52 -16.49
CA ILE B 688 -36.42 -8.86 -16.62
C ILE B 688 -37.23 -9.52 -17.72
N PHE B 689 -36.56 -10.02 -18.76
CA PHE B 689 -37.30 -10.68 -19.84
C PHE B 689 -38.05 -11.88 -19.32
N LYS B 690 -37.36 -12.78 -18.61
CA LYS B 690 -38.03 -13.97 -18.09
C LYS B 690 -39.06 -13.59 -17.03
N ARG B 691 -38.80 -12.52 -16.28
CA ARG B 691 -39.81 -12.06 -15.35
C ARG B 691 -41.08 -11.65 -16.08
N ILE B 692 -40.96 -10.99 -17.22
CA ILE B 692 -42.13 -10.65 -18.02
C ILE B 692 -42.75 -11.91 -18.62
N GLN B 693 -41.93 -12.91 -18.97
CA GLN B 693 -42.48 -14.20 -19.36
C GLN B 693 -43.43 -14.73 -18.29
N ILE B 694 -42.96 -14.78 -17.05
CA ILE B 694 -43.81 -15.33 -15.99
C ILE B 694 -44.99 -14.41 -15.73
N LEU B 695 -44.82 -13.11 -15.94
CA LEU B 695 -45.97 -12.21 -15.83
C LEU B 695 -47.05 -12.58 -16.84
N ARG B 696 -46.66 -12.73 -18.11
CA ARG B 696 -47.62 -13.15 -19.11
C ARG B 696 -48.23 -14.50 -18.73
N ASP B 697 -47.43 -15.41 -18.19
CA ASP B 697 -47.97 -16.67 -17.70
C ASP B 697 -49.08 -16.41 -16.68
N MET B 698 -48.86 -15.48 -15.77
CA MET B 698 -49.94 -15.03 -14.90
C MET B 698 -51.11 -14.50 -15.72
N GLY B 699 -50.85 -13.99 -16.91
CA GLY B 699 -51.90 -13.60 -17.83
C GLY B 699 -52.14 -12.11 -17.95
N VAL B 700 -51.32 -11.28 -17.31
CA VAL B 700 -51.51 -9.84 -17.41
C VAL B 700 -51.16 -9.38 -18.83
N GLY B 701 -52.09 -8.67 -19.45
CA GLY B 701 -51.84 -8.12 -20.77
C GLY B 701 -50.72 -7.09 -20.72
N LEU B 702 -50.07 -6.88 -21.87
CA LEU B 702 -48.95 -5.96 -21.94
C LEU B 702 -49.33 -4.76 -22.80
N SER B 703 -48.39 -3.83 -22.95
CA SER B 703 -48.59 -2.65 -23.77
C SER B 703 -47.24 -2.04 -24.07
N VAL B 704 -46.82 -2.11 -25.32
CA VAL B 704 -45.44 -1.79 -25.68
C VAL B 704 -45.39 -0.42 -26.32
N ASP B 705 -44.20 0.18 -26.27
CA ASP B 705 -44.00 1.49 -26.87
C ASP B 705 -43.44 1.39 -28.28
N ASP B 706 -42.23 0.84 -28.45
CA ASP B 706 -41.49 0.97 -29.69
C ASP B 706 -41.10 -0.34 -30.37
N PHE B 707 -41.06 -1.47 -29.65
CA PHE B 707 -40.68 -2.76 -30.22
C PHE B 707 -39.46 -2.66 -31.13
N GLY B 708 -38.46 -1.87 -30.74
CA GLY B 708 -37.35 -1.58 -31.60
C GLY B 708 -36.26 -2.62 -31.53
N THR B 709 -35.09 -2.25 -32.08
CA THR B 709 -33.91 -3.10 -32.14
C THR B 709 -34.07 -4.22 -33.18
N GLY B 710 -34.65 -3.87 -34.32
CA GLY B 710 -34.63 -4.76 -35.48
C GLY B 710 -35.45 -6.04 -35.31
N PHE B 711 -35.08 -7.02 -36.13
CA PHE B 711 -35.85 -8.26 -36.19
C PHE B 711 -35.85 -8.99 -34.86
N SER B 712 -34.77 -8.88 -34.10
CA SER B 712 -34.81 -9.46 -32.75
C SER B 712 -35.93 -8.83 -31.95
N GLY B 713 -36.06 -7.51 -32.03
CA GLY B 713 -37.14 -6.84 -31.32
C GLY B 713 -38.51 -7.30 -31.79
N LEU B 714 -38.68 -7.43 -33.10
CA LEU B 714 -39.97 -7.92 -33.60
C LEU B 714 -40.24 -9.32 -33.09
N SER B 715 -39.20 -10.16 -33.03
CA SER B 715 -39.38 -11.52 -32.54
C SER B 715 -39.87 -11.49 -31.09
N ARG B 716 -39.23 -10.67 -30.26
CA ARG B 716 -39.69 -10.55 -28.88
C ARG B 716 -41.13 -10.07 -28.84
N LEU B 717 -41.45 -9.09 -29.68
CA LEU B 717 -42.79 -8.50 -29.70
C LEU B 717 -43.84 -9.56 -29.97
N VAL B 718 -43.66 -10.33 -31.04
CA VAL B 718 -44.66 -11.32 -31.43
C VAL B 718 -44.57 -12.59 -30.59
N SER B 719 -43.49 -12.80 -29.85
CA SER B 719 -43.37 -13.98 -29.02
C SER B 719 -44.03 -13.78 -27.67
N LEU B 720 -43.89 -12.59 -27.08
CA LEU B 720 -44.62 -12.22 -25.87
C LEU B 720 -45.82 -11.39 -26.30
N PRO B 721 -47.00 -11.98 -26.44
CA PRO B 721 -48.14 -11.19 -26.94
C PRO B 721 -48.31 -9.90 -26.17
N VAL B 722 -48.03 -8.78 -26.83
CA VAL B 722 -48.10 -7.50 -26.16
C VAL B 722 -49.53 -6.99 -26.10
N THR B 723 -50.35 -7.34 -27.07
CA THR B 723 -51.78 -7.07 -27.02
C THR B 723 -52.12 -5.61 -27.26
N GLU B 724 -51.13 -4.72 -27.27
CA GLU B 724 -51.41 -3.34 -27.62
C GLU B 724 -50.14 -2.53 -27.70
N ILE B 725 -50.21 -1.48 -28.53
CA ILE B 725 -49.10 -0.57 -28.75
C ILE B 725 -49.59 0.84 -28.46
N LYS B 726 -48.82 1.55 -27.64
CA LYS B 726 -49.23 2.86 -27.13
C LYS B 726 -48.47 3.97 -27.82
N ILE B 727 -49.10 4.60 -28.82
CA ILE B 727 -48.56 5.78 -29.47
C ILE B 727 -48.67 6.93 -28.48
N ASP B 728 -47.54 7.54 -28.17
CA ASP B 728 -47.46 8.53 -27.11
C ASP B 728 -47.88 9.90 -27.62
N LYS B 729 -48.12 10.81 -26.67
CA LYS B 729 -48.45 12.17 -27.01
C LYS B 729 -47.42 12.77 -27.97
N SER B 730 -46.14 12.58 -27.66
CA SER B 730 -45.09 13.14 -28.51
C SER B 730 -45.39 12.94 -29.99
N PHE B 731 -45.97 11.81 -30.37
CA PHE B 731 -46.34 11.55 -31.75
C PHE B 731 -47.76 12.00 -32.07
N VAL B 732 -48.72 11.73 -31.18
CA VAL B 732 -50.12 12.03 -31.47
C VAL B 732 -50.23 13.51 -31.79
N ASP B 733 -49.63 14.35 -30.96
CA ASP B 733 -49.55 15.76 -31.27
C ASP B 733 -48.61 15.97 -32.45
N ARG B 734 -48.74 17.13 -33.09
CA ARG B 734 -47.92 17.44 -34.25
C ARG B 734 -48.23 16.51 -35.42
N CYS B 735 -49.21 15.61 -35.24
CA CYS B 735 -49.55 14.69 -36.31
C CYS B 735 -50.06 15.43 -37.54
N LEU B 736 -50.89 16.46 -37.34
CA LEU B 736 -51.39 17.26 -38.44
C LEU B 736 -50.29 18.05 -39.13
N THR B 737 -49.11 18.17 -38.53
CA THR B 737 -48.07 19.04 -39.05
C THR B 737 -46.96 18.24 -39.73
N GLU B 738 -46.42 17.25 -39.03
CA GLU B 738 -45.26 16.50 -39.52
C GLU B 738 -45.74 15.35 -40.38
N LYS B 739 -45.52 15.46 -41.70
CA LYS B 739 -45.94 14.42 -42.62
C LYS B 739 -45.20 13.12 -42.36
N ARG B 740 -43.93 13.21 -41.96
CA ARG B 740 -43.17 12.00 -41.66
C ARG B 740 -43.81 11.23 -40.52
N ILE B 741 -44.22 11.91 -39.45
CA ILE B 741 -44.84 11.20 -38.35
C ILE B 741 -46.26 10.78 -38.69
N LEU B 742 -46.94 11.50 -39.58
CA LEU B 742 -48.21 11.00 -40.08
C LEU B 742 -48.01 9.65 -40.77
N ALA B 743 -46.99 9.54 -41.61
CA ALA B 743 -46.71 8.28 -42.27
C ALA B 743 -46.34 7.20 -41.26
N LEU B 744 -45.51 7.55 -40.28
CA LEU B 744 -45.17 6.60 -39.22
C LEU B 744 -46.43 6.09 -38.55
N LEU B 745 -47.35 6.99 -38.20
CA LEU B 745 -48.58 6.60 -37.54
C LEU B 745 -49.41 5.67 -38.41
N GLU B 746 -49.53 5.99 -39.70
CA GLU B 746 -50.29 5.12 -40.58
C GLU B 746 -49.68 3.73 -40.60
N ALA B 747 -48.36 3.67 -40.72
CA ALA B 747 -47.68 2.38 -40.80
C ALA B 747 -47.90 1.58 -39.54
N ILE B 748 -47.75 2.22 -38.38
CA ILE B 748 -47.84 1.48 -37.12
C ILE B 748 -49.26 1.01 -36.87
N THR B 749 -50.25 1.85 -37.17
CA THR B 749 -51.63 1.41 -37.07
C THR B 749 -51.87 0.21 -37.97
N SER B 750 -51.33 0.25 -39.19
CA SER B 750 -51.49 -0.88 -40.11
C SER B 750 -50.86 -2.14 -39.55
N ILE B 751 -49.68 -2.00 -38.94
CA ILE B 751 -49.00 -3.16 -38.36
C ILE B 751 -49.86 -3.78 -37.28
N GLY B 752 -50.37 -2.94 -36.39
CA GLY B 752 -51.23 -3.44 -35.33
C GLY B 752 -52.45 -4.16 -35.87
N GLN B 753 -53.12 -3.53 -36.84
CA GLN B 753 -54.28 -4.17 -37.43
C GLN B 753 -53.93 -5.50 -38.07
N SER B 754 -52.79 -5.57 -38.76
CA SER B 754 -52.33 -6.82 -39.35
C SER B 754 -52.21 -7.91 -38.30
N LEU B 755 -51.50 -7.64 -37.22
CA LEU B 755 -51.56 -8.55 -36.09
C LEU B 755 -52.90 -8.40 -35.38
N ASN B 756 -53.11 -9.20 -34.35
CA ASN B 756 -54.28 -9.01 -33.48
C ASN B 756 -53.94 -8.09 -32.32
N LEU B 757 -53.49 -6.88 -32.63
CA LEU B 757 -53.05 -5.90 -31.65
C LEU B 757 -53.96 -4.68 -31.66
N THR B 758 -54.12 -4.07 -30.49
CA THR B 758 -54.93 -2.87 -30.33
C THR B 758 -54.01 -1.66 -30.22
N VAL B 759 -54.28 -0.64 -31.01
CA VAL B 759 -53.44 0.54 -31.09
C VAL B 759 -54.09 1.66 -30.30
N VAL B 760 -53.30 2.30 -29.45
CA VAL B 760 -53.76 3.35 -28.53
C VAL B 760 -53.14 4.66 -28.98
N ALA B 761 -53.94 5.69 -29.10
CA ALA B 761 -53.45 7.03 -29.41
C ALA B 761 -53.64 7.91 -28.18
N GLU B 762 -52.54 8.41 -27.63
CA GLU B 762 -52.60 9.18 -26.41
C GLU B 762 -52.57 10.68 -26.69
N GLY B 763 -53.20 11.44 -25.79
CA GLY B 763 -53.15 12.89 -25.87
C GLY B 763 -53.80 13.50 -27.08
N VAL B 764 -54.91 12.92 -27.54
CA VAL B 764 -55.69 13.57 -28.59
C VAL B 764 -56.45 14.74 -27.98
N GLU B 765 -56.41 15.89 -28.65
CA GLU B 765 -56.91 17.13 -28.07
C GLU B 765 -57.95 17.86 -28.91
N THR B 766 -58.23 17.44 -30.13
CA THR B 766 -59.08 18.22 -31.03
C THR B 766 -59.81 17.33 -32.00
N LYS B 767 -60.87 17.89 -32.60
CA LYS B 767 -61.73 17.13 -33.48
C LYS B 767 -61.05 16.76 -34.78
N GLU B 768 -60.22 17.64 -35.33
CA GLU B 768 -59.48 17.28 -36.55
C GLU B 768 -58.55 16.11 -36.28
N GLN B 769 -57.89 16.11 -35.12
CA GLN B 769 -57.03 14.99 -34.75
C GLN B 769 -57.84 13.72 -34.59
N PHE B 770 -59.03 13.81 -33.98
CA PHE B 770 -59.86 12.62 -33.86
C PHE B 770 -60.28 12.10 -35.23
N GLU B 771 -60.62 13.00 -36.14
CA GLU B 771 -61.00 12.59 -37.48
C GLU B 771 -59.85 11.91 -38.20
N MET B 772 -58.63 12.45 -38.07
CA MET B 772 -57.49 11.80 -38.70
C MET B 772 -57.23 10.42 -38.09
N LEU B 773 -57.35 10.31 -36.77
CA LEU B 773 -57.08 9.05 -36.12
C LEU B 773 -58.09 7.99 -36.54
N ARG B 774 -59.37 8.37 -36.63
CA ARG B 774 -60.35 7.40 -37.12
C ARG B 774 -60.09 7.05 -38.58
N LYS B 775 -59.38 7.91 -39.31
CA LYS B 775 -58.99 7.55 -40.67
C LYS B 775 -57.89 6.49 -40.65
N ILE B 776 -56.89 6.67 -39.80
CA ILE B 776 -55.76 5.74 -39.75
C ILE B 776 -56.12 4.52 -38.91
N HIS B 777 -57.37 4.45 -38.45
CA HIS B 777 -57.92 3.22 -37.87
C HIS B 777 -57.39 2.97 -36.46
N CYS B 778 -56.88 3.98 -35.80
CA CYS B 778 -56.47 3.80 -34.42
C CYS B 778 -57.67 3.31 -33.61
N ARG B 779 -57.46 2.28 -32.80
CA ARG B 779 -58.59 1.61 -32.19
C ARG B 779 -59.07 2.33 -30.95
N VAL B 780 -58.18 2.64 -30.01
CA VAL B 780 -58.57 3.22 -28.74
C VAL B 780 -57.89 4.57 -28.56
N ILE B 781 -58.69 5.58 -28.23
CA ILE B 781 -58.22 6.95 -28.15
C ILE B 781 -58.29 7.39 -26.70
N GLN B 782 -57.37 8.27 -26.32
CA GLN B 782 -57.29 8.79 -24.96
C GLN B 782 -56.74 10.21 -25.04
N GLY B 783 -57.03 11.00 -24.02
CA GLY B 783 -56.55 12.36 -23.95
C GLY B 783 -57.64 13.29 -23.48
N TYR B 784 -57.28 14.58 -23.40
CA TYR B 784 -58.21 15.58 -22.91
C TYR B 784 -59.33 15.86 -23.91
N PHE B 785 -59.20 15.39 -25.15
CA PHE B 785 -60.27 15.60 -26.12
C PHE B 785 -61.54 14.92 -25.67
N PHE B 786 -61.45 13.98 -24.74
CA PHE B 786 -62.63 13.30 -24.22
C PHE B 786 -62.80 13.43 -22.71
N SER B 787 -61.77 13.16 -21.92
CA SER B 787 -61.93 13.20 -20.48
C SER B 787 -60.63 13.54 -19.80
N ARG B 788 -60.61 14.67 -19.10
CA ARG B 788 -59.58 14.96 -18.13
C ARG B 788 -59.66 13.89 -17.04
N PRO B 789 -58.54 13.52 -16.43
CA PRO B 789 -58.58 12.43 -15.45
C PRO B 789 -59.56 12.72 -14.31
N LEU B 790 -60.21 11.66 -13.81
CA LEU B 790 -61.24 11.77 -12.80
C LEU B 790 -60.84 11.06 -11.52
N PRO B 791 -61.26 11.54 -10.36
CA PRO B 791 -60.82 10.95 -9.10
C PRO B 791 -61.47 9.59 -8.88
N ALA B 792 -61.12 8.97 -7.75
CA ALA B 792 -61.59 7.62 -7.47
C ALA B 792 -63.11 7.53 -7.58
N GLU B 793 -63.82 8.46 -6.99
CA GLU B 793 -65.26 8.57 -7.20
C GLU B 793 -65.54 9.42 -8.42
N GLU B 794 -66.79 9.42 -8.85
CA GLU B 794 -67.36 10.07 -10.01
C GLU B 794 -66.86 9.44 -11.31
N ILE B 795 -65.88 8.54 -11.28
CA ILE B 795 -65.65 7.66 -12.41
C ILE B 795 -66.93 6.88 -12.72
N PRO B 796 -67.59 6.25 -11.76
CA PRO B 796 -68.89 5.63 -12.04
C PRO B 796 -69.90 6.60 -12.60
N GLY B 797 -69.94 7.83 -12.09
CA GLY B 797 -70.90 8.79 -12.63
C GLY B 797 -70.67 9.05 -14.11
N TRP B 798 -69.43 9.33 -14.49
CA TRP B 798 -69.11 9.56 -15.90
C TRP B 798 -69.42 8.32 -16.72
N MET B 799 -69.00 7.16 -16.23
CA MET B 799 -69.16 5.91 -16.96
C MET B 799 -70.63 5.54 -17.13
N SER B 800 -71.48 5.96 -16.20
CA SER B 800 -72.89 5.61 -16.25
C SER B 800 -73.73 6.69 -16.91
N SER B 801 -73.18 7.90 -17.07
CA SER B 801 -73.94 8.99 -17.66
C SER B 801 -73.60 9.24 -19.12
N VAL B 802 -72.32 9.27 -19.48
CA VAL B 802 -71.93 9.75 -20.81
C VAL B 802 -71.15 8.69 -21.58
N LEU B 803 -71.44 7.42 -21.34
CA LEU B 803 -70.61 6.37 -21.94
C LEU B 803 -70.67 6.37 -23.45
N PRO B 804 -71.81 6.12 -24.11
CA PRO B 804 -71.78 5.99 -25.58
C PRO B 804 -71.60 7.32 -26.29
N LEU B 805 -70.45 7.96 -26.09
CA LEU B 805 -70.18 9.25 -26.71
C LEU B 805 -69.84 9.05 -28.18
N LYS B 806 -70.81 8.55 -28.95
CA LYS B 806 -70.57 8.18 -30.34
C LYS B 806 -70.49 9.42 -31.23
#